data_1V3M
#
_entry.id   1V3M
#
_cell.length_a   64.090
_cell.length_b   73.600
_cell.length_c   78.300
_cell.angle_alpha   84.93
_cell.angle_beta   105.12
_cell.angle_gamma   101.00
#
_symmetry.space_group_name_H-M   'P 1'
#
loop_
_entity.id
_entity.type
_entity.pdbx_description
1 polymer 'Cyclomaltodextrin glucanotransferase'
2 branched 4,6-dideoxy-alpha-D-xylo-hexopyranose-(1-4)-beta-D-galactopyranose
3 branched alpha-D-glucopyranose-(1-4)-alpha-D-glucopyranose
4 non-polymer alpha-D-glucopyranose
5 non-polymer 6-AMINO-4-HYDROXYMETHYL-CYCLOHEX-4-ENE-1,2,3-TRIOL
6 non-polymer beta-D-galactopyranose
7 non-polymer 'CALCIUM ION'
8 water water
#
_entity_poly.entity_id   1
_entity_poly.type   'polypeptide(L)'
_entity_poly.pdbx_seq_one_letter_code
;APDTSVSNKQNFSTDVIYQIFTDRFSDGNPANNPTGAAFDGSCTNLRLYCGGDWQGIINKINDGYLTGMGITAIWISQPV
ENIYSVINYSGVNNTAYHGYWARDFKKTNPAYGTMQDFKNLIDTAHAHNIKVIIDFAPNHTSPASSDDPSFAENGRLYDN
GNLLGGYTNDTQNLFHHYGGTDFSTIENGIYKNLYDLADLNHNNSSVDVYLKDAIKMWLDLGVDGIRVDAVKHMPFGWQK
SFMATINNYKPVFTFGEWFLGVNEISPEYHQFANESGMSLLDYRFAQKARQVFRDNTDNMYGLKAMLEGSEVDYAQVNDQ
VTFIDNHDMERFHTSNGDRRKLEQALAFTLTSRGVPAIYYGSEQYMSGGNDPDNRARLPSFSTTTTAYQVIQKLAPLRKS
NPAIAYGSTHERWINNDVIIYERKFGNNVAVVAINRNMNTPASITGLVTSLPRGSYNDVLGGILNGNTLTVGAGGAASNF
TLAPGGTAVWQYTTDATTPIIGNVGPMMAKPGVTITIDGRGFGSGKGTVYFGTTAVTGADIVAWEDTQIQVKIPAVPGGI
YDIRVANAAGAASNIYDNFEVLTGDQVTVRFVINNATTALGQNVFLTGNVSELGNWDPNNAIGPMYNQVVYQYPTWYYDV
SVPAGQTIEFKFLKKQGSTVTWEGGANRTFTTPTSGTATVNVNWQP
;
_entity_poly.pdbx_strand_id   A,B
#
loop_
_chem_comp.id
_chem_comp.type
_chem_comp.name
_chem_comp.formula
ACI non-polymer 6-AMINO-4-HYDROXYMETHYL-CYCLOHEX-4-ENE-1,2,3-TRIOL 'C7 H13 N O4'
CA non-polymer 'CALCIUM ION' 'Ca 2'
GAL D-saccharide, beta linking beta-D-galactopyranose 'C6 H12 O6'
GLC D-saccharide, alpha linking alpha-D-glucopyranose 'C6 H12 O6'
GLD D-saccharide, alpha linking 4,6-dideoxy-alpha-D-xylo-hexopyranose 'C6 H12 O4'
#
# COMPACT_ATOMS: atom_id res chain seq x y z
N ALA A 1 12.75 -23.32 11.73
CA ALA A 1 11.41 -23.79 12.05
C ALA A 1 10.53 -22.93 11.16
N PRO A 2 9.33 -23.32 10.74
CA PRO A 2 8.44 -22.42 10.05
C PRO A 2 7.82 -21.39 10.98
N ASP A 3 7.28 -20.38 10.34
CA ASP A 3 6.58 -19.30 10.99
C ASP A 3 5.46 -19.84 11.85
N THR A 4 4.77 -20.91 11.46
CA THR A 4 3.66 -21.46 12.19
C THR A 4 4.08 -22.33 13.37
N SER A 5 5.38 -22.58 13.57
CA SER A 5 5.83 -23.46 14.62
C SER A 5 5.43 -22.96 16.01
N VAL A 6 5.23 -23.87 16.99
CA VAL A 6 4.94 -23.55 18.38
C VAL A 6 6.18 -22.88 18.95
N SER A 7 7.39 -23.11 18.41
CA SER A 7 8.55 -22.47 19.00
C SER A 7 8.76 -21.04 18.54
N ASN A 8 7.90 -20.50 17.68
CA ASN A 8 8.03 -19.10 17.28
C ASN A 8 7.36 -18.31 18.42
N LYS A 9 8.16 -17.92 19.40
CA LYS A 9 7.64 -17.15 20.52
C LYS A 9 7.59 -15.70 20.15
N GLN A 10 8.13 -15.26 19.02
CA GLN A 10 8.18 -13.85 18.74
C GLN A 10 6.94 -13.34 18.05
N ASN A 11 6.25 -14.10 17.23
CA ASN A 11 5.12 -13.58 16.48
C ASN A 11 3.99 -14.54 16.62
N PHE A 12 2.82 -13.97 16.85
CA PHE A 12 1.61 -14.75 17.08
C PHE A 12 0.53 -14.53 16.04
N SER A 13 0.68 -13.82 14.91
CA SER A 13 -0.41 -13.63 13.95
C SER A 13 -0.96 -14.95 13.38
N THR A 14 -0.22 -16.06 13.43
CA THR A 14 -0.74 -17.31 12.91
C THR A 14 -1.46 -18.04 14.03
N ASP A 15 -1.60 -17.46 15.23
CA ASP A 15 -2.20 -18.15 16.35
C ASP A 15 -3.59 -17.69 16.66
N VAL A 16 -4.34 -18.53 17.39
CA VAL A 16 -5.58 -18.03 17.96
C VAL A 16 -5.39 -18.27 19.45
N ILE A 17 -5.50 -17.19 20.21
CA ILE A 17 -5.32 -17.17 21.66
C ILE A 17 -6.66 -17.46 22.34
N TYR A 18 -6.67 -18.30 23.38
CA TYR A 18 -7.83 -18.55 24.19
C TYR A 18 -7.46 -17.99 25.56
N GLN A 19 -8.19 -16.95 25.94
CA GLN A 19 -7.92 -16.23 27.16
C GLN A 19 -8.66 -16.91 28.28
N ILE A 20 -7.90 -17.44 29.23
CA ILE A 20 -8.41 -18.20 30.34
C ILE A 20 -8.22 -17.48 31.69
N PHE A 21 -9.31 -17.26 32.43
CA PHE A 21 -9.19 -16.91 33.85
C PHE A 21 -8.98 -18.25 34.53
N THR A 22 -7.76 -18.60 34.90
CA THR A 22 -7.43 -19.92 35.43
C THR A 22 -8.43 -20.48 36.44
N ASP A 23 -8.89 -19.59 37.32
CA ASP A 23 -9.75 -20.02 38.40
C ASP A 23 -11.13 -20.46 37.97
N ARG A 24 -11.52 -19.94 36.80
CA ARG A 24 -12.87 -20.08 36.29
C ARG A 24 -12.98 -21.11 35.18
N PHE A 25 -11.91 -21.85 34.90
CA PHE A 25 -11.94 -22.76 33.80
C PHE A 25 -12.06 -24.19 34.29
N SER A 26 -11.09 -24.90 34.83
CA SER A 26 -11.35 -26.25 35.28
C SER A 26 -10.51 -26.48 36.50
N ASP A 27 -11.18 -26.95 37.54
CA ASP A 27 -10.52 -27.36 38.74
C ASP A 27 -10.06 -28.81 38.51
N GLY A 28 -8.82 -28.96 38.08
CA GLY A 28 -8.24 -30.26 37.85
C GLY A 28 -7.58 -30.87 39.08
N ASN A 29 -7.29 -30.05 40.08
CA ASN A 29 -6.69 -30.55 41.31
C ASN A 29 -7.45 -29.85 42.44
N PRO A 30 -8.42 -30.51 43.07
CA PRO A 30 -9.16 -29.98 44.21
C PRO A 30 -8.29 -29.86 45.46
N ALA A 31 -7.16 -30.56 45.61
CA ALA A 31 -6.34 -30.45 46.81
C ALA A 31 -5.64 -29.10 46.91
N ASN A 32 -5.46 -28.38 45.78
CA ASN A 32 -4.84 -27.08 45.87
C ASN A 32 -5.86 -25.97 46.04
N ASN A 33 -7.14 -26.27 46.29
CA ASN A 33 -8.14 -25.24 46.39
C ASN A 33 -7.97 -24.49 47.71
N PRO A 34 -8.08 -23.15 47.72
CA PRO A 34 -8.24 -22.36 48.92
C PRO A 34 -9.33 -22.95 49.81
N THR A 35 -9.27 -22.71 51.11
CA THR A 35 -10.30 -23.23 51.98
C THR A 35 -10.89 -22.04 52.72
N GLY A 36 -11.95 -22.27 53.47
CA GLY A 36 -12.49 -21.25 54.33
C GLY A 36 -13.19 -20.18 53.52
N ALA A 37 -13.06 -18.96 54.02
CA ALA A 37 -13.73 -17.82 53.42
C ALA A 37 -13.25 -17.42 52.03
N ALA A 38 -12.09 -17.95 51.62
CA ALA A 38 -11.51 -17.64 50.33
C ALA A 38 -12.08 -18.49 49.22
N PHE A 39 -12.84 -19.54 49.53
CA PHE A 39 -13.27 -20.49 48.53
C PHE A 39 -14.77 -20.62 48.44
N ASP A 40 -15.20 -20.72 47.21
CA ASP A 40 -16.57 -21.01 46.91
C ASP A 40 -16.63 -22.03 45.80
N GLY A 41 -16.77 -23.28 46.20
CA GLY A 41 -16.84 -24.36 45.24
C GLY A 41 -18.02 -24.22 44.29
N SER A 42 -19.12 -23.55 44.63
CA SER A 42 -20.21 -23.44 43.67
C SER A 42 -19.92 -22.34 42.65
N CYS A 43 -18.93 -21.50 42.96
CA CYS A 43 -18.58 -20.36 42.15
C CYS A 43 -19.82 -19.52 41.88
N THR A 44 -20.67 -19.29 42.90
CA THR A 44 -21.72 -18.31 42.72
C THR A 44 -21.31 -16.96 43.30
N ASN A 45 -20.29 -16.93 44.16
CA ASN A 45 -19.76 -15.69 44.66
C ASN A 45 -18.52 -15.59 43.78
N LEU A 46 -18.68 -14.75 42.75
CA LEU A 46 -17.66 -14.59 41.73
C LEU A 46 -16.43 -13.81 42.13
N ARG A 47 -16.30 -13.45 43.42
CA ARG A 47 -15.11 -12.77 43.90
C ARG A 47 -14.28 -13.71 44.75
N LEU A 48 -14.72 -14.95 44.89
CA LEU A 48 -13.99 -15.91 45.68
C LEU A 48 -13.33 -16.88 44.72
N TYR A 49 -12.44 -17.71 45.23
CA TYR A 49 -11.84 -18.74 44.40
C TYR A 49 -12.85 -19.84 44.15
N CYS A 50 -13.04 -20.22 42.90
CA CYS A 50 -13.84 -21.37 42.52
C CYS A 50 -13.01 -22.64 42.37
N GLY A 51 -11.68 -22.58 42.30
CA GLY A 51 -10.85 -23.77 42.31
C GLY A 51 -10.11 -24.15 41.05
N GLY A 52 -10.36 -23.47 39.95
CA GLY A 52 -9.72 -23.77 38.68
C GLY A 52 -8.21 -23.57 38.74
N ASP A 53 -7.49 -24.39 38.00
CA ASP A 53 -6.05 -24.43 38.16
C ASP A 53 -5.34 -24.87 36.91
N TRP A 54 -4.00 -24.97 36.97
CA TRP A 54 -3.22 -25.37 35.81
C TRP A 54 -3.43 -26.84 35.50
N GLN A 55 -3.67 -27.74 36.44
CA GLN A 55 -4.01 -29.11 36.08
C GLN A 55 -5.29 -29.16 35.23
N GLY A 56 -6.24 -28.24 35.43
CA GLY A 56 -7.49 -28.24 34.72
C GLY A 56 -7.32 -27.85 33.26
N ILE A 57 -6.41 -26.92 32.99
CA ILE A 57 -6.08 -26.49 31.63
C ILE A 57 -5.33 -27.66 30.97
N ILE A 58 -4.39 -28.32 31.65
CA ILE A 58 -3.70 -29.46 31.11
C ILE A 58 -4.72 -30.53 30.69
N ASN A 59 -5.75 -30.77 31.48
CA ASN A 59 -6.76 -31.76 31.16
C ASN A 59 -7.56 -31.40 29.95
N LYS A 60 -7.83 -30.11 29.81
CA LYS A 60 -8.58 -29.65 28.66
C LYS A 60 -7.75 -29.54 27.39
N ILE A 61 -6.42 -29.55 27.49
CA ILE A 61 -5.56 -29.63 26.32
C ILE A 61 -5.52 -31.11 25.97
N ASN A 62 -5.25 -31.97 26.95
CA ASN A 62 -5.17 -33.40 26.78
C ASN A 62 -6.40 -34.04 26.21
N ASP A 63 -7.57 -33.68 26.67
CA ASP A 63 -8.75 -34.34 26.17
C ASP A 63 -9.32 -33.77 24.89
N GLY A 64 -8.59 -32.85 24.28
CA GLY A 64 -8.95 -32.30 23.00
C GLY A 64 -9.98 -31.18 23.03
N TYR A 65 -10.40 -30.59 24.15
CA TYR A 65 -11.36 -29.51 24.14
C TYR A 65 -10.75 -28.27 23.49
N LEU A 66 -9.53 -27.93 23.90
CA LEU A 66 -8.87 -26.75 23.38
C LEU A 66 -8.28 -26.96 22.01
N THR A 67 -7.62 -28.10 21.80
CA THR A 67 -7.04 -28.40 20.51
C THR A 67 -8.14 -28.69 19.48
N GLY A 68 -9.31 -29.20 19.88
CA GLY A 68 -10.39 -29.49 18.95
C GLY A 68 -10.93 -28.25 18.28
N MET A 69 -10.79 -27.18 19.04
CA MET A 69 -11.23 -25.88 18.64
C MET A 69 -10.18 -25.18 17.77
N GLY A 70 -8.96 -25.68 17.62
CA GLY A 70 -7.93 -25.05 16.80
C GLY A 70 -7.21 -23.92 17.54
N ILE A 71 -7.32 -23.87 18.87
CA ILE A 71 -6.69 -22.86 19.70
C ILE A 71 -5.21 -23.13 19.62
N THR A 72 -4.32 -22.19 19.39
CA THR A 72 -2.90 -22.51 19.37
C THR A 72 -2.16 -21.68 20.41
N ALA A 73 -2.83 -20.92 21.28
CA ALA A 73 -2.14 -20.19 22.33
C ALA A 73 -3.14 -20.03 23.42
N ILE A 74 -2.73 -20.13 24.67
CA ILE A 74 -3.65 -19.87 25.77
C ILE A 74 -3.08 -18.66 26.52
N TRP A 75 -3.89 -17.82 27.14
CA TRP A 75 -3.38 -16.66 27.83
C TRP A 75 -4.00 -16.88 29.19
N ILE A 76 -3.19 -17.09 30.20
CA ILE A 76 -3.70 -17.43 31.54
C ILE A 76 -3.43 -16.30 32.54
N SER A 77 -4.14 -16.37 33.67
CA SER A 77 -4.01 -15.45 34.79
C SER A 77 -2.56 -15.38 35.24
N GLN A 78 -2.14 -14.26 35.84
CA GLN A 78 -0.78 -14.04 36.30
C GLN A 78 -0.42 -15.18 37.24
N PRO A 79 0.69 -15.88 37.00
CA PRO A 79 1.02 -17.12 37.69
C PRO A 79 1.63 -16.98 39.08
N VAL A 80 2.02 -15.75 39.43
CA VAL A 80 2.81 -15.47 40.63
C VAL A 80 2.00 -15.56 41.90
N GLU A 81 2.68 -15.80 43.00
CA GLU A 81 2.01 -15.86 44.28
C GLU A 81 1.31 -14.55 44.61
N ASN A 82 0.05 -14.69 44.96
CA ASN A 82 -0.78 -13.55 45.34
C ASN A 82 -1.01 -13.54 46.83
N ILE A 83 -1.58 -12.45 47.34
CA ILE A 83 -1.91 -12.38 48.74
C ILE A 83 -3.00 -13.39 49.03
N TYR A 84 -2.95 -13.88 50.26
CA TYR A 84 -3.87 -14.88 50.76
C TYR A 84 -5.10 -14.33 51.45
N SER A 85 -5.10 -13.03 51.78
CA SER A 85 -6.20 -12.33 52.40
C SER A 85 -7.55 -12.39 51.68
N VAL A 86 -8.61 -12.47 52.48
CA VAL A 86 -9.96 -12.32 51.97
C VAL A 86 -10.24 -10.91 52.43
N ILE A 87 -10.51 -10.01 51.51
CA ILE A 87 -10.70 -8.63 51.84
C ILE A 87 -12.19 -8.38 51.77
N ASN A 88 -12.71 -7.71 52.77
CA ASN A 88 -14.10 -7.37 52.76
C ASN A 88 -14.26 -5.97 52.18
N TYR A 89 -14.84 -5.76 51.01
CA TYR A 89 -15.10 -4.42 50.55
C TYR A 89 -16.59 -4.25 50.73
N SER A 90 -16.89 -3.38 51.70
CA SER A 90 -18.24 -3.00 52.16
C SER A 90 -19.27 -4.09 51.98
N GLY A 91 -18.93 -5.12 52.71
CA GLY A 91 -19.77 -6.28 52.69
C GLY A 91 -19.16 -7.36 51.83
N VAL A 92 -18.82 -7.21 50.56
CA VAL A 92 -18.41 -8.41 49.85
C VAL A 92 -16.95 -8.81 50.09
N ASN A 93 -16.78 -10.11 50.30
CA ASN A 93 -15.47 -10.69 50.48
C ASN A 93 -14.84 -10.86 49.12
N ASN A 94 -13.55 -10.62 49.06
CA ASN A 94 -12.81 -10.57 47.81
C ASN A 94 -11.52 -11.30 47.93
N THR A 95 -11.13 -12.10 46.96
CA THR A 95 -9.88 -12.79 47.06
C THR A 95 -9.10 -12.47 45.78
N ALA A 96 -7.85 -12.94 45.73
CA ALA A 96 -6.94 -12.78 44.63
C ALA A 96 -7.16 -13.84 43.52
N TYR A 97 -8.39 -14.30 43.24
CA TYR A 97 -8.65 -15.39 42.28
C TYR A 97 -8.15 -15.08 40.89
N HIS A 98 -8.16 -13.76 40.60
CA HIS A 98 -7.77 -13.18 39.32
C HIS A 98 -6.26 -13.11 39.11
N GLY A 99 -5.43 -13.30 40.15
CA GLY A 99 -3.98 -13.30 39.99
C GLY A 99 -3.36 -11.93 39.97
N TYR A 100 -4.14 -10.86 40.02
CA TYR A 100 -3.61 -9.51 39.94
C TYR A 100 -3.03 -8.89 41.19
N TRP A 101 -3.05 -9.54 42.35
CA TRP A 101 -2.59 -8.93 43.58
C TRP A 101 -1.36 -9.66 44.03
N ALA A 102 -0.25 -9.46 43.35
CA ALA A 102 0.96 -10.17 43.65
C ALA A 102 1.63 -9.91 44.99
N ARG A 103 2.28 -10.91 45.55
CA ARG A 103 3.12 -10.68 46.70
C ARG A 103 4.49 -11.26 46.43
N ASP A 104 4.62 -12.24 45.53
CA ASP A 104 5.92 -12.73 45.17
C ASP A 104 5.93 -13.12 43.71
N PHE A 105 6.61 -12.33 42.87
CA PHE A 105 6.70 -12.59 41.44
C PHE A 105 7.67 -13.71 41.10
N LYS A 106 8.35 -14.31 42.07
CA LYS A 106 9.25 -15.39 41.80
C LYS A 106 8.59 -16.69 42.21
N LYS A 107 7.37 -16.73 42.75
CA LYS A 107 6.78 -17.98 43.19
C LYS A 107 5.46 -18.15 42.53
N THR A 108 4.84 -19.33 42.53
CA THR A 108 3.54 -19.49 41.91
C THR A 108 2.46 -19.22 42.94
N ASN A 109 1.28 -19.00 42.42
CA ASN A 109 0.07 -18.91 43.20
C ASN A 109 -0.28 -20.39 43.40
N PRO A 110 -0.22 -20.94 44.62
CA PRO A 110 -0.49 -22.36 44.88
C PRO A 110 -1.92 -22.82 44.56
N ALA A 111 -2.89 -21.92 44.44
CA ALA A 111 -4.23 -22.28 44.04
C ALA A 111 -4.25 -22.76 42.59
N TYR A 112 -3.34 -22.15 41.83
CA TYR A 112 -3.17 -22.50 40.44
C TYR A 112 -2.32 -23.73 40.31
N GLY A 113 -1.23 -23.76 41.04
CA GLY A 113 -0.37 -24.94 41.05
C GLY A 113 1.02 -24.66 41.57
N THR A 114 1.86 -25.67 41.53
CA THR A 114 3.23 -25.57 41.99
C THR A 114 4.06 -25.14 40.81
N MET A 115 5.34 -24.89 41.02
CA MET A 115 6.21 -24.60 39.92
C MET A 115 6.28 -25.81 38.98
N GLN A 116 6.16 -27.03 39.51
CA GLN A 116 6.14 -28.21 38.67
C GLN A 116 4.85 -28.28 37.87
N ASP A 117 3.72 -27.86 38.43
CA ASP A 117 2.51 -27.80 37.65
C ASP A 117 2.65 -26.81 36.51
N PHE A 118 3.36 -25.70 36.74
CA PHE A 118 3.56 -24.71 35.70
C PHE A 118 4.40 -25.31 34.56
N LYS A 119 5.51 -25.98 34.87
CA LYS A 119 6.33 -26.59 33.85
C LYS A 119 5.55 -27.67 33.13
N ASN A 120 4.77 -28.49 33.82
CA ASN A 120 3.93 -29.47 33.14
C ASN A 120 2.95 -28.74 32.25
N LEU A 121 2.40 -27.56 32.57
CA LEU A 121 1.49 -26.85 31.69
C LEU A 121 2.23 -26.40 30.45
N ILE A 122 3.45 -25.90 30.63
CA ILE A 122 4.23 -25.40 29.51
C ILE A 122 4.50 -26.59 28.58
N ASP A 123 4.98 -27.68 29.13
CA ASP A 123 5.33 -28.83 28.31
C ASP A 123 4.12 -29.46 27.63
N THR A 124 2.97 -29.55 28.31
CA THR A 124 1.77 -30.12 27.71
C THR A 124 1.25 -29.22 26.60
N ALA A 125 1.26 -27.90 26.80
CA ALA A 125 0.83 -26.98 25.78
C ALA A 125 1.76 -27.10 24.58
N HIS A 126 3.07 -27.07 24.76
CA HIS A 126 4.00 -27.14 23.65
C HIS A 126 3.91 -28.45 22.89
N ALA A 127 3.76 -29.58 23.61
CA ALA A 127 3.59 -30.89 23.00
C ALA A 127 2.34 -30.94 22.13
N HIS A 128 1.36 -30.06 22.38
CA HIS A 128 0.15 -29.93 21.56
C HIS A 128 0.14 -28.67 20.71
N ASN A 129 1.33 -28.08 20.50
CA ASN A 129 1.54 -26.88 19.68
C ASN A 129 0.73 -25.68 20.10
N ILE A 130 0.60 -25.55 21.42
CA ILE A 130 -0.07 -24.43 22.05
C ILE A 130 1.02 -23.64 22.79
N LYS A 131 1.08 -22.35 22.45
CA LYS A 131 1.93 -21.35 23.08
C LYS A 131 1.25 -20.86 24.37
N VAL A 132 1.99 -20.45 25.38
CA VAL A 132 1.42 -20.07 26.67
C VAL A 132 1.75 -18.62 26.94
N ILE A 133 0.76 -17.78 27.13
CA ILE A 133 0.98 -16.38 27.41
C ILE A 133 0.57 -16.22 28.87
N ILE A 134 1.37 -15.57 29.71
CA ILE A 134 0.95 -15.28 31.07
C ILE A 134 0.69 -13.77 31.22
N ASP A 135 -0.28 -13.37 32.05
CA ASP A 135 -0.38 -11.99 32.51
C ASP A 135 0.85 -11.67 33.37
N PHE A 136 1.25 -10.42 33.44
CA PHE A 136 2.34 -10.04 34.31
C PHE A 136 1.91 -8.64 34.67
N ALA A 137 1.82 -8.33 35.96
CA ALA A 137 1.28 -7.04 36.38
C ALA A 137 2.29 -6.35 37.26
N PRO A 138 3.34 -5.73 36.70
CA PRO A 138 4.39 -5.13 37.46
C PRO A 138 4.05 -3.74 38.01
N ASN A 139 2.82 -3.28 37.89
CA ASN A 139 2.48 -1.95 38.35
C ASN A 139 2.32 -1.90 39.85
N HIS A 140 1.98 -3.01 40.50
CA HIS A 140 1.54 -2.95 41.88
C HIS A 140 1.67 -4.32 42.51
N THR A 141 1.56 -4.38 43.84
CA THR A 141 1.46 -5.67 44.48
C THR A 141 0.00 -5.91 44.80
N SER A 142 -0.53 -5.46 45.95
CA SER A 142 -1.84 -5.84 46.41
C SER A 142 -2.53 -4.73 47.21
N PRO A 143 -3.83 -4.78 47.56
CA PRO A 143 -4.53 -3.80 48.37
C PRO A 143 -3.75 -3.50 49.63
N ALA A 144 -3.50 -2.24 49.92
CA ALA A 144 -2.72 -1.87 51.06
C ALA A 144 -3.17 -0.54 51.60
N SER A 145 -2.98 -0.32 52.90
CA SER A 145 -3.26 0.98 53.51
C SER A 145 -2.02 1.20 54.31
N SER A 146 -1.27 2.27 54.07
CA SER A 146 -0.15 2.50 54.97
C SER A 146 -0.68 2.90 56.35
N ASP A 147 -1.91 3.45 56.44
CA ASP A 147 -2.48 3.88 57.70
C ASP A 147 -2.90 2.74 58.58
N ASP A 148 -3.32 1.66 57.95
CA ASP A 148 -3.69 0.50 58.68
C ASP A 148 -2.85 -0.66 58.19
N PRO A 149 -1.74 -0.98 58.85
CA PRO A 149 -0.83 -2.02 58.43
C PRO A 149 -1.50 -3.38 58.51
N SER A 150 -2.66 -3.52 59.17
CA SER A 150 -3.24 -4.85 59.28
C SER A 150 -4.23 -5.16 58.18
N PHE A 151 -4.51 -4.17 57.32
CA PHE A 151 -5.39 -4.43 56.22
C PHE A 151 -4.67 -5.30 55.17
N ALA A 152 -5.34 -6.38 54.70
CA ALA A 152 -4.84 -7.29 53.68
C ALA A 152 -3.41 -7.68 54.01
N GLU A 153 -2.42 -7.70 53.13
CA GLU A 153 -1.07 -8.03 53.55
C GLU A 153 -0.20 -6.80 53.48
N ASN A 154 -0.81 -5.64 53.65
CA ASN A 154 -0.13 -4.35 53.61
C ASN A 154 0.71 -4.19 52.35
N GLY A 155 0.23 -4.73 51.23
CA GLY A 155 0.95 -4.65 49.96
C GLY A 155 2.32 -5.31 49.99
N ARG A 156 2.68 -6.19 50.93
CA ARG A 156 4.03 -6.70 51.02
C ARG A 156 4.54 -7.45 49.80
N LEU A 157 5.79 -7.17 49.49
CA LEU A 157 6.49 -7.75 48.36
C LEU A 157 7.57 -8.65 48.90
N TYR A 158 7.65 -9.86 48.41
CA TYR A 158 8.64 -10.82 48.83
C TYR A 158 9.42 -11.13 47.58
N ASP A 159 10.66 -11.54 47.73
CA ASP A 159 11.57 -11.94 46.68
C ASP A 159 11.88 -13.39 47.00
N ASN A 160 11.16 -14.29 46.33
CA ASN A 160 11.30 -15.71 46.54
C ASN A 160 11.26 -16.14 48.03
N GLY A 161 10.29 -15.54 48.71
CA GLY A 161 10.08 -15.87 50.10
C GLY A 161 10.70 -14.84 51.00
N ASN A 162 11.65 -14.08 50.51
CA ASN A 162 12.28 -13.10 51.36
C ASN A 162 11.56 -11.77 51.34
N LEU A 163 11.09 -11.25 52.47
CA LEU A 163 10.33 -10.01 52.49
C LEU A 163 11.19 -8.85 52.09
N LEU A 164 10.77 -8.12 51.05
CA LEU A 164 11.44 -6.91 50.67
C LEU A 164 10.83 -5.76 51.47
N GLY A 165 9.52 -5.64 51.64
CA GLY A 165 8.95 -4.55 52.42
C GLY A 165 7.47 -4.47 52.15
N GLY A 166 6.80 -3.63 52.93
CA GLY A 166 5.38 -3.45 52.89
C GLY A 166 5.07 -1.98 52.69
N TYR A 167 3.79 -1.66 52.62
CA TYR A 167 3.37 -0.31 52.33
C TYR A 167 3.47 0.64 53.52
N THR A 168 3.22 0.12 54.73
CA THR A 168 3.40 0.92 55.92
C THR A 168 4.89 0.86 56.22
N ASN A 169 5.48 1.98 56.60
CA ASN A 169 6.90 2.01 56.96
C ASN A 169 7.84 1.53 55.87
N ASP A 170 7.52 2.09 54.71
CA ASP A 170 8.31 1.85 53.53
C ASP A 170 9.48 2.83 53.49
N THR A 171 10.49 2.58 54.32
CA THR A 171 11.67 3.45 54.41
C THR A 171 12.56 3.36 53.16
N GLN A 172 12.52 2.22 52.47
CA GLN A 172 13.23 2.00 51.21
C GLN A 172 12.53 2.61 50.00
N ASN A 173 11.29 3.10 50.12
CA ASN A 173 10.52 3.64 49.01
C ASN A 173 10.42 2.70 47.81
N LEU A 174 10.00 1.50 48.16
CA LEU A 174 9.69 0.48 47.19
C LEU A 174 8.38 0.82 46.52
N PHE A 175 7.54 1.66 47.14
CA PHE A 175 6.21 1.98 46.66
C PHE A 175 6.05 3.48 46.54
N HIS A 176 5.05 3.89 45.78
CA HIS A 176 4.61 5.25 45.65
C HIS A 176 3.66 5.57 46.79
N HIS A 177 3.80 6.76 47.37
CA HIS A 177 2.96 7.20 48.46
C HIS A 177 2.45 8.58 48.12
N TYR A 178 1.67 8.66 47.04
CA TYR A 178 1.14 9.93 46.63
C TYR A 178 -0.37 9.94 46.67
N GLY A 179 -1.00 8.95 47.28
CA GLY A 179 -2.44 8.89 47.26
C GLY A 179 -2.88 8.06 46.06
N GLY A 180 -4.19 8.06 45.81
CA GLY A 180 -4.79 7.28 44.74
C GLY A 180 -5.09 8.16 43.55
N THR A 181 -5.06 7.60 42.35
CA THR A 181 -5.33 8.37 41.16
C THR A 181 -6.82 8.64 41.07
N ASP A 182 -7.09 9.77 40.44
CA ASP A 182 -8.42 10.17 40.04
C ASP A 182 -8.49 10.05 38.51
N PHE A 183 -7.47 9.48 37.87
CA PHE A 183 -7.38 9.28 36.42
C PHE A 183 -7.45 10.55 35.57
N SER A 184 -7.31 11.73 36.17
CA SER A 184 -7.38 12.99 35.46
C SER A 184 -6.32 13.19 34.39
N THR A 185 -5.09 12.72 34.64
CA THR A 185 -4.02 12.81 33.67
C THR A 185 -3.31 11.47 33.63
N ILE A 186 -2.53 11.27 32.57
CA ILE A 186 -1.73 10.08 32.44
C ILE A 186 -0.70 10.06 33.56
N GLU A 187 -0.04 11.20 33.83
CA GLU A 187 0.89 11.33 34.94
C GLU A 187 0.26 10.96 36.27
N ASN A 188 -0.91 11.53 36.53
CA ASN A 188 -1.64 11.23 37.74
C ASN A 188 -1.90 9.72 37.89
N GLY A 189 -2.34 9.07 36.80
CA GLY A 189 -2.62 7.65 36.74
C GLY A 189 -1.39 6.77 36.85
N ILE A 190 -0.20 7.28 36.56
CA ILE A 190 1.06 6.54 36.64
C ILE A 190 1.68 6.52 38.06
N TYR A 191 1.73 7.68 38.72
CA TYR A 191 2.43 7.76 39.99
C TYR A 191 1.59 7.65 41.22
N LYS A 192 0.28 7.78 41.08
CA LYS A 192 -0.62 7.56 42.19
C LYS A 192 -1.12 6.12 42.11
N ASN A 193 -1.68 5.58 43.19
CA ASN A 193 -2.12 4.18 43.25
C ASN A 193 -3.38 3.95 42.44
N LEU A 194 -3.53 2.80 41.78
CA LEU A 194 -4.80 2.45 41.16
C LEU A 194 -5.65 1.96 42.30
N TYR A 195 -6.70 2.68 42.70
CA TYR A 195 -7.61 2.29 43.77
C TYR A 195 -6.77 2.20 45.04
N ASP A 196 -6.60 1.00 45.61
CA ASP A 196 -5.87 0.81 46.84
C ASP A 196 -4.67 -0.09 46.63
N LEU A 197 -4.32 -0.36 45.37
CA LEU A 197 -3.23 -1.27 45.10
C LEU A 197 -1.92 -0.53 45.37
N ALA A 198 -1.05 -1.15 46.18
CA ALA A 198 0.23 -0.54 46.51
C ALA A 198 1.05 -0.43 45.24
N ASP A 199 1.21 0.82 44.79
CA ASP A 199 1.92 1.13 43.57
C ASP A 199 3.41 0.92 43.66
N LEU A 200 4.00 0.05 42.84
CA LEU A 200 5.41 -0.16 42.88
C LEU A 200 6.11 1.05 42.33
N ASN A 201 7.25 1.31 42.92
CA ASN A 201 8.13 2.36 42.51
C ASN A 201 9.26 1.84 41.65
N HIS A 202 9.12 1.96 40.33
CA HIS A 202 10.10 1.42 39.40
C HIS A 202 11.40 2.24 39.32
N ASN A 203 11.42 3.45 39.92
CA ASN A 203 12.61 4.27 39.99
C ASN A 203 13.43 3.75 41.17
N ASN A 204 12.93 2.87 42.02
CA ASN A 204 13.74 2.31 43.08
C ASN A 204 14.54 1.20 42.42
N SER A 205 15.87 1.16 42.46
CA SER A 205 16.67 0.12 41.84
C SER A 205 16.39 -1.32 42.22
N SER A 206 15.99 -1.55 43.46
CA SER A 206 15.67 -2.89 43.92
C SER A 206 14.41 -3.32 43.21
N VAL A 207 13.41 -2.43 43.07
CA VAL A 207 12.16 -2.83 42.45
C VAL A 207 12.44 -3.08 40.99
N ASP A 208 13.18 -2.15 40.34
CA ASP A 208 13.54 -2.27 38.94
C ASP A 208 14.21 -3.60 38.59
N VAL A 209 15.28 -3.91 39.30
CA VAL A 209 16.03 -5.12 39.06
C VAL A 209 15.23 -6.36 39.42
N TYR A 210 14.43 -6.33 40.50
CA TYR A 210 13.62 -7.46 40.92
C TYR A 210 12.60 -7.87 39.87
N LEU A 211 11.84 -6.93 39.32
CA LEU A 211 10.83 -7.24 38.33
C LEU A 211 11.45 -7.70 37.03
N LYS A 212 12.63 -7.17 36.66
CA LYS A 212 13.34 -7.63 35.49
C LYS A 212 13.92 -9.02 35.74
N ASP A 213 14.45 -9.32 36.92
CA ASP A 213 14.87 -10.68 37.25
C ASP A 213 13.68 -11.63 37.29
N ALA A 214 12.52 -11.21 37.78
CA ALA A 214 11.33 -12.04 37.84
C ALA A 214 10.85 -12.38 36.44
N ILE A 215 10.77 -11.43 35.49
CA ILE A 215 10.30 -11.78 34.15
C ILE A 215 11.28 -12.70 33.46
N LYS A 216 12.58 -12.55 33.66
CA LYS A 216 13.52 -13.48 33.10
C LYS A 216 13.30 -14.88 33.63
N MET A 217 12.94 -15.04 34.91
CA MET A 217 12.70 -16.35 35.46
C MET A 217 11.52 -17.01 34.74
N TRP A 218 10.43 -16.29 34.48
CA TRP A 218 9.30 -16.87 33.78
C TRP A 218 9.64 -17.15 32.34
N LEU A 219 10.51 -16.37 31.71
CA LEU A 219 10.96 -16.64 30.37
C LEU A 219 11.82 -17.88 30.38
N ASP A 220 12.61 -18.10 31.44
CA ASP A 220 13.36 -19.32 31.59
C ASP A 220 12.48 -20.54 31.79
N LEU A 221 11.28 -20.37 32.32
CA LEU A 221 10.37 -21.50 32.46
C LEU A 221 9.67 -21.83 31.15
N GLY A 222 9.92 -21.08 30.06
CA GLY A 222 9.43 -21.41 28.72
C GLY A 222 8.15 -20.73 28.30
N VAL A 223 7.73 -19.64 28.96
CA VAL A 223 6.52 -18.98 28.51
C VAL A 223 6.81 -18.39 27.13
N ASP A 224 5.75 -18.22 26.34
CA ASP A 224 5.93 -17.78 24.97
C ASP A 224 5.43 -16.38 24.71
N GLY A 225 4.76 -15.78 25.68
CA GLY A 225 4.23 -14.47 25.48
C GLY A 225 3.90 -13.89 26.84
N ILE A 226 3.70 -12.57 26.93
CA ILE A 226 3.45 -11.86 28.17
C ILE A 226 2.39 -10.85 27.87
N ARG A 227 1.34 -10.80 28.69
CA ARG A 227 0.36 -9.76 28.57
C ARG A 227 0.64 -8.89 29.79
N VAL A 228 1.02 -7.64 29.52
CA VAL A 228 1.31 -6.69 30.57
C VAL A 228 0.05 -5.89 30.88
N ASP A 229 -0.22 -5.98 32.17
CA ASP A 229 -1.32 -5.30 32.81
C ASP A 229 -0.98 -3.83 33.02
N ALA A 230 -1.98 -2.96 32.84
CA ALA A 230 -1.93 -1.54 33.20
C ALA A 230 -0.76 -0.73 32.66
N VAL A 231 -0.52 -0.87 31.35
CA VAL A 231 0.58 -0.14 30.70
C VAL A 231 0.40 1.39 30.70
N LYS A 232 -0.84 1.84 30.84
CA LYS A 232 -1.19 3.26 30.95
C LYS A 232 -0.76 3.83 32.32
N HIS A 233 -0.47 2.93 33.25
CA HIS A 233 -0.21 3.28 34.64
C HIS A 233 1.19 3.09 35.12
N MET A 234 2.12 2.87 34.21
CA MET A 234 3.52 2.73 34.52
C MET A 234 4.22 3.68 33.59
N PRO A 235 5.38 4.22 33.99
CA PRO A 235 6.14 5.15 33.18
C PRO A 235 6.48 4.48 31.85
N PHE A 236 6.26 5.14 30.70
CA PHE A 236 6.63 4.61 29.39
C PHE A 236 8.12 4.31 29.35
N GLY A 237 8.96 5.16 29.92
CA GLY A 237 10.39 4.95 29.88
C GLY A 237 10.77 3.68 30.59
N TRP A 238 10.15 3.39 31.74
CA TRP A 238 10.50 2.16 32.45
C TRP A 238 10.02 0.96 31.65
N GLN A 239 8.81 1.00 31.10
CA GLN A 239 8.31 -0.14 30.34
C GLN A 239 9.15 -0.33 29.09
N LYS A 240 9.71 0.69 28.43
CA LYS A 240 10.62 0.46 27.32
C LYS A 240 11.91 -0.21 27.79
N SER A 241 12.46 0.04 28.99
CA SER A 241 13.67 -0.67 29.42
C SER A 241 13.27 -2.07 29.83
N PHE A 242 12.07 -2.25 30.39
CA PHE A 242 11.53 -3.55 30.70
C PHE A 242 11.45 -4.37 29.40
N MET A 243 10.88 -3.83 28.32
CA MET A 243 10.81 -4.51 27.03
C MET A 243 12.19 -4.79 26.48
N ALA A 244 13.16 -3.88 26.61
CA ALA A 244 14.52 -4.16 26.18
C ALA A 244 15.14 -5.28 26.97
N THR A 245 14.76 -5.47 28.25
CA THR A 245 15.28 -6.57 29.06
C THR A 245 14.77 -7.85 28.48
N ILE A 246 13.50 -7.95 28.17
CA ILE A 246 12.91 -9.15 27.59
C ILE A 246 13.52 -9.40 26.22
N ASN A 247 13.53 -8.39 25.35
CA ASN A 247 13.97 -8.56 23.99
C ASN A 247 15.44 -8.83 23.87
N ASN A 248 16.24 -8.29 24.76
CA ASN A 248 17.65 -8.51 24.64
C ASN A 248 18.02 -9.79 25.34
N TYR A 249 17.08 -10.43 26.04
CA TYR A 249 17.35 -11.67 26.73
C TYR A 249 16.72 -12.85 25.99
N LYS A 250 15.41 -13.00 26.04
CA LYS A 250 14.72 -14.05 25.34
C LYS A 250 13.47 -13.39 24.77
N PRO A 251 13.45 -12.86 23.53
CA PRO A 251 12.32 -12.09 23.04
C PRO A 251 11.05 -12.91 22.90
N VAL A 252 9.93 -12.55 23.51
CA VAL A 252 8.72 -13.31 23.33
C VAL A 252 7.70 -12.25 23.00
N PHE A 253 6.60 -12.62 22.35
CA PHE A 253 5.52 -11.71 22.02
C PHE A 253 4.98 -11.03 23.27
N THR A 254 5.02 -9.70 23.37
CA THR A 254 4.51 -9.06 24.57
C THR A 254 3.49 -8.05 24.16
N PHE A 255 2.32 -8.02 24.79
CA PHE A 255 1.37 -6.97 24.52
C PHE A 255 0.82 -6.45 25.82
N GLY A 256 0.38 -5.20 25.86
CA GLY A 256 -0.16 -4.61 27.05
C GLY A 256 -1.63 -4.25 26.92
N GLU A 257 -2.23 -3.91 28.05
CA GLU A 257 -3.60 -3.46 28.03
C GLU A 257 -3.67 -1.97 28.32
N TRP A 258 -4.22 -1.17 27.41
CA TRP A 258 -4.41 0.25 27.54
C TRP A 258 -5.86 0.29 27.11
N PHE A 259 -6.79 0.49 28.05
CA PHE A 259 -8.22 0.47 27.75
C PHE A 259 -8.62 1.65 26.89
N LEU A 260 -9.46 1.45 25.87
CA LEU A 260 -10.01 2.56 25.10
C LEU A 260 -11.50 2.32 25.15
N GLY A 261 -12.26 3.39 25.37
CA GLY A 261 -13.71 3.27 25.35
C GLY A 261 -14.16 3.42 23.92
N VAL A 262 -15.46 3.35 23.78
CA VAL A 262 -16.16 3.49 22.51
C VAL A 262 -15.81 4.81 21.88
N ASN A 263 -15.41 4.76 20.61
CA ASN A 263 -15.06 5.93 19.81
C ASN A 263 -13.90 6.73 20.35
N GLU A 264 -13.19 6.21 21.34
CA GLU A 264 -12.02 6.90 21.86
C GLU A 264 -10.86 6.48 21.00
N ILE A 265 -10.18 7.47 20.47
CA ILE A 265 -8.94 7.22 19.80
C ILE A 265 -8.03 8.22 20.49
N SER A 266 -6.92 7.61 20.81
CA SER A 266 -5.91 8.25 21.60
C SER A 266 -4.61 8.11 20.83
N PRO A 267 -3.91 9.24 20.63
CA PRO A 267 -2.56 9.31 20.07
C PRO A 267 -1.57 8.65 20.99
N GLU A 268 -1.66 8.83 22.30
CA GLU A 268 -0.77 8.17 23.26
C GLU A 268 -0.86 6.68 23.18
N TYR A 269 -2.06 6.15 23.01
CA TYR A 269 -2.27 4.71 22.87
C TYR A 269 -1.51 4.20 21.66
N HIS A 270 -1.70 4.90 20.53
CA HIS A 270 -1.01 4.54 19.31
C HIS A 270 0.48 4.72 19.45
N GLN A 271 0.99 5.79 20.09
CA GLN A 271 2.42 6.00 20.36
C GLN A 271 2.99 4.84 21.16
N PHE A 272 2.25 4.39 22.17
CA PHE A 272 2.67 3.28 22.99
C PHE A 272 2.81 2.03 22.12
N ALA A 273 1.81 1.64 21.29
CA ALA A 273 1.94 0.43 20.46
C ALA A 273 3.09 0.50 19.47
N ASN A 274 3.33 1.71 18.98
CA ASN A 274 4.33 1.93 17.97
C ASN A 274 5.71 2.09 18.52
N GLU A 275 5.86 2.53 19.77
CA GLU A 275 7.19 2.82 20.26
C GLU A 275 7.60 2.12 21.52
N SER A 276 6.73 1.38 22.21
CA SER A 276 7.17 0.85 23.48
C SER A 276 8.01 -0.37 23.37
N GLY A 277 7.78 -1.13 22.29
CA GLY A 277 8.45 -2.39 22.12
C GLY A 277 7.45 -3.51 22.40
N MET A 278 6.23 -3.24 22.84
CA MET A 278 5.22 -4.28 23.00
C MET A 278 4.03 -3.83 22.15
N SER A 279 3.13 -4.74 21.76
CA SER A 279 1.98 -4.32 21.03
C SER A 279 0.83 -4.14 22.02
N LEU A 280 -0.40 -3.97 21.58
CA LEU A 280 -1.50 -3.72 22.47
C LEU A 280 -2.68 -4.60 22.18
N LEU A 281 -3.52 -4.73 23.18
CA LEU A 281 -4.82 -5.33 22.95
C LEU A 281 -5.52 -4.24 22.15
N ASP A 282 -6.07 -4.64 21.03
CA ASP A 282 -6.68 -3.74 20.10
C ASP A 282 -8.10 -3.40 20.50
N TYR A 283 -8.21 -2.52 21.48
CA TYR A 283 -9.48 -2.02 21.92
C TYR A 283 -10.16 -1.20 20.85
N ARG A 284 -9.41 -0.58 19.95
CA ARG A 284 -10.02 0.16 18.87
C ARG A 284 -10.81 -0.80 17.97
N PHE A 285 -10.26 -1.96 17.65
CA PHE A 285 -10.95 -2.99 16.90
C PHE A 285 -12.11 -3.52 17.73
N ALA A 286 -11.87 -3.90 18.99
CA ALA A 286 -12.88 -4.49 19.84
C ALA A 286 -14.11 -3.62 20.05
N GLN A 287 -13.89 -2.34 20.35
CA GLN A 287 -15.00 -1.44 20.54
C GLN A 287 -15.79 -1.26 19.24
N LYS A 288 -15.14 -1.13 18.07
CA LYS A 288 -15.88 -0.95 16.83
C LYS A 288 -16.59 -2.22 16.44
N ALA A 289 -15.99 -3.41 16.63
CA ALA A 289 -16.62 -4.67 16.31
C ALA A 289 -17.84 -4.77 17.18
N ARG A 290 -17.82 -4.39 18.47
CA ARG A 290 -19.00 -4.45 19.30
C ARG A 290 -20.04 -3.46 18.84
N GLN A 291 -19.66 -2.25 18.41
CA GLN A 291 -20.62 -1.29 17.91
C GLN A 291 -21.35 -1.77 16.67
N VAL A 292 -20.64 -2.43 15.78
CA VAL A 292 -21.22 -2.92 14.54
C VAL A 292 -21.97 -4.25 14.76
N PHE A 293 -21.39 -5.26 15.41
CA PHE A 293 -21.98 -6.58 15.49
C PHE A 293 -22.79 -6.81 16.72
N ARG A 294 -22.64 -6.00 17.77
CA ARG A 294 -23.36 -6.26 18.99
C ARG A 294 -24.39 -5.18 19.25
N ASP A 295 -23.94 -3.95 19.38
CA ASP A 295 -24.80 -2.89 19.83
C ASP A 295 -25.53 -2.14 18.77
N ASN A 296 -25.10 -2.28 17.52
CA ASN A 296 -25.65 -1.56 16.39
C ASN A 296 -25.66 -0.06 16.62
N THR A 297 -24.53 0.46 17.09
CA THR A 297 -24.41 1.90 17.19
C THR A 297 -23.47 2.37 16.11
N ASP A 298 -23.07 1.47 15.20
CA ASP A 298 -22.35 1.87 14.03
C ASP A 298 -22.62 0.82 12.98
N ASN A 299 -22.35 1.12 11.74
CA ASN A 299 -22.64 0.22 10.66
C ASN A 299 -21.36 -0.20 9.97
N MET A 300 -21.48 -0.87 8.82
CA MET A 300 -20.30 -1.41 8.17
C MET A 300 -19.28 -0.42 7.71
N TYR A 301 -19.70 0.82 7.46
CA TYR A 301 -18.77 1.88 7.11
C TYR A 301 -17.87 2.25 8.27
N GLY A 302 -18.41 2.17 9.50
CA GLY A 302 -17.62 2.37 10.70
C GLY A 302 -16.59 1.27 10.80
N LEU A 303 -17.01 0.06 10.49
CA LEU A 303 -16.11 -1.09 10.51
C LEU A 303 -15.00 -0.97 9.47
N LYS A 304 -15.33 -0.58 8.24
CA LYS A 304 -14.38 -0.36 7.15
C LYS A 304 -13.41 0.74 7.57
N ALA A 305 -13.89 1.84 8.14
CA ALA A 305 -13.02 2.93 8.52
C ALA A 305 -12.05 2.55 9.61
N MET A 306 -12.46 1.73 10.57
CA MET A 306 -11.56 1.28 11.61
C MET A 306 -10.52 0.35 11.00
N LEU A 307 -10.89 -0.55 10.10
CA LEU A 307 -9.92 -1.48 9.56
C LEU A 307 -8.93 -0.74 8.70
N GLU A 308 -9.40 0.22 7.91
CA GLU A 308 -8.51 0.93 7.02
C GLU A 308 -7.61 1.87 7.79
N GLY A 309 -8.20 2.56 8.75
CA GLY A 309 -7.45 3.48 9.56
C GLY A 309 -6.48 2.78 10.50
N SER A 310 -6.83 1.63 11.07
CA SER A 310 -5.94 0.99 12.01
C SER A 310 -4.74 0.39 11.29
N GLU A 311 -4.87 0.04 10.01
CA GLU A 311 -3.77 -0.50 9.25
C GLU A 311 -2.65 0.51 9.10
N VAL A 312 -3.00 1.80 9.18
CA VAL A 312 -2.05 2.90 9.08
C VAL A 312 -1.54 3.38 10.41
N ASP A 313 -2.44 3.54 11.38
CA ASP A 313 -2.08 4.10 12.66
C ASP A 313 -1.21 3.22 13.53
N TYR A 314 -1.36 1.91 13.37
CA TYR A 314 -0.52 0.97 14.07
C TYR A 314 0.61 0.74 13.11
N ALA A 315 1.84 0.94 13.54
CA ALA A 315 2.98 0.70 12.71
C ALA A 315 3.04 -0.79 12.42
N GLN A 316 2.73 -1.69 13.36
CA GLN A 316 2.78 -3.11 13.08
C GLN A 316 1.43 -3.67 13.42
N VAL A 317 0.45 -3.53 12.52
CA VAL A 317 -0.90 -3.96 12.81
C VAL A 317 -0.96 -5.48 13.02
N ASN A 318 -0.06 -6.28 12.44
CA ASN A 318 -0.13 -7.72 12.58
C ASN A 318 0.22 -8.22 13.99
N ASP A 319 0.63 -7.31 14.89
CA ASP A 319 0.96 -7.66 16.25
C ASP A 319 -0.12 -7.27 17.25
N GLN A 320 -1.21 -6.64 16.82
CA GLN A 320 -2.21 -6.20 17.76
C GLN A 320 -3.13 -7.35 18.08
N VAL A 321 -3.50 -7.52 19.35
CA VAL A 321 -4.34 -8.67 19.73
C VAL A 321 -5.80 -8.24 19.64
N THR A 322 -6.64 -8.85 18.81
CA THR A 322 -8.00 -8.41 18.63
C THR A 322 -8.88 -9.31 19.47
N PHE A 323 -10.08 -8.87 19.79
CA PHE A 323 -10.99 -9.61 20.62
C PHE A 323 -12.32 -8.89 20.48
N ILE A 324 -13.41 -9.54 20.85
CA ILE A 324 -14.69 -8.90 20.88
C ILE A 324 -15.14 -8.74 22.32
N ASP A 325 -14.53 -9.41 23.30
CA ASP A 325 -14.77 -9.12 24.71
C ASP A 325 -13.58 -9.68 25.45
N ASN A 326 -13.50 -9.42 26.73
CA ASN A 326 -12.44 -9.95 27.57
C ASN A 326 -12.85 -9.65 29.01
N HIS A 327 -11.97 -9.85 29.97
CA HIS A 327 -12.17 -9.61 31.40
C HIS A 327 -12.58 -8.19 31.83
N ASP A 328 -12.44 -7.19 30.96
CA ASP A 328 -12.76 -5.81 31.29
C ASP A 328 -13.97 -5.22 30.61
N MET A 329 -14.78 -6.10 30.01
CA MET A 329 -15.95 -5.72 29.22
C MET A 329 -17.07 -6.68 29.55
N GLU A 330 -18.31 -6.24 29.32
CA GLU A 330 -19.42 -7.14 29.44
C GLU A 330 -19.21 -8.19 28.36
N ARG A 331 -19.68 -9.40 28.61
CA ARG A 331 -19.60 -10.42 27.60
C ARG A 331 -20.35 -9.95 26.35
N PHE A 332 -19.89 -10.32 25.16
CA PHE A 332 -20.47 -9.88 23.90
C PHE A 332 -21.89 -10.42 23.78
N HIS A 333 -22.04 -11.72 24.09
CA HIS A 333 -23.35 -12.34 23.97
C HIS A 333 -24.26 -11.80 25.08
N THR A 334 -25.44 -11.27 24.77
CA THR A 334 -26.38 -10.82 25.79
C THR A 334 -27.54 -11.79 25.90
N SER A 335 -28.42 -11.62 26.91
CA SER A 335 -29.57 -12.51 27.15
C SER A 335 -30.56 -12.49 26.01
N ASN A 336 -30.78 -11.29 25.51
CA ASN A 336 -31.67 -11.12 24.40
C ASN A 336 -30.91 -10.91 23.09
N GLY A 337 -29.64 -11.27 23.00
CA GLY A 337 -28.89 -11.09 21.77
C GLY A 337 -28.95 -12.36 20.94
N ASP A 338 -29.07 -12.20 19.64
CA ASP A 338 -29.09 -13.35 18.75
C ASP A 338 -27.71 -13.98 18.78
N ARG A 339 -27.61 -15.29 18.91
CA ARG A 339 -26.33 -15.98 18.92
C ARG A 339 -25.53 -15.79 17.65
N ARG A 340 -26.23 -15.56 16.53
CA ARG A 340 -25.60 -15.35 15.26
C ARG A 340 -24.67 -14.17 15.34
N LYS A 341 -25.00 -13.17 16.13
CA LYS A 341 -24.16 -12.01 16.33
C LYS A 341 -22.82 -12.39 16.92
N LEU A 342 -22.81 -13.30 17.91
CA LEU A 342 -21.57 -13.72 18.51
C LEU A 342 -20.80 -14.50 17.46
N GLU A 343 -21.44 -15.44 16.78
CA GLU A 343 -20.80 -16.27 15.76
C GLU A 343 -20.20 -15.46 14.63
N GLN A 344 -20.87 -14.40 14.11
CA GLN A 344 -20.29 -13.53 13.10
C GLN A 344 -19.11 -12.79 13.66
N ALA A 345 -19.21 -12.19 14.86
CA ALA A 345 -18.12 -11.40 15.41
C ALA A 345 -16.86 -12.21 15.64
N LEU A 346 -17.02 -13.49 16.02
CA LEU A 346 -15.93 -14.42 16.15
C LEU A 346 -15.42 -14.77 14.77
N ALA A 347 -16.26 -14.98 13.75
CA ALA A 347 -15.77 -15.26 12.40
C ALA A 347 -15.01 -14.05 11.85
N PHE A 348 -15.49 -12.85 12.14
CA PHE A 348 -14.82 -11.62 11.79
C PHE A 348 -13.48 -11.53 12.52
N THR A 349 -13.39 -11.77 13.83
CA THR A 349 -12.11 -11.61 14.51
C THR A 349 -11.09 -12.62 14.03
N LEU A 350 -11.52 -13.87 13.82
CA LEU A 350 -10.62 -14.94 13.42
C LEU A 350 -10.03 -14.80 12.03
N THR A 351 -10.73 -14.12 11.11
CA THR A 351 -10.20 -13.89 9.78
C THR A 351 -9.61 -12.47 9.63
N SER A 352 -9.53 -11.65 10.68
CA SER A 352 -9.05 -10.29 10.60
C SER A 352 -7.59 -10.18 10.96
N ARG A 353 -6.95 -9.08 10.64
CA ARG A 353 -5.55 -8.90 10.92
C ARG A 353 -5.30 -8.84 12.42
N GLY A 354 -4.07 -9.18 12.79
CA GLY A 354 -3.70 -9.09 14.18
C GLY A 354 -3.63 -10.49 14.73
N VAL A 355 -3.80 -10.63 16.03
CA VAL A 355 -3.64 -11.92 16.71
C VAL A 355 -4.98 -12.08 17.40
N PRO A 356 -5.93 -12.94 16.99
CA PRO A 356 -7.22 -13.02 17.64
C PRO A 356 -7.13 -13.69 19.01
N ALA A 357 -7.85 -13.16 19.99
CA ALA A 357 -7.98 -13.73 21.31
C ALA A 357 -9.46 -13.96 21.53
N ILE A 358 -9.77 -15.15 21.97
CA ILE A 358 -11.13 -15.57 22.23
C ILE A 358 -11.18 -15.68 23.74
N TYR A 359 -12.11 -14.99 24.41
CA TYR A 359 -12.27 -15.01 25.85
C TYR A 359 -12.95 -16.34 26.19
N TYR A 360 -12.45 -17.05 27.21
CA TYR A 360 -12.92 -18.39 27.53
C TYR A 360 -14.43 -18.39 27.70
N GLY A 361 -15.08 -19.45 27.24
CA GLY A 361 -16.52 -19.51 27.36
C GLY A 361 -17.28 -18.76 26.28
N SER A 362 -16.66 -18.03 25.34
CA SER A 362 -17.35 -17.45 24.18
C SER A 362 -18.10 -18.53 23.39
N GLU A 363 -17.44 -19.65 23.16
CA GLU A 363 -17.98 -20.78 22.45
C GLU A 363 -19.11 -21.49 23.17
N GLN A 364 -19.38 -21.11 24.43
CA GLN A 364 -20.44 -21.67 25.22
C GLN A 364 -21.54 -20.63 25.47
N TYR A 365 -21.50 -19.53 24.71
CA TYR A 365 -22.44 -18.42 24.76
C TYR A 365 -22.70 -17.86 26.16
N MET A 366 -21.63 -17.74 26.93
CA MET A 366 -21.74 -17.15 28.25
C MET A 366 -22.17 -15.70 28.14
N SER A 367 -23.09 -15.21 28.96
CA SER A 367 -23.35 -13.79 29.02
C SER A 367 -23.02 -13.29 30.43
N GLY A 368 -22.97 -12.00 30.68
CA GLY A 368 -22.65 -11.48 31.98
C GLY A 368 -22.20 -10.06 31.77
N GLY A 369 -22.49 -9.25 32.77
CA GLY A 369 -22.06 -7.88 32.72
C GLY A 369 -20.58 -7.81 33.05
N ASN A 370 -20.27 -6.66 33.59
CA ASN A 370 -18.92 -6.32 33.95
C ASN A 370 -18.49 -7.09 35.16
N ASP A 371 -17.19 -7.02 35.42
CA ASP A 371 -16.52 -7.64 36.54
C ASP A 371 -17.33 -7.59 37.83
N PRO A 372 -17.58 -8.72 38.50
CA PRO A 372 -17.01 -10.02 38.22
C PRO A 372 -17.85 -10.93 37.36
N ASP A 373 -18.95 -10.40 36.83
CA ASP A 373 -19.94 -11.21 36.15
C ASP A 373 -19.53 -11.69 34.78
N ASN A 374 -18.47 -11.14 34.19
CA ASN A 374 -17.93 -11.62 32.94
C ASN A 374 -16.89 -12.70 33.24
N ARG A 375 -16.67 -13.10 34.51
CA ARG A 375 -15.68 -14.10 34.85
C ARG A 375 -16.33 -15.26 35.55
N ALA A 376 -17.55 -15.68 35.15
CA ALA A 376 -18.19 -16.83 35.74
C ALA A 376 -17.46 -18.11 35.32
N ARG A 377 -17.67 -19.21 36.02
CA ARG A 377 -17.02 -20.44 35.62
C ARG A 377 -17.63 -20.88 34.30
N LEU A 378 -16.88 -21.43 33.35
CA LEU A 378 -17.62 -21.74 32.18
C LEU A 378 -18.47 -22.97 32.38
N PRO A 379 -19.68 -22.88 31.85
CA PRO A 379 -20.75 -23.75 32.29
C PRO A 379 -20.69 -25.15 31.69
N SER A 380 -19.96 -25.32 30.59
CA SER A 380 -20.05 -26.51 29.79
C SER A 380 -18.79 -26.66 28.98
N PHE A 381 -18.43 -27.87 28.64
CA PHE A 381 -17.31 -28.11 27.77
C PHE A 381 -17.79 -28.84 26.51
N SER A 382 -18.96 -28.44 26.07
CA SER A 382 -19.58 -29.00 24.89
C SER A 382 -18.78 -28.63 23.64
N THR A 383 -18.44 -29.64 22.83
CA THR A 383 -17.67 -29.40 21.64
C THR A 383 -18.60 -29.27 20.45
N THR A 384 -19.92 -29.25 20.61
CA THR A 384 -20.74 -29.22 19.44
C THR A 384 -21.54 -27.93 19.34
N THR A 385 -21.21 -26.82 20.02
CA THR A 385 -22.00 -25.59 19.85
C THR A 385 -21.62 -25.02 18.48
N THR A 386 -22.45 -24.22 17.81
CA THR A 386 -22.09 -23.60 16.55
C THR A 386 -20.87 -22.74 16.77
N ALA A 387 -20.77 -21.98 17.86
CA ALA A 387 -19.60 -21.14 18.07
C ALA A 387 -18.33 -21.96 18.17
N TYR A 388 -18.37 -23.15 18.76
CA TYR A 388 -17.19 -24.01 18.84
C TYR A 388 -16.79 -24.42 17.41
N GLN A 389 -17.78 -24.74 16.58
CA GLN A 389 -17.53 -25.15 15.21
C GLN A 389 -17.02 -24.04 14.33
N VAL A 390 -17.47 -22.80 14.55
CA VAL A 390 -16.99 -21.63 13.83
C VAL A 390 -15.50 -21.45 14.16
N ILE A 391 -15.07 -21.57 15.42
CA ILE A 391 -13.66 -21.42 15.75
C ILE A 391 -12.87 -22.60 15.22
N GLN A 392 -13.40 -23.81 15.35
CA GLN A 392 -12.75 -25.00 14.83
C GLN A 392 -12.47 -24.91 13.33
N LYS A 393 -13.39 -24.37 12.54
CA LYS A 393 -13.17 -24.24 11.10
C LYS A 393 -12.26 -23.10 10.70
N LEU A 394 -12.33 -21.98 11.42
CA LEU A 394 -11.57 -20.82 11.02
C LEU A 394 -10.21 -20.66 11.66
N ALA A 395 -10.02 -21.04 12.93
CA ALA A 395 -8.73 -20.90 13.61
C ALA A 395 -7.61 -21.59 12.88
N PRO A 396 -7.74 -22.78 12.28
CA PRO A 396 -6.69 -23.39 11.48
C PRO A 396 -6.26 -22.54 10.30
N LEU A 397 -7.11 -21.67 9.74
CA LEU A 397 -6.72 -20.90 8.58
C LEU A 397 -5.62 -19.91 8.91
N ARG A 398 -5.37 -19.64 10.19
CA ARG A 398 -4.30 -18.74 10.56
C ARG A 398 -2.96 -19.38 10.34
N LYS A 399 -2.91 -20.70 10.51
CA LYS A 399 -1.68 -21.41 10.29
C LYS A 399 -1.52 -21.71 8.82
N SER A 400 -2.59 -22.08 8.15
CA SER A 400 -2.50 -22.51 6.76
C SER A 400 -2.58 -21.44 5.68
N ASN A 401 -3.19 -20.30 5.98
CA ASN A 401 -3.34 -19.30 4.96
C ASN A 401 -2.63 -18.03 5.42
N PRO A 402 -1.47 -17.70 4.88
CA PRO A 402 -0.75 -16.51 5.22
C PRO A 402 -1.50 -15.23 4.93
N ALA A 403 -2.54 -15.23 4.07
CA ALA A 403 -3.31 -14.02 3.84
C ALA A 403 -4.06 -13.68 5.12
N ILE A 404 -4.55 -14.67 5.89
CA ILE A 404 -5.24 -14.42 7.15
C ILE A 404 -4.23 -14.11 8.22
N ALA A 405 -3.07 -14.78 8.27
CA ALA A 405 -2.07 -14.49 9.28
C ALA A 405 -1.44 -13.13 9.04
N TYR A 406 -1.21 -12.72 7.78
CA TYR A 406 -0.44 -11.52 7.51
C TYR A 406 -0.96 -10.49 6.54
N GLY A 407 -2.00 -10.84 5.80
CA GLY A 407 -2.39 -10.08 4.67
C GLY A 407 -2.96 -8.73 4.95
N SER A 408 -2.99 -7.95 3.90
CA SER A 408 -3.61 -6.65 3.92
C SER A 408 -5.12 -6.86 3.96
N THR A 409 -5.92 -5.86 4.29
CA THR A 409 -7.36 -5.99 4.33
C THR A 409 -7.89 -5.01 3.27
N HIS A 410 -8.73 -5.52 2.39
CA HIS A 410 -9.24 -4.77 1.28
C HIS A 410 -10.74 -4.90 1.28
N GLU A 411 -11.54 -3.84 1.46
CA GLU A 411 -12.97 -4.01 1.38
C GLU A 411 -13.32 -4.18 -0.12
N ARG A 412 -14.00 -5.25 -0.54
CA ARG A 412 -14.37 -5.51 -1.92
C ARG A 412 -15.82 -5.26 -2.18
N TRP A 413 -16.71 -5.25 -1.19
CA TRP A 413 -18.11 -4.92 -1.38
C TRP A 413 -18.60 -4.43 -0.02
N ILE A 414 -19.50 -3.44 0.07
CA ILE A 414 -20.01 -2.96 1.35
C ILE A 414 -21.35 -2.29 1.12
N ASN A 415 -22.13 -2.24 2.17
CA ASN A 415 -23.29 -1.38 2.23
C ASN A 415 -23.49 -1.21 3.75
N ASN A 416 -24.58 -0.68 4.30
CA ASN A 416 -24.72 -0.51 5.73
C ASN A 416 -24.61 -1.75 6.58
N ASP A 417 -25.02 -2.91 6.05
CA ASP A 417 -25.03 -4.15 6.82
C ASP A 417 -24.17 -5.26 6.30
N VAL A 418 -23.47 -5.10 5.18
CA VAL A 418 -22.72 -6.19 4.57
C VAL A 418 -21.33 -5.65 4.36
N ILE A 419 -20.32 -6.45 4.66
CA ILE A 419 -18.98 -6.08 4.26
C ILE A 419 -18.45 -7.35 3.63
N ILE A 420 -17.75 -7.27 2.51
CA ILE A 420 -17.05 -8.42 1.97
C ILE A 420 -15.61 -7.92 1.92
N TYR A 421 -14.69 -8.50 2.67
CA TYR A 421 -13.32 -8.03 2.63
C TYR A 421 -12.43 -9.14 2.18
N GLU A 422 -11.26 -8.74 1.72
CA GLU A 422 -10.31 -9.69 1.22
C GLU A 422 -9.02 -9.46 1.97
N ARG A 423 -8.37 -10.56 2.28
CA ARG A 423 -7.09 -10.56 2.94
C ARG A 423 -6.20 -11.09 1.85
N LYS A 424 -5.12 -10.39 1.59
CA LYS A 424 -4.23 -10.82 0.53
C LYS A 424 -2.79 -10.81 1.00
N PHE A 425 -2.04 -11.86 0.70
CA PHE A 425 -0.64 -11.91 1.04
C PHE A 425 -0.03 -12.71 -0.08
N GLY A 426 0.62 -11.98 -0.98
CA GLY A 426 1.19 -12.62 -2.16
C GLY A 426 0.02 -13.11 -2.96
N ASN A 427 -0.01 -14.40 -3.31
CA ASN A 427 -1.13 -14.93 -4.07
C ASN A 427 -2.10 -15.67 -3.19
N ASN A 428 -1.92 -15.58 -1.89
CA ASN A 428 -2.82 -16.24 -0.99
C ASN A 428 -3.91 -15.23 -0.75
N VAL A 429 -5.14 -15.67 -0.72
CA VAL A 429 -6.29 -14.79 -0.65
C VAL A 429 -7.25 -15.46 0.33
N ALA A 430 -7.93 -14.67 1.14
CA ALA A 430 -9.12 -15.14 1.81
C ALA A 430 -10.15 -14.04 1.55
N VAL A 431 -11.42 -14.37 1.37
CA VAL A 431 -12.49 -13.42 1.17
C VAL A 431 -13.53 -13.80 2.21
N VAL A 432 -14.07 -12.83 2.93
CA VAL A 432 -15.01 -13.07 4.01
C VAL A 432 -16.16 -12.18 3.70
N ALA A 433 -17.36 -12.72 3.69
CA ALA A 433 -18.53 -11.93 3.40
C ALA A 433 -19.37 -12.00 4.64
N ILE A 434 -19.86 -10.90 5.22
CA ILE A 434 -20.65 -10.94 6.43
C ILE A 434 -21.87 -10.08 6.20
N ASN A 435 -23.07 -10.63 6.46
CA ASN A 435 -24.30 -9.87 6.35
C ASN A 435 -24.74 -9.76 7.78
N ARG A 436 -24.63 -8.62 8.47
CA ARG A 436 -25.02 -8.58 9.88
C ARG A 436 -26.52 -8.44 10.00
N ASN A 437 -27.26 -8.22 8.93
CA ASN A 437 -28.68 -8.06 9.07
C ASN A 437 -29.28 -9.46 9.18
N MET A 438 -30.01 -9.70 10.24
CA MET A 438 -30.56 -11.02 10.52
C MET A 438 -31.90 -11.29 9.84
N ASN A 439 -32.39 -10.30 9.09
CA ASN A 439 -33.70 -10.32 8.45
C ASN A 439 -33.61 -10.20 6.95
N THR A 440 -32.77 -9.31 6.43
CA THR A 440 -32.69 -9.04 5.02
C THR A 440 -31.55 -9.81 4.38
N PRO A 441 -31.81 -10.61 3.34
CA PRO A 441 -30.78 -11.02 2.41
C PRO A 441 -30.18 -9.83 1.67
N ALA A 442 -28.89 -9.95 1.34
CA ALA A 442 -28.17 -8.94 0.60
C ALA A 442 -27.94 -9.39 -0.84
N SER A 443 -28.32 -8.68 -1.89
CA SER A 443 -28.00 -9.10 -3.23
C SER A 443 -26.60 -8.59 -3.49
N ILE A 444 -25.64 -9.47 -3.76
CA ILE A 444 -24.27 -9.06 -4.09
C ILE A 444 -24.12 -9.12 -5.61
N THR A 445 -23.75 -8.00 -6.23
CA THR A 445 -23.52 -7.93 -7.65
C THR A 445 -22.23 -7.14 -7.78
N GLY A 446 -21.43 -7.52 -8.75
CA GLY A 446 -20.23 -6.77 -9.05
C GLY A 446 -19.12 -7.03 -8.07
N LEU A 447 -19.09 -8.16 -7.38
CA LEU A 447 -18.00 -8.40 -6.46
C LEU A 447 -16.78 -8.78 -7.26
N VAL A 448 -15.63 -8.17 -7.07
CA VAL A 448 -14.42 -8.63 -7.73
C VAL A 448 -13.46 -9.03 -6.62
N THR A 449 -12.70 -10.11 -6.77
CA THR A 449 -11.78 -10.54 -5.75
C THR A 449 -10.50 -10.89 -6.48
N SER A 450 -9.50 -11.33 -5.72
CA SER A 450 -8.24 -11.78 -6.25
C SER A 450 -8.20 -13.30 -6.34
N LEU A 451 -9.34 -13.97 -6.20
CA LEU A 451 -9.36 -15.41 -6.27
C LEU A 451 -9.20 -15.81 -7.73
N PRO A 452 -8.41 -16.86 -8.05
CA PRO A 452 -8.40 -17.51 -9.35
C PRO A 452 -9.78 -18.07 -9.64
N ARG A 453 -10.05 -18.29 -10.92
CA ARG A 453 -11.29 -18.89 -11.34
C ARG A 453 -11.53 -20.22 -10.63
N GLY A 454 -12.75 -20.49 -10.19
CA GLY A 454 -13.04 -21.73 -9.52
C GLY A 454 -14.33 -21.62 -8.73
N SER A 455 -14.76 -22.73 -8.13
CA SER A 455 -15.97 -22.77 -7.32
C SER A 455 -15.53 -22.96 -5.87
N TYR A 456 -15.42 -21.88 -5.12
CA TYR A 456 -14.86 -21.96 -3.77
C TYR A 456 -15.91 -22.32 -2.77
N ASN A 457 -15.63 -23.34 -1.98
CA ASN A 457 -16.58 -23.75 -0.98
C ASN A 457 -16.34 -22.94 0.28
N ASP A 458 -17.45 -22.58 0.92
CA ASP A 458 -17.40 -21.83 2.13
C ASP A 458 -16.64 -22.64 3.15
N VAL A 459 -15.51 -22.15 3.63
CA VAL A 459 -14.76 -22.82 4.69
C VAL A 459 -15.64 -23.07 5.91
N LEU A 460 -16.62 -22.23 6.20
CA LEU A 460 -17.54 -22.51 7.30
C LEU A 460 -18.58 -23.61 6.99
N GLY A 461 -18.59 -24.24 5.80
CA GLY A 461 -19.52 -25.32 5.47
C GLY A 461 -21.00 -24.99 5.57
N GLY A 462 -21.35 -23.76 5.24
CA GLY A 462 -22.72 -23.29 5.29
C GLY A 462 -23.27 -23.16 6.70
N ILE A 463 -22.51 -23.38 7.80
CA ILE A 463 -23.11 -23.31 9.13
C ILE A 463 -23.49 -21.90 9.53
N LEU A 464 -22.94 -20.83 8.95
CA LEU A 464 -23.48 -19.52 9.24
C LEU A 464 -24.12 -19.04 7.95
N ASN A 465 -24.76 -20.00 7.28
CA ASN A 465 -25.47 -19.81 6.01
C ASN A 465 -24.69 -19.23 4.85
N GLY A 466 -23.42 -19.56 4.74
CA GLY A 466 -22.62 -19.13 3.64
C GLY A 466 -22.93 -20.05 2.46
N ASN A 467 -22.27 -19.76 1.37
CA ASN A 467 -22.55 -20.39 0.09
C ASN A 467 -21.23 -20.54 -0.65
N THR A 468 -21.26 -21.21 -1.77
CA THR A 468 -20.13 -21.36 -2.67
C THR A 468 -19.98 -20.07 -3.48
N LEU A 469 -18.77 -19.67 -3.75
CA LEU A 469 -18.51 -18.50 -4.57
C LEU A 469 -18.03 -19.00 -5.91
N THR A 470 -18.68 -18.70 -7.02
CA THR A 470 -18.16 -19.08 -8.32
C THR A 470 -17.43 -17.83 -8.83
N VAL A 471 -16.16 -17.99 -9.14
CA VAL A 471 -15.26 -16.93 -9.59
C VAL A 471 -14.89 -17.28 -11.02
N GLY A 472 -15.10 -16.31 -11.87
CA GLY A 472 -14.78 -16.47 -13.24
C GLY A 472 -13.48 -15.76 -13.53
N ALA A 473 -13.47 -15.25 -14.75
CA ALA A 473 -12.32 -14.54 -15.32
C ALA A 473 -12.16 -13.21 -14.63
N GLY A 474 -10.90 -12.99 -14.27
CA GLY A 474 -10.53 -11.75 -13.63
C GLY A 474 -11.09 -11.56 -12.22
N GLY A 475 -11.25 -12.67 -11.49
CA GLY A 475 -11.67 -12.61 -10.11
C GLY A 475 -13.09 -12.17 -9.92
N ALA A 476 -13.84 -11.93 -11.00
CA ALA A 476 -15.24 -11.52 -10.91
C ALA A 476 -16.09 -12.68 -10.47
N ALA A 477 -16.81 -12.49 -9.39
CA ALA A 477 -17.67 -13.52 -8.86
C ALA A 477 -19.04 -13.47 -9.50
N SER A 478 -19.61 -14.65 -9.74
CA SER A 478 -20.97 -14.76 -10.18
C SER A 478 -21.83 -14.17 -9.04
N ASN A 479 -22.85 -13.37 -9.35
CA ASN A 479 -23.71 -12.75 -8.37
C ASN A 479 -24.42 -13.73 -7.47
N PHE A 480 -24.64 -13.40 -6.19
CA PHE A 480 -25.30 -14.32 -5.29
C PHE A 480 -26.09 -13.52 -4.27
N THR A 481 -26.98 -14.16 -3.53
CA THR A 481 -27.73 -13.53 -2.45
C THR A 481 -27.05 -13.97 -1.16
N LEU A 482 -26.58 -13.07 -0.33
CA LEU A 482 -26.00 -13.44 0.93
C LEU A 482 -27.17 -13.51 1.92
N ALA A 483 -27.39 -14.69 2.50
CA ALA A 483 -28.42 -14.97 3.47
C ALA A 483 -28.47 -13.96 4.62
N PRO A 484 -29.64 -13.72 5.22
CA PRO A 484 -29.77 -13.02 6.50
C PRO A 484 -28.80 -13.64 7.50
N GLY A 485 -27.93 -12.82 8.10
CA GLY A 485 -26.95 -13.34 9.06
C GLY A 485 -25.84 -14.14 8.40
N GLY A 486 -25.77 -14.19 7.08
CA GLY A 486 -24.82 -15.02 6.36
C GLY A 486 -23.40 -14.59 6.58
N THR A 487 -22.53 -15.57 6.69
CA THR A 487 -21.10 -15.37 6.83
C THR A 487 -20.46 -16.53 6.08
N ALA A 488 -19.53 -16.22 5.19
CA ALA A 488 -18.86 -17.20 4.39
C ALA A 488 -17.43 -16.77 4.27
N VAL A 489 -16.53 -17.71 4.11
CA VAL A 489 -15.10 -17.47 4.06
C VAL A 489 -14.67 -18.31 2.87
N TRP A 490 -13.96 -17.75 1.91
CA TRP A 490 -13.53 -18.45 0.71
C TRP A 490 -12.05 -18.20 0.65
N GLN A 491 -11.20 -19.09 0.18
CA GLN A 491 -9.77 -18.85 0.22
C GLN A 491 -9.04 -19.59 -0.90
N TYR A 492 -7.81 -19.16 -1.14
CA TYR A 492 -6.97 -19.80 -2.10
C TYR A 492 -5.55 -19.61 -1.55
N THR A 493 -4.78 -20.67 -1.51
CA THR A 493 -3.41 -20.56 -1.08
C THR A 493 -2.54 -21.15 -2.14
N THR A 494 -1.36 -20.60 -2.27
CA THR A 494 -0.35 -21.12 -3.15
C THR A 494 1.00 -20.63 -2.64
N ASP A 495 2.09 -21.00 -3.31
CA ASP A 495 3.43 -20.62 -2.88
C ASP A 495 3.75 -19.23 -3.32
N ALA A 496 4.53 -18.52 -2.49
CA ALA A 496 4.96 -17.19 -2.86
C ALA A 496 6.30 -17.39 -3.52
N THR A 497 6.44 -16.71 -4.64
CA THR A 497 7.68 -16.73 -5.37
C THR A 497 8.60 -15.57 -4.94
N THR A 498 7.97 -14.47 -4.51
CA THR A 498 8.64 -13.26 -4.07
C THR A 498 8.77 -13.40 -2.57
N PRO A 499 9.87 -12.99 -1.92
CA PRO A 499 9.91 -12.79 -0.50
C PRO A 499 8.89 -11.73 -0.13
N ILE A 500 8.05 -12.06 0.85
CA ILE A 500 7.09 -11.12 1.41
C ILE A 500 7.19 -11.33 2.91
N ILE A 501 7.42 -10.22 3.62
CA ILE A 501 7.55 -10.23 5.06
C ILE A 501 6.18 -9.90 5.62
N GLY A 502 5.66 -10.77 6.48
CA GLY A 502 4.37 -10.54 7.10
C GLY A 502 4.53 -10.08 8.54
N ASN A 503 5.62 -10.40 9.20
CA ASN A 503 5.77 -9.98 10.59
C ASN A 503 7.21 -10.15 11.01
N VAL A 504 7.66 -9.34 11.98
CA VAL A 504 9.04 -9.33 12.46
C VAL A 504 8.87 -9.19 13.96
N GLY A 505 9.60 -9.93 14.76
CA GLY A 505 9.53 -9.81 16.22
C GLY A 505 10.88 -10.26 16.77
N PRO A 506 11.51 -9.65 17.77
CA PRO A 506 11.03 -8.46 18.46
C PRO A 506 11.19 -7.23 17.56
N MET A 507 10.58 -6.10 17.82
CA MET A 507 10.75 -4.93 16.97
C MET A 507 11.72 -3.93 17.57
N MET A 508 12.40 -4.28 18.64
CA MET A 508 13.30 -3.35 19.28
C MET A 508 14.30 -4.22 20.00
N ALA A 509 15.59 -4.08 19.75
CA ALA A 509 16.59 -4.87 20.44
C ALA A 509 17.94 -4.31 20.08
N LYS A 510 18.95 -4.64 20.86
CA LYS A 510 20.30 -4.18 20.63
C LYS A 510 21.00 -5.05 19.57
N PRO A 511 22.11 -4.63 18.95
CA PRO A 511 22.94 -5.47 18.10
C PRO A 511 23.29 -6.82 18.72
N GLY A 512 23.21 -7.86 17.91
CA GLY A 512 23.60 -9.18 18.38
C GLY A 512 22.42 -10.05 18.70
N VAL A 513 21.23 -9.48 18.89
CA VAL A 513 20.03 -10.22 19.20
C VAL A 513 19.46 -10.82 17.90
N THR A 514 18.97 -12.05 17.94
CA THR A 514 18.32 -12.69 16.80
C THR A 514 16.87 -12.27 16.70
N ILE A 515 16.43 -11.68 15.59
CA ILE A 515 15.03 -11.37 15.43
C ILE A 515 14.44 -12.42 14.48
N THR A 516 13.11 -12.49 14.46
CA THR A 516 12.39 -13.46 13.65
C THR A 516 11.60 -12.73 12.60
N ILE A 517 11.82 -13.09 11.35
CA ILE A 517 11.17 -12.48 10.22
C ILE A 517 10.33 -13.59 9.63
N ASP A 518 9.04 -13.39 9.61
CA ASP A 518 8.11 -14.37 9.10
C ASP A 518 7.47 -13.87 7.85
N GLY A 519 7.16 -14.78 6.94
CA GLY A 519 6.46 -14.41 5.73
C GLY A 519 6.44 -15.60 4.79
N ARG A 520 6.54 -15.33 3.50
CA ARG A 520 6.50 -16.40 2.50
C ARG A 520 7.46 -16.04 1.39
N GLY A 521 7.92 -17.03 0.65
CA GLY A 521 8.72 -16.78 -0.54
C GLY A 521 10.18 -16.47 -0.26
N PHE A 522 10.72 -16.74 0.94
CA PHE A 522 12.12 -16.45 1.23
C PHE A 522 13.04 -17.44 0.52
N GLY A 523 12.51 -18.63 0.26
CA GLY A 523 13.27 -19.68 -0.40
C GLY A 523 14.05 -20.48 0.62
N SER A 524 14.61 -21.57 0.13
CA SER A 524 15.36 -22.49 0.99
C SER A 524 16.77 -22.05 1.28
N GLY A 525 17.34 -21.34 0.30
CA GLY A 525 18.72 -20.94 0.36
C GLY A 525 18.85 -19.55 0.94
N LYS A 526 19.89 -19.45 1.76
CA LYS A 526 20.17 -18.26 2.51
C LYS A 526 20.42 -17.12 1.55
N GLY A 527 19.68 -16.04 1.77
CA GLY A 527 19.77 -14.84 0.97
C GLY A 527 20.32 -13.71 1.81
N THR A 528 19.72 -12.53 1.74
CA THR A 528 20.25 -11.34 2.41
C THR A 528 19.18 -10.65 3.23
N VAL A 529 19.51 -10.19 4.43
CA VAL A 529 18.61 -9.36 5.21
C VAL A 529 19.25 -7.96 5.26
N TYR A 530 18.48 -6.94 4.96
CA TYR A 530 18.93 -5.57 4.96
C TYR A 530 18.34 -4.87 6.15
N PHE A 531 19.19 -4.18 6.93
CA PHE A 531 18.74 -3.31 8.00
C PHE A 531 19.20 -2.05 7.37
N GLY A 532 18.27 -1.26 6.86
CA GLY A 532 18.66 -0.10 6.06
C GLY A 532 19.38 -0.64 4.81
N THR A 533 20.56 -0.11 4.50
CA THR A 533 21.34 -0.57 3.37
C THR A 533 22.41 -1.53 3.84
N THR A 534 22.40 -1.91 5.14
CA THR A 534 23.37 -2.84 5.67
C THR A 534 22.89 -4.23 5.35
N ALA A 535 23.69 -4.95 4.59
CA ALA A 535 23.38 -6.31 4.28
C ALA A 535 23.87 -7.21 5.39
N VAL A 536 23.08 -8.22 5.69
CA VAL A 536 23.45 -9.24 6.64
C VAL A 536 23.26 -10.53 5.88
N THR A 537 24.33 -11.30 5.78
CA THR A 537 24.35 -12.52 5.01
C THR A 537 25.11 -13.58 5.82
N GLY A 538 25.14 -14.80 5.30
CA GLY A 538 26.00 -15.85 5.83
C GLY A 538 25.76 -16.27 7.27
N ALA A 539 26.80 -16.27 8.09
CA ALA A 539 26.69 -16.75 9.46
C ALA A 539 25.80 -15.93 10.41
N ASP A 540 25.59 -14.65 10.13
CA ASP A 540 24.72 -13.84 10.97
C ASP A 540 23.25 -14.18 10.75
N ILE A 541 22.91 -14.88 9.66
CA ILE A 541 21.56 -15.36 9.42
C ILE A 541 21.66 -16.67 10.13
N VAL A 542 20.97 -16.72 11.25
CA VAL A 542 20.97 -17.90 12.09
C VAL A 542 20.14 -19.00 11.41
N ALA A 543 19.01 -18.71 10.77
CA ALA A 543 18.18 -19.74 10.16
C ALA A 543 17.48 -19.14 8.96
N TRP A 544 17.33 -19.90 7.87
CA TRP A 544 16.63 -19.38 6.72
C TRP A 544 15.81 -20.51 6.16
N GLU A 545 14.53 -20.26 5.96
CA GLU A 545 13.70 -21.17 5.22
C GLU A 545 12.57 -20.35 4.67
N ASP A 546 11.66 -20.96 3.92
CA ASP A 546 10.75 -20.15 3.14
C ASP A 546 9.83 -19.23 3.90
N THR A 547 9.50 -19.61 5.12
CA THR A 547 8.52 -18.86 5.89
C THR A 547 9.11 -18.10 7.04
N GLN A 548 10.35 -18.41 7.37
CA GLN A 548 10.97 -17.77 8.51
C GLN A 548 12.48 -17.64 8.36
N ILE A 549 12.96 -16.44 8.69
CA ILE A 549 14.37 -16.13 8.77
C ILE A 549 14.70 -15.72 10.22
N GLN A 550 15.80 -16.18 10.79
CA GLN A 550 16.26 -15.70 12.08
C GLN A 550 17.60 -15.13 11.76
N VAL A 551 17.78 -13.87 12.10
CA VAL A 551 18.99 -13.16 11.77
C VAL A 551 19.40 -12.30 12.93
N LYS A 552 20.69 -12.17 13.14
CA LYS A 552 21.22 -11.29 14.16
C LYS A 552 21.20 -9.87 13.66
N ILE A 553 20.75 -8.95 14.51
CA ILE A 553 20.77 -7.52 14.24
C ILE A 553 22.25 -7.10 14.08
N PRO A 554 22.67 -6.44 12.99
CA PRO A 554 24.06 -6.06 12.76
C PRO A 554 24.42 -4.92 13.70
N ALA A 555 25.71 -4.67 13.91
CA ALA A 555 26.12 -3.61 14.80
C ALA A 555 26.05 -2.28 14.06
N VAL A 556 24.82 -1.81 13.91
CA VAL A 556 24.52 -0.54 13.32
C VAL A 556 24.28 0.43 14.48
N PRO A 557 24.42 1.75 14.29
CA PRO A 557 24.04 2.78 15.25
C PRO A 557 22.60 2.62 15.69
N GLY A 558 22.26 3.03 16.89
CA GLY A 558 20.89 2.96 17.32
C GLY A 558 20.06 3.86 16.44
N GLY A 559 18.81 3.46 16.25
CA GLY A 559 17.88 4.24 15.47
C GLY A 559 16.83 3.34 14.86
N ILE A 560 16.01 3.84 13.95
CA ILE A 560 14.94 3.09 13.31
C ILE A 560 15.33 2.68 11.91
N TYR A 561 15.17 1.40 11.60
CA TYR A 561 15.57 0.80 10.34
C TYR A 561 14.44 0.09 9.64
N ASP A 562 14.51 0.13 8.32
CA ASP A 562 13.62 -0.65 7.49
C ASP A 562 14.29 -1.98 7.33
N ILE A 563 13.50 -3.02 7.33
CA ILE A 563 14.01 -4.34 7.10
C ILE A 563 13.50 -4.80 5.75
N ARG A 564 14.35 -5.52 5.05
CA ARG A 564 14.01 -6.01 3.74
C ARG A 564 14.75 -7.30 3.57
N VAL A 565 14.20 -8.26 2.84
CA VAL A 565 14.82 -9.54 2.60
C VAL A 565 15.03 -9.69 1.11
N ALA A 566 16.13 -10.29 0.70
CA ALA A 566 16.32 -10.59 -0.69
C ALA A 566 16.57 -12.07 -0.61
N ASN A 567 15.89 -12.84 -1.44
CA ASN A 567 16.14 -14.26 -1.43
C ASN A 567 17.44 -14.54 -2.17
N ALA A 568 17.84 -15.81 -2.26
CA ALA A 568 19.10 -16.19 -2.87
C ALA A 568 19.29 -15.73 -4.32
N ALA A 569 18.16 -15.47 -4.98
CA ALA A 569 18.08 -15.04 -6.36
C ALA A 569 18.14 -13.53 -6.52
N GLY A 570 18.23 -12.78 -5.43
CA GLY A 570 18.30 -11.34 -5.46
C GLY A 570 16.91 -10.71 -5.47
N ALA A 571 15.79 -11.44 -5.54
CA ALA A 571 14.48 -10.80 -5.53
C ALA A 571 14.27 -10.19 -4.15
N ALA A 572 13.93 -8.91 -4.02
CA ALA A 572 13.73 -8.31 -2.71
C ALA A 572 12.27 -8.27 -2.29
N SER A 573 12.03 -8.25 -0.96
CA SER A 573 10.70 -8.24 -0.37
C SER A 573 10.17 -6.83 -0.21
N ASN A 574 8.99 -6.74 0.36
CA ASN A 574 8.45 -5.48 0.83
C ASN A 574 9.27 -5.04 2.03
N ILE A 575 9.19 -3.77 2.30
CA ILE A 575 9.92 -3.20 3.41
C ILE A 575 9.12 -3.37 4.71
N TYR A 576 9.76 -3.75 5.81
CA TYR A 576 9.06 -3.85 7.06
C TYR A 576 9.79 -2.81 7.87
N ASP A 577 9.14 -1.71 8.05
CA ASP A 577 9.72 -0.55 8.69
C ASP A 577 9.62 -0.54 10.21
N ASN A 578 10.13 0.55 10.78
CA ASN A 578 10.05 0.89 12.19
C ASN A 578 10.74 -0.07 13.14
N PHE A 579 11.80 -0.73 12.69
CA PHE A 579 12.56 -1.59 13.57
C PHE A 579 13.48 -0.71 14.41
N GLU A 580 13.54 -0.83 15.72
CA GLU A 580 14.42 0.02 16.48
C GLU A 580 15.62 -0.77 16.93
N VAL A 581 16.81 -0.37 16.49
CA VAL A 581 18.03 -0.97 16.97
C VAL A 581 18.34 -0.05 18.16
N LEU A 582 18.50 -0.66 19.33
CA LEU A 582 18.82 0.07 20.55
C LEU A 582 20.32 0.32 20.56
N THR A 583 20.79 1.37 21.25
CA THR A 583 22.22 1.60 21.43
C THR A 583 22.84 0.52 22.28
N GLY A 584 22.09 -0.19 23.12
CA GLY A 584 22.66 -1.25 23.93
C GLY A 584 21.59 -1.60 24.91
N ASP A 585 22.01 -2.18 26.01
CA ASP A 585 21.09 -2.50 27.07
C ASP A 585 20.55 -1.21 27.63
N GLN A 586 19.41 -1.28 28.27
CA GLN A 586 18.75 -0.08 28.70
C GLN A 586 18.67 0.02 30.21
N VAL A 587 18.57 1.23 30.75
CA VAL A 587 18.30 1.48 32.16
C VAL A 587 17.35 2.69 32.13
N THR A 588 16.45 2.80 33.12
CA THR A 588 15.59 3.95 33.19
C THR A 588 16.23 4.95 34.14
N VAL A 589 16.39 6.16 33.64
CA VAL A 589 16.97 7.21 34.41
C VAL A 589 15.84 8.22 34.55
N ARG A 590 15.64 8.74 35.76
CA ARG A 590 14.71 9.81 36.00
C ARG A 590 15.45 11.13 35.77
N PHE A 591 15.01 11.97 34.84
CA PHE A 591 15.60 13.29 34.62
C PHE A 591 14.67 14.26 35.32
N VAL A 592 15.23 15.13 36.16
CA VAL A 592 14.47 16.12 36.90
C VAL A 592 15.11 17.46 36.56
N ILE A 593 14.35 18.46 36.09
CA ILE A 593 14.93 19.76 35.82
C ILE A 593 14.14 20.77 36.61
N ASN A 594 14.86 21.54 37.39
CA ASN A 594 14.25 22.58 38.18
C ASN A 594 14.28 23.89 37.44
N ASN A 595 13.40 24.77 37.88
CA ASN A 595 13.33 26.14 37.43
C ASN A 595 13.13 26.30 35.94
N ALA A 596 12.28 25.45 35.36
CA ALA A 596 11.99 25.49 33.96
C ALA A 596 10.57 25.98 33.91
N THR A 597 10.45 27.29 33.95
CA THR A 597 9.15 27.92 33.93
C THR A 597 8.66 27.89 32.48
N THR A 598 7.38 27.71 32.18
CA THR A 598 6.92 27.68 30.81
C THR A 598 5.68 28.55 30.66
N ALA A 599 5.39 28.87 29.40
CA ALA A 599 4.19 29.58 29.04
C ALA A 599 3.06 28.57 28.90
N LEU A 600 1.82 29.00 28.67
CA LEU A 600 0.74 28.09 28.38
C LEU A 600 1.07 27.38 27.07
N GLY A 601 0.87 26.07 27.05
CA GLY A 601 1.13 25.28 25.87
C GLY A 601 2.63 25.03 25.67
N GLN A 602 3.50 25.48 26.58
CA GLN A 602 4.91 25.22 26.43
C GLN A 602 5.28 24.14 27.43
N ASN A 603 6.00 23.14 26.96
CA ASN A 603 6.37 22.03 27.79
C ASN A 603 7.84 21.81 27.66
N VAL A 604 8.41 21.11 28.65
CA VAL A 604 9.83 20.79 28.67
C VAL A 604 9.98 19.39 28.11
N PHE A 605 11.03 19.21 27.32
CA PHE A 605 11.39 17.96 26.69
C PHE A 605 12.87 17.79 26.95
N LEU A 606 13.36 16.62 26.59
CA LEU A 606 14.74 16.23 26.77
C LEU A 606 15.26 15.68 25.45
N THR A 607 16.44 15.97 24.93
CA THR A 607 16.92 15.22 23.80
C THR A 607 18.42 15.06 24.04
N GLY A 608 19.09 14.27 23.27
CA GLY A 608 20.48 14.07 23.49
C GLY A 608 21.02 13.28 22.34
N ASN A 609 22.22 12.83 22.57
CA ASN A 609 23.03 12.28 21.51
C ASN A 609 22.90 10.81 21.21
N VAL A 610 21.88 10.11 21.68
CA VAL A 610 21.75 8.68 21.40
C VAL A 610 20.36 8.55 20.81
N SER A 611 20.09 7.50 20.06
CA SER A 611 18.81 7.37 19.40
C SER A 611 17.67 7.34 20.39
N GLU A 612 18.00 6.84 21.59
CA GLU A 612 17.01 6.73 22.65
C GLU A 612 16.53 8.07 23.10
N LEU A 613 17.33 9.11 22.91
CA LEU A 613 16.93 10.46 23.22
C LEU A 613 16.60 11.29 21.99
N GLY A 614 16.39 10.66 20.84
CA GLY A 614 15.99 11.34 19.63
C GLY A 614 17.13 11.91 18.86
N ASN A 615 18.38 11.60 19.17
CA ASN A 615 19.55 12.11 18.46
C ASN A 615 19.60 13.60 18.13
N TRP A 616 19.35 14.41 19.16
CA TRP A 616 19.37 15.87 19.12
C TRP A 616 18.28 16.52 18.31
N ASP A 617 17.31 15.73 17.86
CA ASP A 617 16.25 16.25 17.04
C ASP A 617 15.07 16.69 17.89
N PRO A 618 14.70 17.98 17.92
CA PRO A 618 13.56 18.51 18.68
C PRO A 618 12.26 17.83 18.37
N ASN A 619 12.05 17.39 17.13
CA ASN A 619 10.85 16.64 16.75
C ASN A 619 10.84 15.26 17.37
N ASN A 620 11.99 14.72 17.75
CA ASN A 620 12.08 13.42 18.40
C ASN A 620 12.44 13.52 19.87
N ALA A 621 12.37 14.70 20.50
CA ALA A 621 12.76 14.85 21.89
C ALA A 621 11.79 14.09 22.79
N ILE A 622 12.27 13.68 23.97
CA ILE A 622 11.48 12.93 24.93
C ILE A 622 10.63 13.92 25.72
N GLY A 623 9.35 13.66 25.80
CA GLY A 623 8.49 14.49 26.59
C GLY A 623 7.14 14.61 25.96
N PRO A 624 6.25 15.53 26.36
CA PRO A 624 6.43 16.49 27.45
C PRO A 624 6.68 15.79 28.79
N MET A 625 7.61 16.36 29.55
CA MET A 625 7.93 15.87 30.85
C MET A 625 6.76 16.17 31.77
N TYR A 626 6.77 15.57 32.95
CA TYR A 626 5.73 15.66 33.94
C TYR A 626 6.07 16.74 34.93
N ASN A 627 5.12 17.28 35.67
CA ASN A 627 5.44 18.35 36.60
C ASN A 627 4.37 18.50 37.68
N GLN A 628 3.66 17.43 38.10
CA GLN A 628 2.59 17.55 39.10
C GLN A 628 2.75 16.62 40.28
N VAL A 629 2.96 15.32 40.10
CA VAL A 629 2.99 14.39 41.23
C VAL A 629 4.35 14.22 41.92
N VAL A 630 5.39 13.65 41.30
CA VAL A 630 6.63 13.39 41.99
C VAL A 630 7.33 14.70 42.29
N TYR A 631 7.25 15.63 41.35
CA TYR A 631 7.86 16.94 41.49
C TYR A 631 6.80 17.82 40.87
N GLN A 632 6.76 19.07 41.33
CA GLN A 632 5.79 20.03 40.87
C GLN A 632 6.50 21.18 40.18
N TYR A 633 5.81 21.67 39.18
CA TYR A 633 6.22 22.80 38.38
C TYR A 633 6.75 23.95 39.27
N PRO A 634 7.84 24.67 38.98
CA PRO A 634 8.62 24.52 37.76
C PRO A 634 9.66 23.45 37.71
N THR A 635 9.55 22.39 38.51
CA THR A 635 10.42 21.27 38.36
C THR A 635 9.64 20.28 37.51
N TRP A 636 10.30 19.74 36.50
CA TRP A 636 9.69 18.79 35.61
C TRP A 636 10.47 17.51 35.76
N TYR A 637 9.87 16.36 35.53
CA TYR A 637 10.62 15.12 35.63
C TYR A 637 10.12 14.12 34.60
N TYR A 638 10.92 13.11 34.23
CA TYR A 638 10.50 12.10 33.29
C TYR A 638 11.39 10.90 33.44
N ASP A 639 10.83 9.71 33.34
CA ASP A 639 11.57 8.46 33.43
C ASP A 639 11.86 7.99 32.03
N VAL A 640 13.10 7.84 31.65
CA VAL A 640 13.48 7.67 30.25
C VAL A 640 14.40 6.47 30.16
N SER A 641 14.16 5.64 29.16
CA SER A 641 15.02 4.50 28.94
C SER A 641 16.22 5.01 28.15
N VAL A 642 17.41 4.77 28.64
CA VAL A 642 18.64 5.25 28.03
C VAL A 642 19.65 4.12 27.99
N PRO A 643 20.67 4.13 27.13
CA PRO A 643 21.64 3.07 27.08
C PRO A 643 22.42 3.02 28.37
N ALA A 644 22.60 1.80 28.85
CA ALA A 644 23.26 1.50 30.09
C ALA A 644 24.75 1.59 29.95
N GLY A 645 25.44 2.03 31.02
CA GLY A 645 26.89 2.03 31.12
C GLY A 645 27.55 3.04 30.22
N GLN A 646 26.97 4.18 29.90
CA GLN A 646 27.67 5.10 29.05
C GLN A 646 27.36 6.56 29.30
N THR A 647 28.24 7.41 28.79
CA THR A 647 28.07 8.85 28.93
C THR A 647 27.26 9.34 27.75
N ILE A 648 26.08 9.84 28.07
CA ILE A 648 25.22 10.44 27.08
C ILE A 648 25.37 11.96 27.26
N GLU A 649 25.10 12.68 26.20
CA GLU A 649 25.06 14.12 26.23
C GLU A 649 23.63 14.42 25.96
N PHE A 650 23.14 15.47 26.59
CA PHE A 650 21.76 15.84 26.52
C PHE A 650 21.58 17.29 26.89
N LYS A 651 20.43 17.84 26.54
CA LYS A 651 20.03 19.18 26.86
C LYS A 651 18.54 19.13 27.00
N PHE A 652 18.00 20.06 27.80
CA PHE A 652 16.57 20.20 27.89
C PHE A 652 16.19 21.29 26.91
N LEU A 653 14.94 21.32 26.51
CA LEU A 653 14.40 22.32 25.61
C LEU A 653 12.95 22.52 25.99
N LYS A 654 12.40 23.68 25.71
CA LYS A 654 11.00 23.95 25.92
C LYS A 654 10.43 23.95 24.52
N LYS A 655 9.25 23.41 24.25
CA LYS A 655 8.69 23.48 22.93
C LYS A 655 7.30 24.01 23.10
N GLN A 656 6.89 24.97 22.29
CA GLN A 656 5.50 25.39 22.26
C GLN A 656 5.20 25.51 20.78
N GLY A 657 4.31 24.67 20.30
CA GLY A 657 4.02 24.65 18.88
C GLY A 657 5.31 24.31 18.12
N SER A 658 5.71 25.22 17.25
CA SER A 658 6.89 25.06 16.44
C SER A 658 8.18 25.59 17.08
N THR A 659 8.06 26.29 18.21
CA THR A 659 9.20 27.00 18.75
C THR A 659 9.87 26.13 19.77
N VAL A 660 11.17 25.96 19.56
CA VAL A 660 12.01 25.15 20.42
C VAL A 660 12.86 26.15 21.14
N THR A 661 12.94 26.16 22.47
CA THR A 661 13.87 27.01 23.20
C THR A 661 14.83 26.02 23.86
N TRP A 662 16.10 25.96 23.46
CA TRP A 662 17.09 25.08 24.03
C TRP A 662 17.66 25.75 25.25
N GLU A 663 18.06 24.97 26.26
CA GLU A 663 18.75 25.63 27.34
C GLU A 663 20.14 25.98 26.82
N GLY A 664 20.69 27.02 27.41
CA GLY A 664 21.99 27.51 27.02
C GLY A 664 23.09 26.77 27.74
N GLY A 665 24.32 27.22 27.62
CA GLY A 665 25.43 26.55 28.25
C GLY A 665 25.86 25.34 27.43
N ALA A 666 26.81 24.65 28.05
CA ALA A 666 27.37 23.46 27.45
C ALA A 666 26.35 22.32 27.56
N ASN A 667 26.51 21.32 26.70
CA ASN A 667 25.73 20.10 26.74
C ASN A 667 25.97 19.45 28.09
N ARG A 668 24.94 18.79 28.61
CA ARG A 668 25.07 18.08 29.87
C ARG A 668 25.61 16.71 29.54
N THR A 669 26.34 16.10 30.43
CA THR A 669 26.83 14.75 30.25
C THR A 669 26.32 13.97 31.46
N PHE A 670 26.15 12.67 31.34
CA PHE A 670 25.78 11.89 32.47
C PHE A 670 26.25 10.48 32.16
N THR A 671 26.89 9.78 33.10
CA THR A 671 27.24 8.40 32.85
C THR A 671 26.19 7.49 33.45
N THR A 672 25.46 6.75 32.61
CA THR A 672 24.34 5.97 33.07
C THR A 672 24.82 4.72 33.81
N PRO A 673 24.09 4.21 34.82
CA PRO A 673 24.41 2.97 35.50
C PRO A 673 24.38 1.74 34.58
N THR A 674 24.97 0.60 34.93
CA THR A 674 24.89 -0.59 34.09
C THR A 674 23.58 -1.34 34.29
N SER A 675 22.95 -1.14 35.44
CA SER A 675 21.72 -1.76 35.82
C SER A 675 21.13 -0.87 36.89
N GLY A 676 19.87 -1.12 37.25
CA GLY A 676 19.20 -0.32 38.26
C GLY A 676 18.80 1.01 37.62
N THR A 677 18.53 2.00 38.44
CA THR A 677 18.01 3.24 37.92
C THR A 677 18.92 4.36 38.40
N ALA A 678 18.73 5.59 37.96
CA ALA A 678 19.53 6.71 38.46
C ALA A 678 18.65 7.94 38.33
N THR A 679 18.89 8.99 39.11
CA THR A 679 18.17 10.24 38.98
C THR A 679 19.17 11.34 38.63
N VAL A 680 18.85 12.18 37.64
CA VAL A 680 19.66 13.30 37.17
C VAL A 680 18.85 14.48 37.66
N ASN A 681 19.36 15.30 38.58
CA ASN A 681 18.60 16.40 39.08
C ASN A 681 19.37 17.66 38.70
N VAL A 682 18.90 18.47 37.78
CA VAL A 682 19.64 19.61 37.29
C VAL A 682 18.77 20.86 37.35
N ASN A 683 19.28 21.99 36.90
CA ASN A 683 18.56 23.26 36.97
C ASN A 683 18.66 23.85 35.61
N TRP A 684 17.57 24.41 35.09
CA TRP A 684 17.58 25.00 33.78
C TRP A 684 18.68 26.08 33.66
N GLN A 685 19.49 25.86 32.62
CA GLN A 685 20.58 26.74 32.20
C GLN A 685 19.96 27.67 31.17
N PRO A 686 19.81 28.97 31.45
CA PRO A 686 19.32 29.93 30.46
C PRO A 686 20.34 30.15 29.34
N ALA B 1 13.35 23.24 -11.19
CA ALA B 1 12.10 23.86 -11.54
C ALA B 1 11.09 22.99 -10.78
N PRO B 2 9.88 23.42 -10.44
CA PRO B 2 8.93 22.58 -9.75
C PRO B 2 8.29 21.55 -10.68
N ASP B 3 7.75 20.48 -10.10
CA ASP B 3 7.02 19.45 -10.82
C ASP B 3 5.95 19.98 -11.77
N THR B 4 5.26 21.08 -11.46
CA THR B 4 4.16 21.64 -12.23
C THR B 4 4.60 22.56 -13.38
N SER B 5 5.88 22.83 -13.47
CA SER B 5 6.42 23.65 -14.51
C SER B 5 6.12 23.11 -15.92
N VAL B 6 5.94 24.02 -16.91
CA VAL B 6 5.76 23.65 -18.31
C VAL B 6 7.03 22.97 -18.75
N SER B 7 8.19 23.18 -18.10
CA SER B 7 9.40 22.54 -18.59
C SER B 7 9.55 21.10 -18.21
N ASN B 8 8.66 20.53 -17.40
CA ASN B 8 8.77 19.14 -17.04
C ASN B 8 8.15 18.30 -18.17
N LYS B 9 9.01 17.85 -19.05
CA LYS B 9 8.56 17.10 -20.20
C LYS B 9 8.44 15.63 -19.87
N GLN B 10 8.97 15.21 -18.73
CA GLN B 10 8.99 13.80 -18.41
C GLN B 10 7.72 13.31 -17.81
N ASN B 11 7.03 14.12 -17.01
CA ASN B 11 5.85 13.63 -16.31
C ASN B 11 4.75 14.65 -16.49
N PHE B 12 3.57 14.11 -16.76
CA PHE B 12 2.42 14.91 -17.03
C PHE B 12 1.28 14.66 -16.06
N SER B 13 1.41 14.02 -14.89
CA SER B 13 0.29 13.84 -13.96
C SER B 13 -0.31 15.14 -13.48
N THR B 14 0.43 16.25 -13.47
CA THR B 14 -0.12 17.52 -13.01
C THR B 14 -0.84 18.27 -14.14
N ASP B 15 -0.86 17.69 -15.34
CA ASP B 15 -1.43 18.31 -16.52
C ASP B 15 -2.79 17.78 -16.91
N VAL B 16 -3.47 18.58 -17.74
CA VAL B 16 -4.71 18.16 -18.36
C VAL B 16 -4.40 18.33 -19.86
N ILE B 17 -4.43 17.24 -20.63
CA ILE B 17 -4.16 17.27 -22.03
C ILE B 17 -5.43 17.60 -22.78
N TYR B 18 -5.36 18.41 -23.83
CA TYR B 18 -6.49 18.68 -24.70
C TYR B 18 -6.06 18.11 -26.06
N GLN B 19 -6.80 17.11 -26.54
CA GLN B 19 -6.53 16.39 -27.76
C GLN B 19 -7.24 17.05 -28.92
N ILE B 20 -6.43 17.53 -29.83
CA ILE B 20 -6.86 18.30 -30.97
C ILE B 20 -6.56 17.54 -32.26
N PHE B 21 -7.57 17.42 -33.10
CA PHE B 21 -7.36 16.97 -34.48
C PHE B 21 -7.07 18.29 -35.14
N THR B 22 -5.82 18.62 -35.45
CA THR B 22 -5.48 19.92 -35.99
C THR B 22 -6.39 20.42 -37.10
N ASP B 23 -6.80 19.57 -38.03
CA ASP B 23 -7.62 20.01 -39.12
C ASP B 23 -9.05 20.39 -38.72
N ARG B 24 -9.53 19.96 -37.55
CA ARG B 24 -10.92 20.15 -37.15
C ARG B 24 -11.11 21.15 -36.03
N PHE B 25 -10.04 21.85 -35.69
CA PHE B 25 -10.09 22.79 -34.61
C PHE B 25 -10.18 24.19 -35.17
N SER B 26 -9.13 24.81 -35.69
CA SER B 26 -9.26 26.18 -36.19
C SER B 26 -8.38 26.48 -37.38
N ASP B 27 -9.02 26.97 -38.42
CA ASP B 27 -8.28 27.41 -39.58
C ASP B 27 -7.72 28.81 -39.31
N GLY B 28 -6.53 28.95 -38.75
CA GLY B 28 -5.96 30.28 -38.54
C GLY B 28 -5.29 30.80 -39.79
N ASN B 29 -5.03 29.95 -40.80
CA ASN B 29 -4.43 30.40 -42.04
C ASN B 29 -5.09 29.71 -43.23
N PRO B 30 -5.89 30.41 -44.03
CA PRO B 30 -6.56 29.85 -45.21
C PRO B 30 -5.67 29.62 -46.43
N ALA B 31 -4.56 30.33 -46.51
CA ALA B 31 -3.61 30.17 -47.59
C ALA B 31 -2.92 28.82 -47.61
N ASN B 32 -2.85 28.11 -46.47
CA ASN B 32 -2.25 26.79 -46.47
C ASN B 32 -3.30 25.70 -46.67
N ASN B 33 -4.54 26.07 -46.96
CA ASN B 33 -5.60 25.12 -47.08
C ASN B 33 -5.38 24.36 -48.37
N PRO B 34 -5.51 23.03 -48.34
CA PRO B 34 -5.55 22.19 -49.52
C PRO B 34 -6.60 22.70 -50.50
N THR B 35 -6.51 22.32 -51.77
CA THR B 35 -7.43 22.82 -52.76
C THR B 35 -8.16 21.71 -53.45
N GLY B 36 -9.24 22.08 -54.12
CA GLY B 36 -9.90 21.19 -55.04
C GLY B 36 -10.53 20.01 -54.34
N ALA B 37 -10.28 18.81 -54.83
CA ALA B 37 -10.94 17.63 -54.28
C ALA B 37 -10.54 17.26 -52.86
N ALA B 38 -9.40 17.80 -52.41
CA ALA B 38 -8.87 17.52 -51.11
C ALA B 38 -9.55 18.30 -50.01
N PHE B 39 -10.33 19.31 -50.35
CA PHE B 39 -10.75 20.27 -49.37
C PHE B 39 -12.24 20.46 -49.33
N ASP B 40 -12.70 20.68 -48.12
CA ASP B 40 -14.05 21.08 -47.89
C ASP B 40 -14.05 22.05 -46.72
N GLY B 41 -14.07 23.35 -47.04
CA GLY B 41 -14.10 24.42 -46.08
C GLY B 41 -15.33 24.42 -45.22
N SER B 42 -16.45 23.82 -45.65
CA SER B 42 -17.59 23.77 -44.76
C SER B 42 -17.48 22.60 -43.80
N CYS B 43 -16.51 21.69 -44.00
CA CYS B 43 -16.28 20.53 -43.17
C CYS B 43 -17.53 19.70 -42.96
N THR B 44 -18.29 19.64 -44.04
CA THR B 44 -19.49 18.84 -44.12
C THR B 44 -19.03 17.41 -44.46
N ASN B 45 -17.95 17.23 -45.24
CA ASN B 45 -17.43 15.92 -45.61
C ASN B 45 -16.25 15.81 -44.69
N LEU B 46 -16.46 14.95 -43.71
CA LEU B 46 -15.48 14.79 -42.66
C LEU B 46 -14.30 13.95 -43.04
N ARG B 47 -14.15 13.60 -44.33
CA ARG B 47 -12.99 12.84 -44.78
C ARG B 47 -12.05 13.71 -45.61
N LEU B 48 -12.45 14.97 -45.79
CA LEU B 48 -11.62 15.89 -46.55
C LEU B 48 -10.99 16.86 -45.57
N TYR B 49 -10.03 17.66 -46.03
CA TYR B 49 -9.41 18.66 -45.21
C TYR B 49 -10.41 19.78 -45.03
N CYS B 50 -10.57 20.24 -43.79
CA CYS B 50 -11.44 21.35 -43.48
C CYS B 50 -10.70 22.65 -43.30
N GLY B 51 -9.37 22.59 -43.16
CA GLY B 51 -8.56 23.80 -43.09
C GLY B 51 -7.85 24.15 -41.80
N GLY B 52 -8.16 23.46 -40.71
CA GLY B 52 -7.62 23.71 -39.38
C GLY B 52 -6.12 23.50 -39.37
N ASP B 53 -5.38 24.32 -38.63
CA ASP B 53 -3.94 24.30 -38.75
C ASP B 53 -3.25 24.78 -37.47
N TRP B 54 -1.93 24.89 -37.48
CA TRP B 54 -1.18 25.27 -36.30
C TRP B 54 -1.40 26.72 -35.95
N GLN B 55 -1.53 27.63 -36.92
CA GLN B 55 -1.89 29.01 -36.64
C GLN B 55 -3.23 29.09 -35.89
N GLY B 56 -4.18 28.21 -36.16
CA GLY B 56 -5.46 28.23 -35.50
C GLY B 56 -5.33 27.83 -34.03
N ILE B 57 -4.39 26.94 -33.71
CA ILE B 57 -4.16 26.53 -32.34
C ILE B 57 -3.43 27.68 -31.65
N ILE B 58 -2.45 28.33 -32.26
CA ILE B 58 -1.80 29.51 -31.71
C ILE B 58 -2.85 30.58 -31.41
N ASN B 59 -3.78 30.91 -32.30
CA ASN B 59 -4.85 31.84 -32.03
C ASN B 59 -5.72 31.42 -30.87
N LYS B 60 -5.98 30.14 -30.65
CA LYS B 60 -6.82 29.74 -29.55
C LYS B 60 -6.08 29.70 -28.23
N ILE B 61 -4.75 29.67 -28.23
CA ILE B 61 -3.96 29.81 -27.00
C ILE B 61 -3.91 31.32 -26.66
N ASN B 62 -3.68 32.14 -27.68
CA ASN B 62 -3.60 33.60 -27.56
C ASN B 62 -4.88 34.29 -27.23
N ASP B 63 -6.05 33.87 -27.71
CA ASP B 63 -7.29 34.58 -27.41
C ASP B 63 -7.97 34.13 -26.12
N GLY B 64 -7.30 33.21 -25.42
CA GLY B 64 -7.74 32.75 -24.12
C GLY B 64 -8.67 31.57 -24.14
N TYR B 65 -8.93 30.95 -25.29
CA TYR B 65 -9.88 29.86 -25.28
C TYR B 65 -9.32 28.65 -24.53
N LEU B 66 -8.09 28.22 -24.89
CA LEU B 66 -7.47 27.06 -24.28
C LEU B 66 -6.95 27.33 -22.88
N THR B 67 -6.30 28.47 -22.63
CA THR B 67 -5.74 28.74 -21.31
C THR B 67 -6.85 28.98 -20.30
N GLY B 68 -7.95 29.58 -20.77
CA GLY B 68 -9.12 29.80 -19.95
C GLY B 68 -9.74 28.51 -19.45
N MET B 69 -9.49 27.39 -20.10
CA MET B 69 -10.12 26.16 -19.70
C MET B 69 -9.26 25.47 -18.67
N GLY B 70 -8.03 25.92 -18.49
CA GLY B 70 -7.12 25.31 -17.53
C GLY B 70 -6.33 24.18 -18.15
N ILE B 71 -6.37 24.07 -19.48
CA ILE B 71 -5.65 23.05 -20.22
C ILE B 71 -4.18 23.31 -20.05
N THR B 72 -3.32 22.33 -19.77
CA THR B 72 -1.90 22.63 -19.74
C THR B 72 -1.07 21.80 -20.70
N ALA B 73 -1.70 21.02 -21.58
CA ALA B 73 -0.95 20.31 -22.59
C ALA B 73 -1.92 20.12 -23.74
N ILE B 74 -1.44 20.20 -24.98
CA ILE B 74 -2.29 19.95 -26.12
C ILE B 74 -1.70 18.71 -26.79
N TRP B 75 -2.48 17.86 -27.42
CA TRP B 75 -1.97 16.70 -28.11
C TRP B 75 -2.51 16.92 -29.51
N ILE B 76 -1.65 17.00 -30.50
CA ILE B 76 -2.07 17.32 -31.85
C ILE B 76 -1.74 16.21 -32.84
N SER B 77 -2.44 16.29 -33.99
CA SER B 77 -2.23 15.40 -35.11
C SER B 77 -0.76 15.34 -35.47
N GLN B 78 -0.33 14.19 -36.02
CA GLN B 78 1.04 13.94 -36.44
C GLN B 78 1.45 15.08 -37.36
N PRO B 79 2.56 15.76 -37.07
CA PRO B 79 2.99 16.97 -37.77
C PRO B 79 3.66 16.73 -39.11
N VAL B 80 4.08 15.48 -39.38
CA VAL B 80 4.88 15.13 -40.54
C VAL B 80 4.12 15.13 -41.85
N GLU B 81 4.83 15.35 -42.94
CA GLU B 81 4.22 15.49 -44.25
C GLU B 81 3.50 14.20 -44.57
N ASN B 82 2.26 14.34 -44.96
CA ASN B 82 1.43 13.21 -45.29
C ASN B 82 1.28 13.13 -46.79
N ILE B 83 0.71 12.04 -47.31
CA ILE B 83 0.46 11.97 -48.73
C ILE B 83 -0.60 13.02 -49.11
N TYR B 84 -0.40 13.48 -50.34
CA TYR B 84 -1.26 14.46 -50.97
C TYR B 84 -2.44 13.87 -51.73
N SER B 85 -2.45 12.58 -52.03
CA SER B 85 -3.51 11.92 -52.75
C SER B 85 -4.89 12.07 -52.15
N VAL B 86 -5.92 12.26 -52.95
CA VAL B 86 -7.29 12.14 -52.48
C VAL B 86 -7.59 10.69 -52.90
N ILE B 87 -7.88 9.80 -51.97
CA ILE B 87 -8.10 8.39 -52.23
C ILE B 87 -9.58 8.18 -52.28
N ASN B 88 -10.05 7.41 -53.25
CA ASN B 88 -11.45 7.12 -53.35
C ASN B 88 -11.65 5.72 -52.86
N TYR B 89 -12.32 5.56 -51.72
CA TYR B 89 -12.66 4.24 -51.28
C TYR B 89 -14.14 4.17 -51.49
N SER B 90 -14.43 3.34 -52.49
CA SER B 90 -15.76 2.97 -53.02
C SER B 90 -16.79 4.11 -53.07
N GLY B 91 -16.41 5.10 -53.85
CA GLY B 91 -17.23 6.28 -54.01
C GLY B 91 -16.69 7.40 -53.15
N VAL B 92 -16.24 7.17 -51.91
CA VAL B 92 -15.91 8.30 -51.05
C VAL B 92 -14.44 8.67 -51.12
N ASN B 93 -14.21 9.96 -51.20
CA ASN B 93 -12.88 10.53 -51.22
C ASN B 93 -12.38 10.70 -49.82
N ASN B 94 -11.08 10.48 -49.66
CA ASN B 94 -10.44 10.45 -48.38
C ASN B 94 -9.15 11.16 -48.54
N THR B 95 -8.75 11.97 -47.57
CA THR B 95 -7.47 12.64 -47.64
C THR B 95 -6.74 12.38 -46.32
N ALA B 96 -5.47 12.72 -46.19
CA ALA B 96 -4.69 12.57 -44.98
C ALA B 96 -4.94 13.65 -43.94
N TYR B 97 -6.14 14.22 -43.74
CA TYR B 97 -6.42 15.30 -42.80
C TYR B 97 -6.02 15.05 -41.36
N HIS B 98 -6.12 13.76 -41.02
CA HIS B 98 -5.86 13.20 -39.70
C HIS B 98 -4.39 13.05 -39.39
N GLY B 99 -3.50 13.20 -40.39
CA GLY B 99 -2.07 13.13 -40.17
C GLY B 99 -1.50 11.73 -40.12
N TYR B 100 -2.30 10.65 -40.15
CA TYR B 100 -1.78 9.29 -40.05
C TYR B 100 -1.12 8.64 -41.27
N TRP B 101 -1.05 9.31 -42.43
CA TRP B 101 -0.57 8.68 -43.64
C TRP B 101 0.72 9.38 -44.02
N ALA B 102 1.78 9.15 -43.27
CA ALA B 102 3.02 9.85 -43.51
C ALA B 102 3.71 9.48 -44.83
N ARG B 103 4.32 10.48 -45.48
CA ARG B 103 5.24 10.17 -46.56
C ARG B 103 6.61 10.69 -46.18
N ASP B 104 6.76 11.69 -45.31
CA ASP B 104 8.09 12.12 -44.91
C ASP B 104 8.01 12.59 -43.46
N PHE B 105 8.68 11.85 -42.59
CA PHE B 105 8.68 12.12 -41.17
C PHE B 105 9.63 13.24 -40.77
N LYS B 106 10.29 13.89 -41.72
CA LYS B 106 11.23 14.96 -41.42
C LYS B 106 10.77 16.30 -41.92
N LYS B 107 9.54 16.38 -42.41
CA LYS B 107 8.98 17.59 -42.95
C LYS B 107 7.63 17.79 -42.31
N THR B 108 7.04 18.97 -42.38
CA THR B 108 5.72 19.12 -41.83
C THR B 108 4.70 18.83 -42.91
N ASN B 109 3.46 18.67 -42.48
CA ASN B 109 2.32 18.60 -43.39
C ASN B 109 2.00 20.07 -43.63
N PRO B 110 2.17 20.61 -44.86
CA PRO B 110 1.98 22.03 -45.15
C PRO B 110 0.58 22.56 -44.91
N ALA B 111 -0.45 21.70 -44.83
CA ALA B 111 -1.80 22.15 -44.50
C ALA B 111 -1.89 22.66 -43.06
N TYR B 112 -1.07 22.02 -42.22
CA TYR B 112 -1.00 22.39 -40.83
C TYR B 112 -0.08 23.58 -40.68
N GLY B 113 1.04 23.53 -41.38
CA GLY B 113 1.93 24.67 -41.35
C GLY B 113 3.33 24.30 -41.78
N THR B 114 4.19 25.32 -41.70
CA THR B 114 5.59 25.19 -42.06
C THR B 114 6.35 24.80 -40.79
N MET B 115 7.64 24.51 -40.89
CA MET B 115 8.44 24.32 -39.69
C MET B 115 8.39 25.56 -38.81
N GLN B 116 8.32 26.74 -39.43
CA GLN B 116 8.23 28.01 -38.75
C GLN B 116 6.89 28.09 -37.99
N ASP B 117 5.77 27.65 -38.55
CA ASP B 117 4.52 27.65 -37.82
C ASP B 117 4.55 26.66 -36.66
N PHE B 118 5.25 25.53 -36.86
CA PHE B 118 5.38 24.53 -35.82
C PHE B 118 6.19 25.13 -34.69
N LYS B 119 7.30 25.81 -34.97
CA LYS B 119 8.10 26.43 -33.93
C LYS B 119 7.31 27.55 -33.28
N ASN B 120 6.48 28.35 -33.98
CA ASN B 120 5.66 29.37 -33.34
C ASN B 120 4.65 28.71 -32.44
N LEU B 121 4.11 27.54 -32.80
CA LEU B 121 3.21 26.83 -31.91
C LEU B 121 3.92 26.39 -30.63
N ILE B 122 5.09 25.74 -30.71
CA ILE B 122 5.85 25.32 -29.54
C ILE B 122 6.08 26.52 -28.62
N ASP B 123 6.57 27.61 -29.19
CA ASP B 123 6.90 28.77 -28.39
C ASP B 123 5.68 29.43 -27.81
N THR B 124 4.58 29.58 -28.57
CA THR B 124 3.37 30.18 -28.06
C THR B 124 2.78 29.27 -26.99
N ALA B 125 2.86 27.95 -27.14
CA ALA B 125 2.36 27.05 -26.13
C ALA B 125 3.21 27.18 -24.89
N HIS B 126 4.53 27.11 -24.98
CA HIS B 126 5.38 27.16 -23.80
C HIS B 126 5.25 28.48 -23.06
N ALA B 127 5.13 29.59 -23.80
CA ALA B 127 4.95 30.90 -23.22
C ALA B 127 3.69 30.99 -22.39
N HIS B 128 2.71 30.12 -22.67
CA HIS B 128 1.46 30.14 -21.95
C HIS B 128 1.34 28.90 -21.12
N ASN B 129 2.46 28.30 -20.74
CA ASN B 129 2.55 27.09 -19.93
C ASN B 129 1.73 25.87 -20.35
N ILE B 130 1.69 25.69 -21.66
CA ILE B 130 1.07 24.55 -22.32
C ILE B 130 2.21 23.73 -22.95
N LYS B 131 2.20 22.43 -22.63
CA LYS B 131 3.11 21.45 -23.19
C LYS B 131 2.52 20.94 -24.51
N VAL B 132 3.32 20.47 -25.47
CA VAL B 132 2.83 20.06 -26.79
C VAL B 132 3.19 18.59 -27.00
N ILE B 133 2.18 17.79 -27.24
CA ILE B 133 2.36 16.39 -27.49
C ILE B 133 2.08 16.23 -28.96
N ILE B 134 2.87 15.44 -29.68
CA ILE B 134 2.56 15.16 -31.07
C ILE B 134 2.27 13.65 -31.21
N ASP B 135 1.32 13.30 -32.09
CA ASP B 135 1.23 11.92 -32.55
C ASP B 135 2.47 11.54 -33.35
N PHE B 136 2.90 10.30 -33.29
CA PHE B 136 3.97 9.83 -34.13
C PHE B 136 3.50 8.44 -34.51
N ALA B 137 3.45 8.12 -35.81
CA ALA B 137 2.92 6.87 -36.29
C ALA B 137 3.95 6.12 -37.11
N PRO B 138 4.96 5.53 -36.44
CA PRO B 138 6.07 4.86 -37.08
C PRO B 138 5.73 3.45 -37.58
N ASN B 139 4.47 3.02 -37.56
CA ASN B 139 4.17 1.69 -37.98
C ASN B 139 4.07 1.59 -39.49
N HIS B 140 3.76 2.67 -40.16
CA HIS B 140 3.37 2.60 -41.56
C HIS B 140 3.59 3.96 -42.19
N THR B 141 3.49 3.99 -43.53
CA THR B 141 3.48 5.25 -44.22
C THR B 141 2.03 5.56 -44.60
N SER B 142 1.52 4.96 -45.68
CA SER B 142 0.20 5.33 -46.19
C SER B 142 -0.45 4.22 -47.01
N PRO B 143 -1.73 4.31 -47.43
CA PRO B 143 -2.40 3.37 -48.30
C PRO B 143 -1.55 3.02 -49.51
N ALA B 144 -1.33 1.75 -49.76
CA ALA B 144 -0.50 1.34 -50.86
C ALA B 144 -1.00 0.00 -51.39
N SER B 145 -0.80 -0.22 -52.68
CA SER B 145 -1.09 -1.48 -53.29
C SER B 145 0.18 -1.80 -54.06
N SER B 146 0.92 -2.88 -53.76
CA SER B 146 2.10 -3.20 -54.56
C SER B 146 1.69 -3.61 -55.98
N ASP B 147 0.48 -4.13 -56.14
CA ASP B 147 -0.05 -4.51 -57.44
C ASP B 147 -0.32 -3.37 -58.36
N ASP B 148 -0.82 -2.31 -57.76
CA ASP B 148 -1.18 -1.13 -58.50
C ASP B 148 -0.34 0.04 -58.00
N PRO B 149 0.85 0.31 -58.57
CA PRO B 149 1.70 1.42 -58.20
C PRO B 149 1.00 2.78 -58.33
N SER B 150 -0.14 2.89 -59.03
CA SER B 150 -0.79 4.19 -59.19
C SER B 150 -1.75 4.52 -58.07
N PHE B 151 -2.09 3.55 -57.23
CA PHE B 151 -3.00 3.79 -56.12
C PHE B 151 -2.34 4.74 -55.08
N ALA B 152 -2.96 5.86 -54.69
CA ALA B 152 -2.42 6.80 -53.68
C ALA B 152 -0.99 7.17 -54.03
N GLU B 153 0.02 7.18 -53.16
CA GLU B 153 1.41 7.47 -53.55
C GLU B 153 2.24 6.23 -53.37
N ASN B 154 1.59 5.08 -53.50
CA ASN B 154 2.24 3.79 -53.38
C ASN B 154 3.09 3.65 -52.12
N GLY B 155 2.53 4.20 -51.05
CA GLY B 155 3.13 4.26 -49.72
C GLY B 155 4.54 4.78 -49.66
N ARG B 156 4.95 5.64 -50.61
CA ARG B 156 6.33 6.08 -50.67
C ARG B 156 6.81 6.82 -49.43
N LEU B 157 8.06 6.53 -49.10
CA LEU B 157 8.69 7.14 -47.95
C LEU B 157 9.85 7.99 -48.43
N TYR B 158 9.92 9.23 -47.99
CA TYR B 158 10.99 10.13 -48.36
C TYR B 158 11.77 10.43 -47.11
N ASP B 159 13.00 10.85 -47.29
CA ASP B 159 13.86 11.21 -46.22
C ASP B 159 14.17 12.63 -46.57
N ASN B 160 13.48 13.57 -45.93
CA ASN B 160 13.60 15.00 -46.19
C ASN B 160 13.67 15.35 -47.68
N GLY B 161 12.72 14.81 -48.45
CA GLY B 161 12.63 15.09 -49.87
C GLY B 161 13.18 13.96 -50.71
N ASN B 162 14.13 13.21 -50.19
CA ASN B 162 14.76 12.12 -50.91
C ASN B 162 13.99 10.83 -50.82
N LEU B 163 13.56 10.32 -51.96
CA LEU B 163 12.81 9.09 -51.96
C LEU B 163 13.65 7.91 -51.49
N LEU B 164 13.10 7.22 -50.50
CA LEU B 164 13.74 6.01 -50.04
C LEU B 164 13.15 4.84 -50.84
N GLY B 165 11.83 4.73 -51.04
CA GLY B 165 11.24 3.64 -51.82
C GLY B 165 9.74 3.64 -51.61
N GLY B 166 9.07 2.91 -52.48
CA GLY B 166 7.64 2.76 -52.47
C GLY B 166 7.35 1.30 -52.18
N TYR B 167 6.07 0.96 -52.15
CA TYR B 167 5.63 -0.37 -51.79
C TYR B 167 5.74 -1.33 -52.98
N THR B 168 5.50 -0.87 -54.19
CA THR B 168 5.73 -1.65 -55.40
C THR B 168 7.23 -1.63 -55.65
N ASN B 169 7.82 -2.77 -56.00
CA ASN B 169 9.24 -2.82 -56.35
C ASN B 169 10.18 -2.40 -55.23
N ASP B 170 9.83 -2.94 -54.08
CA ASP B 170 10.56 -2.63 -52.89
C ASP B 170 11.70 -3.61 -52.80
N THR B 171 12.70 -3.35 -53.63
CA THR B 171 13.90 -4.16 -53.69
C THR B 171 14.67 -4.05 -52.37
N GLN B 172 14.62 -2.89 -51.67
CA GLN B 172 15.27 -2.72 -50.36
C GLN B 172 14.59 -3.36 -49.15
N ASN B 173 13.36 -3.82 -49.28
CA ASN B 173 12.54 -4.33 -48.21
C ASN B 173 12.37 -3.37 -47.03
N LEU B 174 12.02 -2.15 -47.44
CA LEU B 174 11.66 -1.12 -46.50
C LEU B 174 10.33 -1.48 -45.85
N PHE B 175 9.53 -2.31 -46.52
CA PHE B 175 8.18 -2.65 -46.08
C PHE B 175 8.00 -4.16 -45.93
N HIS B 176 6.91 -4.53 -45.27
CA HIS B 176 6.46 -5.90 -45.12
C HIS B 176 5.55 -6.20 -46.28
N HIS B 177 5.73 -7.39 -46.84
CA HIS B 177 4.92 -7.84 -47.97
C HIS B 177 4.38 -9.19 -47.64
N TYR B 178 3.58 -9.21 -46.57
CA TYR B 178 3.03 -10.44 -46.06
C TYR B 178 1.53 -10.42 -46.24
N GLY B 179 0.96 -9.42 -46.89
CA GLY B 179 -0.50 -9.33 -46.93
C GLY B 179 -1.01 -8.53 -45.73
N GLY B 180 -2.31 -8.48 -45.55
CA GLY B 180 -2.91 -7.69 -44.51
C GLY B 180 -3.27 -8.57 -43.32
N THR B 181 -3.33 -7.92 -42.14
CA THR B 181 -3.63 -8.61 -40.91
C THR B 181 -5.13 -8.87 -40.82
N ASP B 182 -5.42 -10.02 -40.24
CA ASP B 182 -6.78 -10.38 -39.88
C ASP B 182 -6.93 -10.15 -38.38
N PHE B 183 -5.90 -9.68 -37.68
CA PHE B 183 -5.90 -9.43 -36.25
C PHE B 183 -6.12 -10.70 -35.43
N SER B 184 -5.75 -11.85 -35.99
CA SER B 184 -5.96 -13.12 -35.31
C SER B 184 -5.01 -13.25 -34.12
N THR B 185 -3.77 -12.85 -34.33
CA THR B 185 -2.80 -12.94 -33.29
C THR B 185 -2.10 -11.59 -33.17
N ILE B 186 -1.28 -11.39 -32.13
CA ILE B 186 -0.54 -10.16 -32.02
C ILE B 186 0.53 -10.21 -33.09
N GLU B 187 1.24 -11.33 -33.26
CA GLU B 187 2.23 -11.54 -34.31
C GLU B 187 1.68 -11.21 -35.68
N ASN B 188 0.51 -11.74 -36.02
CA ASN B 188 -0.15 -11.43 -37.28
C ASN B 188 -0.38 -9.93 -37.46
N GLY B 189 -0.90 -9.27 -36.42
CA GLY B 189 -1.16 -7.84 -36.39
C GLY B 189 0.10 -6.99 -36.40
N ILE B 190 1.26 -7.52 -36.07
CA ILE B 190 2.54 -6.77 -36.11
C ILE B 190 3.21 -6.78 -37.49
N TYR B 191 3.36 -7.98 -38.07
CA TYR B 191 4.10 -8.07 -39.31
C TYR B 191 3.28 -7.98 -40.58
N LYS B 192 1.95 -8.05 -40.53
CA LYS B 192 1.16 -7.84 -41.71
C LYS B 192 0.60 -6.42 -41.68
N ASN B 193 0.13 -5.98 -42.83
CA ASN B 193 -0.36 -4.63 -42.99
C ASN B 193 -1.64 -4.38 -42.22
N LEU B 194 -1.72 -3.21 -41.57
CA LEU B 194 -2.91 -2.74 -40.89
C LEU B 194 -3.78 -2.19 -42.02
N TYR B 195 -4.87 -2.86 -42.39
CA TYR B 195 -5.78 -2.48 -43.48
C TYR B 195 -4.94 -2.37 -44.76
N ASP B 196 -4.81 -1.22 -45.43
CA ASP B 196 -4.00 -1.09 -46.62
C ASP B 196 -2.77 -0.20 -46.42
N LEU B 197 -2.36 0.06 -45.17
CA LEU B 197 -1.24 0.91 -44.89
C LEU B 197 0.04 0.11 -45.08
N ALA B 198 0.93 0.61 -45.93
CA ALA B 198 2.20 -0.01 -46.20
C ALA B 198 2.95 -0.11 -44.89
N ASP B 199 3.10 -1.33 -44.44
CA ASP B 199 3.71 -1.59 -43.17
C ASP B 199 5.21 -1.46 -43.16
N LEU B 200 5.77 -0.52 -42.42
CA LEU B 200 7.21 -0.36 -42.37
C LEU B 200 7.87 -1.52 -41.68
N ASN B 201 9.04 -1.80 -42.19
CA ASN B 201 9.85 -2.91 -41.73
C ASN B 201 10.98 -2.40 -40.85
N HIS B 202 10.79 -2.42 -39.54
CA HIS B 202 11.77 -1.86 -38.61
C HIS B 202 13.05 -2.70 -38.47
N ASN B 203 13.05 -3.89 -39.10
CA ASN B 203 14.23 -4.74 -39.13
C ASN B 203 15.13 -4.25 -40.25
N ASN B 204 14.70 -3.38 -41.14
CA ASN B 204 15.60 -2.85 -42.16
C ASN B 204 16.38 -1.73 -41.46
N SER B 205 17.73 -1.72 -41.37
CA SER B 205 18.48 -0.64 -40.74
C SER B 205 18.17 0.74 -41.26
N SER B 206 17.91 0.93 -42.56
CA SER B 206 17.56 2.24 -43.10
C SER B 206 16.31 2.74 -42.42
N VAL B 207 15.29 1.88 -42.25
CA VAL B 207 14.02 2.30 -41.66
C VAL B 207 14.19 2.55 -40.17
N ASP B 208 14.87 1.63 -39.48
CA ASP B 208 15.16 1.78 -38.07
C ASP B 208 15.85 3.11 -37.77
N VAL B 209 17.00 3.41 -38.39
CA VAL B 209 17.77 4.61 -38.15
C VAL B 209 17.04 5.87 -38.57
N TYR B 210 16.29 5.84 -39.67
CA TYR B 210 15.52 6.96 -40.13
C TYR B 210 14.45 7.35 -39.12
N LEU B 211 13.67 6.41 -38.61
CA LEU B 211 12.61 6.74 -37.69
C LEU B 211 13.15 7.26 -36.39
N LYS B 212 14.29 6.76 -35.94
CA LYS B 212 14.95 7.26 -34.74
C LYS B 212 15.59 8.63 -35.01
N ASP B 213 16.17 8.89 -36.20
CA ASP B 213 16.62 10.24 -36.54
C ASP B 213 15.42 11.15 -36.62
N ALA B 214 14.30 10.72 -37.19
CA ALA B 214 13.11 11.56 -37.30
C ALA B 214 12.57 11.93 -35.91
N ILE B 215 12.46 11.01 -34.96
CA ILE B 215 11.92 11.40 -33.66
C ILE B 215 12.90 12.32 -32.95
N LYS B 216 14.22 12.13 -33.02
CA LYS B 216 15.11 13.06 -32.37
C LYS B 216 14.96 14.43 -32.95
N MET B 217 14.70 14.56 -34.24
CA MET B 217 14.49 15.85 -34.88
C MET B 217 13.30 16.55 -34.25
N TRP B 218 12.17 15.87 -34.04
CA TRP B 218 11.03 16.50 -33.41
C TRP B 218 11.31 16.77 -31.92
N LEU B 219 12.11 15.97 -31.20
CA LEU B 219 12.50 16.27 -29.83
C LEU B 219 13.35 17.51 -29.86
N ASP B 220 14.18 17.72 -30.88
CA ASP B 220 14.96 18.92 -31.04
C ASP B 220 14.16 20.15 -31.29
N LEU B 221 13.01 20.01 -31.94
CA LEU B 221 12.12 21.13 -32.12
C LEU B 221 11.37 21.53 -30.84
N GLY B 222 11.54 20.80 -29.73
CA GLY B 222 10.99 21.16 -28.44
C GLY B 222 9.68 20.51 -28.05
N VAL B 223 9.29 19.40 -28.67
CA VAL B 223 7.99 18.81 -28.31
C VAL B 223 8.14 18.23 -26.90
N ASP B 224 7.05 18.20 -26.15
CA ASP B 224 7.12 17.78 -24.77
C ASP B 224 6.61 16.39 -24.55
N GLY B 225 5.96 15.78 -25.53
CA GLY B 225 5.43 14.44 -25.37
C GLY B 225 5.15 13.84 -26.73
N ILE B 226 5.00 12.51 -26.78
CA ILE B 226 4.80 11.75 -28.02
C ILE B 226 3.70 10.75 -27.74
N ARG B 227 2.66 10.77 -28.54
CA ARG B 227 1.66 9.73 -28.48
C ARG B 227 2.03 8.84 -29.67
N VAL B 228 2.47 7.61 -29.42
CA VAL B 228 2.80 6.68 -30.49
C VAL B 228 1.55 5.89 -30.88
N ASP B 229 1.28 5.96 -32.18
CA ASP B 229 0.18 5.24 -32.79
C ASP B 229 0.45 3.74 -32.94
N ALA B 230 -0.60 2.93 -32.79
CA ALA B 230 -0.59 1.49 -33.07
C ALA B 230 0.55 0.68 -32.47
N VAL B 231 0.79 0.86 -31.17
CA VAL B 231 1.88 0.16 -30.53
C VAL B 231 1.66 -1.35 -30.51
N LYS B 232 0.42 -1.80 -30.67
CA LYS B 232 0.12 -3.22 -30.72
C LYS B 232 0.60 -3.83 -32.05
N HIS B 233 0.98 -3.01 -33.02
CA HIS B 233 1.25 -3.46 -34.38
C HIS B 233 2.69 -3.28 -34.83
N MET B 234 3.58 -3.14 -33.85
CA MET B 234 4.99 -3.04 -34.10
C MET B 234 5.63 -3.98 -33.10
N PRO B 235 6.80 -4.55 -33.39
CA PRO B 235 7.47 -5.50 -32.49
C PRO B 235 7.74 -4.82 -31.15
N PHE B 236 7.49 -5.42 -29.97
CA PHE B 236 7.80 -4.80 -28.66
C PHE B 236 9.29 -4.48 -28.58
N GLY B 237 10.20 -5.36 -29.00
CA GLY B 237 11.63 -5.14 -28.94
C GLY B 237 12.04 -3.95 -29.76
N TRP B 238 11.45 -3.69 -30.95
CA TRP B 238 11.84 -2.49 -31.69
C TRP B 238 11.32 -1.28 -30.93
N GLN B 239 10.08 -1.29 -30.40
CA GLN B 239 9.55 -0.15 -29.68
C GLN B 239 10.34 0.16 -28.42
N LYS B 240 10.84 -0.86 -27.74
CA LYS B 240 11.71 -0.64 -26.61
C LYS B 240 13.04 -0.01 -27.06
N SER B 241 13.63 -0.35 -28.23
CA SER B 241 14.87 0.29 -28.64
C SER B 241 14.60 1.71 -29.07
N PHE B 242 13.40 1.96 -29.59
CA PHE B 242 12.97 3.30 -29.94
C PHE B 242 12.74 4.15 -28.67
N MET B 243 12.14 3.60 -27.63
CA MET B 243 11.98 4.35 -26.39
C MET B 243 13.33 4.58 -25.75
N ALA B 244 14.29 3.65 -25.85
CA ALA B 244 15.62 3.92 -25.31
C ALA B 244 16.26 5.03 -26.10
N THR B 245 16.03 5.18 -27.41
CA THR B 245 16.57 6.27 -28.20
C THR B 245 16.03 7.61 -27.70
N ILE B 246 14.73 7.73 -27.43
CA ILE B 246 14.17 8.97 -26.92
C ILE B 246 14.72 9.24 -25.52
N ASN B 247 14.66 8.28 -24.61
CA ASN B 247 15.06 8.44 -23.22
C ASN B 247 16.53 8.63 -22.96
N ASN B 248 17.37 8.11 -23.85
CA ASN B 248 18.80 8.27 -23.72
C ASN B 248 19.28 9.51 -24.43
N TYR B 249 18.36 10.18 -25.10
CA TYR B 249 18.69 11.41 -25.81
C TYR B 249 17.99 12.60 -25.17
N LYS B 250 16.66 12.72 -25.26
CA LYS B 250 15.93 13.81 -24.69
C LYS B 250 14.62 13.23 -24.20
N PRO B 251 14.54 12.74 -22.94
CA PRO B 251 13.38 12.00 -22.45
C PRO B 251 12.16 12.88 -22.36
N VAL B 252 11.08 12.44 -22.99
CA VAL B 252 9.85 13.18 -22.94
C VAL B 252 8.84 12.10 -22.69
N PHE B 253 7.72 12.53 -22.13
CA PHE B 253 6.57 11.70 -21.83
C PHE B 253 6.07 11.03 -23.12
N THR B 254 6.10 9.70 -23.17
CA THR B 254 5.62 9.03 -24.34
C THR B 254 4.58 8.02 -23.90
N PHE B 255 3.50 7.90 -24.66
CA PHE B 255 2.48 6.92 -24.37
C PHE B 255 1.92 6.41 -25.68
N GLY B 256 1.46 5.17 -25.73
CA GLY B 256 1.00 4.60 -26.97
C GLY B 256 -0.48 4.27 -26.90
N GLU B 257 -1.07 3.95 -28.06
CA GLU B 257 -2.44 3.51 -28.18
C GLU B 257 -2.45 2.01 -28.48
N TRP B 258 -3.06 1.26 -27.56
CA TRP B 258 -3.29 -0.18 -27.67
C TRP B 258 -4.75 -0.19 -27.27
N PHE B 259 -5.59 -0.40 -28.27
CA PHE B 259 -7.02 -0.37 -28.09
C PHE B 259 -7.49 -1.52 -27.21
N LEU B 260 -8.39 -1.27 -26.25
CA LEU B 260 -9.00 -2.36 -25.51
C LEU B 260 -10.45 -2.08 -25.63
N GLY B 261 -11.18 -3.18 -25.78
CA GLY B 261 -12.61 -3.18 -25.92
C GLY B 261 -13.24 -3.26 -24.56
N VAL B 262 -14.56 -3.23 -24.57
CA VAL B 262 -15.33 -3.24 -23.35
C VAL B 262 -15.10 -4.56 -22.65
N ASN B 263 -14.76 -4.46 -21.37
CA ASN B 263 -14.45 -5.60 -20.48
C ASN B 263 -13.25 -6.43 -20.94
N GLU B 264 -12.42 -5.81 -21.74
CA GLU B 264 -11.22 -6.48 -22.20
C GLU B 264 -10.10 -6.03 -21.29
N ILE B 265 -9.42 -7.01 -20.71
CA ILE B 265 -8.23 -6.74 -19.93
C ILE B 265 -7.27 -7.70 -20.59
N SER B 266 -6.19 -7.11 -21.04
CA SER B 266 -5.19 -7.84 -21.77
C SER B 266 -3.95 -7.77 -20.92
N PRO B 267 -3.29 -8.91 -20.64
CA PRO B 267 -2.05 -8.97 -19.91
C PRO B 267 -0.90 -8.46 -20.74
N GLU B 268 -0.96 -8.62 -22.07
CA GLU B 268 0.06 -8.08 -22.96
C GLU B 268 0.00 -6.57 -22.94
N TYR B 269 -1.23 -6.03 -22.91
CA TYR B 269 -1.45 -4.61 -22.75
C TYR B 269 -0.74 -4.11 -21.49
N HIS B 270 -0.99 -4.75 -20.36
CA HIS B 270 -0.36 -4.35 -19.12
C HIS B 270 1.11 -4.60 -19.16
N GLN B 271 1.59 -5.67 -19.76
CA GLN B 271 3.01 -5.93 -19.90
C GLN B 271 3.69 -4.85 -20.73
N PHE B 272 3.05 -4.36 -21.79
CA PHE B 272 3.55 -3.29 -22.60
C PHE B 272 3.66 -2.01 -21.78
N ALA B 273 2.63 -1.52 -21.06
CA ALA B 273 2.75 -0.33 -20.23
C ALA B 273 3.85 -0.47 -19.18
N ASN B 274 4.05 -1.67 -18.69
CA ASN B 274 5.03 -1.86 -17.63
C ASN B 274 6.45 -2.05 -18.08
N GLU B 275 6.66 -2.46 -19.32
CA GLU B 275 7.99 -2.83 -19.74
C GLU B 275 8.46 -2.16 -21.01
N SER B 276 7.66 -1.43 -21.77
CA SER B 276 8.17 -0.88 -23.01
C SER B 276 8.96 0.38 -22.83
N GLY B 277 8.76 1.15 -21.76
CA GLY B 277 9.45 2.41 -21.63
C GLY B 277 8.41 3.49 -21.90
N MET B 278 7.19 3.17 -22.38
CA MET B 278 6.19 4.18 -22.59
C MET B 278 4.96 3.75 -21.84
N SER B 279 4.08 4.69 -21.52
CA SER B 279 2.85 4.31 -20.87
C SER B 279 1.77 4.20 -21.93
N LEU B 280 0.51 4.11 -21.56
CA LEU B 280 -0.54 3.88 -22.51
C LEU B 280 -1.73 4.77 -22.31
N LEU B 281 -2.51 4.91 -23.37
CA LEU B 281 -3.82 5.49 -23.26
C LEU B 281 -4.56 4.46 -22.41
N ASP B 282 -5.22 4.88 -21.38
CA ASP B 282 -5.82 3.99 -20.44
C ASP B 282 -7.23 3.64 -20.88
N TYR B 283 -7.29 2.70 -21.84
CA TYR B 283 -8.56 2.21 -22.38
C TYR B 283 -9.33 1.42 -21.34
N ARG B 284 -8.63 0.75 -20.41
CA ARG B 284 -9.30 0.03 -19.36
C ARG B 284 -10.13 1.02 -18.54
N PHE B 285 -9.56 2.16 -18.20
CA PHE B 285 -10.28 3.22 -17.51
C PHE B 285 -11.40 3.78 -18.38
N ALA B 286 -11.09 4.15 -19.63
CA ALA B 286 -12.07 4.78 -20.50
C ALA B 286 -13.34 3.98 -20.74
N GLN B 287 -13.13 2.69 -21.01
CA GLN B 287 -14.22 1.80 -21.33
C GLN B 287 -15.09 1.63 -20.13
N LYS B 288 -14.51 1.40 -18.94
CA LYS B 288 -15.31 1.26 -17.75
C LYS B 288 -16.01 2.57 -17.38
N ALA B 289 -15.33 3.74 -17.47
CA ALA B 289 -16.00 5.02 -17.20
C ALA B 289 -17.17 5.18 -18.18
N ARG B 290 -17.11 4.75 -19.46
CA ARG B 290 -18.23 4.88 -20.38
C ARG B 290 -19.32 3.90 -20.01
N GLN B 291 -19.00 2.71 -19.53
CA GLN B 291 -20.01 1.77 -19.08
C GLN B 291 -20.80 2.32 -17.90
N VAL B 292 -20.12 2.96 -16.97
CA VAL B 292 -20.75 3.47 -15.77
C VAL B 292 -21.43 4.82 -16.01
N PHE B 293 -20.82 5.76 -16.70
CA PHE B 293 -21.35 7.11 -16.82
C PHE B 293 -22.09 7.41 -18.09
N ARG B 294 -21.89 6.57 -19.09
CA ARG B 294 -22.56 6.82 -20.34
C ARG B 294 -23.62 5.80 -20.66
N ASP B 295 -23.18 4.56 -20.71
CA ASP B 295 -23.98 3.50 -21.25
C ASP B 295 -24.78 2.73 -20.25
N ASN B 296 -24.38 2.81 -18.98
CA ASN B 296 -25.05 2.13 -17.90
C ASN B 296 -25.08 0.64 -18.15
N THR B 297 -23.94 0.10 -18.52
CA THR B 297 -23.79 -1.34 -18.65
C THR B 297 -22.95 -1.83 -17.50
N ASP B 298 -22.72 -1.01 -16.48
CA ASP B 298 -22.03 -1.43 -15.27
C ASP B 298 -22.37 -0.38 -14.22
N ASN B 299 -22.08 -0.61 -12.94
CA ASN B 299 -22.41 0.35 -11.90
C ASN B 299 -21.16 0.75 -11.13
N MET B 300 -21.26 1.49 -10.03
CA MET B 300 -20.08 1.94 -9.30
C MET B 300 -19.21 0.85 -8.76
N TYR B 301 -19.69 -0.37 -8.46
CA TYR B 301 -18.80 -1.43 -8.00
C TYR B 301 -17.88 -1.84 -9.14
N GLY B 302 -18.25 -1.68 -10.41
CA GLY B 302 -17.37 -2.00 -11.54
C GLY B 302 -16.29 -0.94 -11.69
N LEU B 303 -16.70 0.30 -11.49
CA LEU B 303 -15.76 1.42 -11.51
C LEU B 303 -14.74 1.24 -10.38
N LYS B 304 -15.19 0.93 -9.16
CA LYS B 304 -14.34 0.63 -8.01
C LYS B 304 -13.38 -0.50 -8.37
N ALA B 305 -13.83 -1.60 -8.98
CA ALA B 305 -12.91 -2.67 -9.31
C ALA B 305 -11.88 -2.27 -10.36
N MET B 306 -12.28 -1.41 -11.32
CA MET B 306 -11.31 -0.92 -12.30
C MET B 306 -10.31 -0.01 -11.63
N LEU B 307 -10.69 0.86 -10.73
CA LEU B 307 -9.72 1.74 -10.09
C LEU B 307 -8.74 0.96 -9.22
N GLU B 308 -9.29 0.02 -8.46
CA GLU B 308 -8.49 -0.76 -7.53
C GLU B 308 -7.56 -1.72 -8.26
N GLY B 309 -8.13 -2.38 -9.27
CA GLY B 309 -7.42 -3.28 -10.14
C GLY B 309 -6.34 -2.58 -10.96
N SER B 310 -6.59 -1.43 -11.57
CA SER B 310 -5.57 -0.82 -12.39
C SER B 310 -4.46 -0.22 -11.59
N GLU B 311 -4.71 0.11 -10.33
CA GLU B 311 -3.65 0.67 -9.50
C GLU B 311 -2.52 -0.33 -9.26
N VAL B 312 -2.89 -1.59 -9.28
CA VAL B 312 -1.93 -2.66 -9.10
C VAL B 312 -1.37 -3.20 -10.42
N ASP B 313 -2.23 -3.42 -11.41
CA ASP B 313 -1.79 -3.93 -12.70
C ASP B 313 -0.89 -3.01 -13.49
N TYR B 314 -1.04 -1.69 -13.38
CA TYR B 314 -0.14 -0.76 -14.03
C TYR B 314 0.93 -0.56 -13.00
N ALA B 315 2.17 -0.81 -13.33
CA ALA B 315 3.26 -0.57 -12.42
C ALA B 315 3.36 0.93 -12.13
N GLN B 316 3.14 1.82 -13.10
CA GLN B 316 3.16 3.25 -12.87
C GLN B 316 1.84 3.83 -13.32
N VAL B 317 0.80 3.70 -12.50
CA VAL B 317 -0.54 4.16 -12.85
C VAL B 317 -0.57 5.67 -13.05
N ASN B 318 0.38 6.44 -12.48
CA ASN B 318 0.33 7.90 -12.65
C ASN B 318 0.73 8.40 -14.03
N ASP B 319 1.23 7.50 -14.88
CA ASP B 319 1.58 7.83 -16.25
C ASP B 319 0.57 7.42 -17.29
N GLN B 320 -0.55 6.80 -16.92
CA GLN B 320 -1.51 6.34 -17.90
C GLN B 320 -2.41 7.49 -18.23
N VAL B 321 -2.72 7.60 -19.51
CA VAL B 321 -3.52 8.72 -19.96
C VAL B 321 -4.97 8.31 -20.04
N THR B 322 -5.78 8.95 -19.21
CA THR B 322 -7.15 8.59 -19.06
C THR B 322 -7.98 9.48 -19.94
N PHE B 323 -9.21 9.11 -20.18
CA PHE B 323 -10.04 9.83 -21.13
C PHE B 323 -11.38 9.12 -21.09
N ILE B 324 -12.38 9.75 -21.62
CA ILE B 324 -13.69 9.14 -21.72
C ILE B 324 -14.07 9.00 -23.19
N ASP B 325 -13.34 9.57 -24.13
CA ASP B 325 -13.57 9.32 -25.54
C ASP B 325 -12.38 9.91 -26.22
N ASN B 326 -12.29 9.66 -27.52
CA ASN B 326 -11.19 10.12 -28.32
C ASN B 326 -11.50 9.86 -29.79
N HIS B 327 -10.52 10.06 -30.65
CA HIS B 327 -10.60 9.84 -32.09
C HIS B 327 -11.09 8.47 -32.56
N ASP B 328 -11.02 7.45 -31.70
CA ASP B 328 -11.42 6.10 -32.04
C ASP B 328 -12.64 5.60 -31.29
N MET B 329 -13.49 6.50 -30.79
CA MET B 329 -14.69 6.08 -30.07
C MET B 329 -15.75 7.03 -30.47
N GLU B 330 -16.97 6.56 -30.34
CA GLU B 330 -18.09 7.44 -30.47
C GLU B 330 -17.94 8.49 -29.38
N ARG B 331 -18.36 9.70 -29.68
CA ARG B 331 -18.32 10.77 -28.72
C ARG B 331 -19.14 10.37 -27.51
N PHE B 332 -18.69 10.75 -26.32
CA PHE B 332 -19.35 10.38 -25.09
C PHE B 332 -20.73 10.97 -25.06
N HIS B 333 -20.90 12.26 -25.32
CA HIS B 333 -22.22 12.85 -25.28
C HIS B 333 -23.04 12.38 -26.48
N THR B 334 -24.29 11.95 -26.29
CA THR B 334 -25.15 11.57 -27.41
C THR B 334 -26.08 12.72 -27.68
N SER B 335 -26.64 12.89 -28.89
CA SER B 335 -27.57 13.99 -29.14
C SER B 335 -28.85 13.70 -28.38
N ASN B 336 -29.22 14.73 -27.64
CA ASN B 336 -30.35 14.70 -26.72
C ASN B 336 -30.19 13.70 -25.59
N GLY B 337 -28.90 13.45 -25.33
CA GLY B 337 -28.48 12.71 -24.17
C GLY B 337 -28.24 13.75 -23.10
N ASP B 338 -28.28 13.26 -21.88
CA ASP B 338 -28.12 14.09 -20.70
C ASP B 338 -26.69 14.62 -20.59
N ARG B 339 -26.56 15.95 -20.75
CA ARG B 339 -25.26 16.60 -20.67
C ARG B 339 -24.61 16.41 -19.33
N ARG B 340 -25.36 16.21 -18.25
CA ARG B 340 -24.78 15.98 -16.93
C ARG B 340 -23.95 14.71 -16.88
N LYS B 341 -24.20 13.74 -17.76
CA LYS B 341 -23.39 12.54 -17.80
C LYS B 341 -21.98 12.87 -18.24
N LEU B 342 -21.86 13.71 -19.25
CA LEU B 342 -20.57 14.12 -19.75
C LEU B 342 -19.87 14.96 -18.70
N GLU B 343 -20.60 15.86 -18.05
CA GLU B 343 -20.03 16.73 -17.04
C GLU B 343 -19.58 15.91 -15.85
N GLN B 344 -20.30 14.89 -15.34
CA GLN B 344 -19.76 14.06 -14.28
C GLN B 344 -18.56 13.27 -14.73
N ALA B 345 -18.58 12.65 -15.93
CA ALA B 345 -17.47 11.84 -16.37
C ALA B 345 -16.23 12.67 -16.58
N LEU B 346 -16.34 13.96 -16.99
CA LEU B 346 -15.19 14.84 -17.10
C LEU B 346 -14.66 15.10 -15.71
N ALA B 347 -15.52 15.38 -14.72
CA ALA B 347 -15.11 15.59 -13.34
C ALA B 347 -14.44 14.38 -12.75
N PHE B 348 -14.98 13.19 -13.06
CA PHE B 348 -14.38 11.93 -12.67
C PHE B 348 -12.98 11.82 -13.26
N THR B 349 -12.78 12.00 -14.57
CA THR B 349 -11.45 11.90 -15.19
C THR B 349 -10.46 12.91 -14.66
N LEU B 350 -10.93 14.16 -14.49
CA LEU B 350 -10.06 15.23 -14.04
C LEU B 350 -9.57 15.02 -12.63
N THR B 351 -10.30 14.29 -11.77
CA THR B 351 -9.89 14.09 -10.39
C THR B 351 -9.32 12.71 -10.12
N SER B 352 -9.19 11.88 -11.18
CA SER B 352 -8.68 10.53 -11.07
C SER B 352 -7.21 10.50 -11.39
N ARG B 353 -6.57 9.39 -11.02
CA ARG B 353 -5.15 9.19 -11.19
C ARG B 353 -4.73 9.14 -12.67
N GLY B 354 -3.48 9.42 -13.00
CA GLY B 354 -3.07 9.35 -14.38
C GLY B 354 -2.96 10.74 -14.97
N VAL B 355 -3.08 10.84 -16.29
CA VAL B 355 -2.89 12.09 -16.99
C VAL B 355 -4.19 12.25 -17.71
N PRO B 356 -5.13 13.12 -17.37
CA PRO B 356 -6.39 13.23 -18.07
C PRO B 356 -6.23 13.88 -19.44
N ALA B 357 -6.86 13.31 -20.46
CA ALA B 357 -6.90 13.88 -21.78
C ALA B 357 -8.38 14.14 -22.13
N ILE B 358 -8.69 15.33 -22.60
CA ILE B 358 -10.04 15.69 -22.97
C ILE B 358 -9.99 15.80 -24.48
N TYR B 359 -10.91 15.16 -25.16
CA TYR B 359 -10.96 15.17 -26.61
C TYR B 359 -11.56 16.51 -27.00
N TYR B 360 -10.99 17.23 -27.96
CA TYR B 360 -11.45 18.56 -28.28
C TYR B 360 -12.96 18.60 -28.53
N GLY B 361 -13.62 19.64 -28.08
CA GLY B 361 -15.03 19.74 -28.34
C GLY B 361 -15.88 19.05 -27.29
N SER B 362 -15.35 18.29 -26.32
CA SER B 362 -16.18 17.74 -25.24
C SER B 362 -16.89 18.84 -24.47
N GLU B 363 -16.18 19.97 -24.28
CA GLU B 363 -16.69 21.13 -23.58
C GLU B 363 -17.72 21.86 -24.39
N GLN B 364 -17.95 21.48 -25.65
CA GLN B 364 -19.00 22.06 -26.47
C GLN B 364 -20.11 21.04 -26.73
N TYR B 365 -20.09 19.91 -26.02
CA TYR B 365 -21.05 18.79 -26.08
C TYR B 365 -21.23 18.24 -27.47
N MET B 366 -20.09 18.05 -28.13
CA MET B 366 -20.06 17.49 -29.46
C MET B 366 -20.53 16.06 -29.41
N SER B 367 -21.42 15.66 -30.31
CA SER B 367 -21.84 14.29 -30.38
C SER B 367 -21.38 13.75 -31.75
N GLY B 368 -21.36 12.43 -31.94
CA GLY B 368 -20.90 11.84 -33.19
C GLY B 368 -20.57 10.39 -32.95
N GLY B 369 -20.76 9.61 -33.99
CA GLY B 369 -20.45 8.21 -33.96
C GLY B 369 -18.98 8.04 -34.21
N ASN B 370 -18.66 6.89 -34.75
CA ASN B 370 -17.28 6.53 -35.01
C ASN B 370 -16.78 7.21 -36.26
N ASP B 371 -15.46 7.25 -36.37
CA ASP B 371 -14.67 7.79 -37.48
C ASP B 371 -15.40 7.80 -38.82
N PRO B 372 -15.53 8.94 -39.53
CA PRO B 372 -15.05 10.27 -39.14
C PRO B 372 -16.03 11.12 -38.35
N ASP B 373 -17.18 10.61 -37.91
CA ASP B 373 -18.20 11.44 -37.27
C ASP B 373 -17.86 11.95 -35.90
N ASN B 374 -16.84 11.37 -35.28
CA ASN B 374 -16.32 11.83 -34.00
C ASN B 374 -15.23 12.87 -34.25
N ARG B 375 -14.95 13.25 -35.51
CA ARG B 375 -13.93 14.23 -35.84
C ARG B 375 -14.55 15.44 -36.52
N ALA B 376 -15.77 15.91 -36.16
CA ALA B 376 -16.36 17.07 -36.84
C ALA B 376 -15.63 18.34 -36.50
N ARG B 377 -15.78 19.45 -37.20
CA ARG B 377 -15.09 20.68 -36.81
C ARG B 377 -15.72 21.08 -35.48
N LEU B 378 -14.99 21.58 -34.49
CA LEU B 378 -15.74 21.91 -33.32
C LEU B 378 -16.51 23.18 -33.58
N PRO B 379 -17.75 23.20 -33.10
CA PRO B 379 -18.76 24.12 -33.58
C PRO B 379 -18.85 25.46 -32.87
N SER B 380 -18.08 25.65 -31.81
CA SER B 380 -18.25 26.81 -30.97
C SER B 380 -17.01 26.91 -30.10
N PHE B 381 -16.69 28.15 -29.76
CA PHE B 381 -15.61 28.41 -28.85
C PHE B 381 -16.18 29.16 -27.65
N SER B 382 -17.39 28.82 -27.23
CA SER B 382 -18.02 29.42 -26.07
C SER B 382 -17.26 29.02 -24.81
N THR B 383 -16.97 29.97 -23.90
CA THR B 383 -16.25 29.65 -22.70
C THR B 383 -17.21 29.59 -21.52
N THR B 384 -18.53 29.55 -21.73
CA THR B 384 -19.43 29.52 -20.62
C THR B 384 -20.30 28.28 -20.55
N THR B 385 -19.97 27.21 -21.29
CA THR B 385 -20.73 25.98 -21.16
C THR B 385 -20.39 25.44 -19.77
N THR B 386 -21.28 24.71 -19.10
CA THR B 386 -20.97 24.12 -17.82
C THR B 386 -19.77 23.21 -17.96
N ALA B 387 -19.63 22.49 -19.08
CA ALA B 387 -18.51 21.60 -19.26
C ALA B 387 -17.21 22.38 -19.27
N TYR B 388 -17.18 23.56 -19.92
CA TYR B 388 -15.98 24.38 -19.92
C TYR B 388 -15.66 24.79 -18.48
N GLN B 389 -16.66 25.19 -17.71
CA GLN B 389 -16.45 25.60 -16.32
C GLN B 389 -16.02 24.47 -15.43
N VAL B 390 -16.50 23.24 -15.66
CA VAL B 390 -16.07 22.08 -14.90
C VAL B 390 -14.58 21.87 -15.16
N ILE B 391 -14.10 21.95 -16.40
CA ILE B 391 -12.69 21.75 -16.67
C ILE B 391 -11.90 22.89 -16.05
N GLN B 392 -12.40 24.09 -16.19
CA GLN B 392 -11.76 25.26 -15.64
C GLN B 392 -11.61 25.16 -14.12
N LYS B 393 -12.60 24.61 -13.42
CA LYS B 393 -12.50 24.51 -11.98
C LYS B 393 -11.63 23.38 -11.51
N LEU B 394 -11.62 22.25 -12.23
CA LEU B 394 -10.88 21.08 -11.79
C LEU B 394 -9.49 20.86 -12.33
N ALA B 395 -9.23 21.28 -13.56
CA ALA B 395 -7.93 21.16 -14.18
C ALA B 395 -6.85 21.78 -13.30
N PRO B 396 -6.95 22.99 -12.75
CA PRO B 396 -5.91 23.59 -11.94
C PRO B 396 -5.59 22.79 -10.71
N LEU B 397 -6.52 22.00 -10.19
CA LEU B 397 -6.29 21.23 -8.98
C LEU B 397 -5.21 20.23 -9.23
N ARG B 398 -4.90 19.83 -10.47
CA ARG B 398 -3.82 18.85 -10.67
C ARG B 398 -2.45 19.50 -10.50
N LYS B 399 -2.42 20.81 -10.68
CA LYS B 399 -1.22 21.58 -10.44
C LYS B 399 -1.14 21.97 -8.98
N SER B 400 -2.24 22.36 -8.34
CA SER B 400 -2.21 22.83 -6.95
C SER B 400 -2.34 21.74 -5.89
N ASN B 401 -3.07 20.65 -6.10
CA ASN B 401 -3.26 19.63 -5.10
C ASN B 401 -2.55 18.36 -5.50
N PRO B 402 -1.42 17.99 -4.90
CA PRO B 402 -0.68 16.78 -5.28
C PRO B 402 -1.44 15.51 -5.00
N ALA B 403 -2.52 15.50 -4.20
CA ALA B 403 -3.30 14.28 -3.98
C ALA B 403 -3.98 13.93 -5.29
N ILE B 404 -4.40 14.93 -6.08
CA ILE B 404 -5.04 14.68 -7.36
C ILE B 404 -3.98 14.35 -8.39
N ALA B 405 -2.85 15.08 -8.39
CA ALA B 405 -1.82 14.76 -9.33
C ALA B 405 -1.16 13.41 -9.04
N TYR B 406 -0.96 12.96 -7.80
CA TYR B 406 -0.15 11.80 -7.52
C TYR B 406 -0.74 10.79 -6.59
N GLY B 407 -1.87 11.11 -6.01
CA GLY B 407 -2.35 10.34 -4.90
C GLY B 407 -2.92 8.98 -5.20
N SER B 408 -2.97 8.21 -4.12
CA SER B 408 -3.58 6.90 -4.09
C SER B 408 -5.09 7.12 -4.30
N THR B 409 -5.87 6.16 -4.77
CA THR B 409 -7.30 6.34 -4.90
C THR B 409 -7.84 5.34 -3.89
N HIS B 410 -8.80 5.82 -3.11
CA HIS B 410 -9.36 5.08 -2.02
C HIS B 410 -10.86 5.21 -2.02
N GLU B 411 -11.66 4.18 -2.24
CA GLU B 411 -13.11 4.30 -2.18
C GLU B 411 -13.48 4.44 -0.70
N ARG B 412 -14.27 5.42 -0.35
CA ARG B 412 -14.68 5.66 1.02
C ARG B 412 -16.15 5.39 1.20
N TRP B 413 -16.97 5.51 0.16
CA TRP B 413 -18.39 5.21 0.28
C TRP B 413 -18.85 4.77 -1.11
N ILE B 414 -19.77 3.81 -1.18
CA ILE B 414 -20.25 3.31 -2.45
C ILE B 414 -21.58 2.60 -2.27
N ASN B 415 -22.32 2.65 -3.36
CA ASN B 415 -23.50 1.84 -3.56
C ASN B 415 -23.60 1.77 -5.08
N ASN B 416 -24.68 1.31 -5.69
CA ASN B 416 -24.78 1.18 -7.15
C ASN B 416 -24.57 2.40 -7.99
N ASP B 417 -25.03 3.54 -7.47
CA ASP B 417 -24.95 4.79 -8.19
C ASP B 417 -24.04 5.88 -7.66
N VAL B 418 -23.42 5.74 -6.50
CA VAL B 418 -22.69 6.80 -5.85
C VAL B 418 -21.33 6.22 -5.59
N ILE B 419 -20.27 6.93 -5.89
CA ILE B 419 -18.99 6.49 -5.38
C ILE B 419 -18.43 7.77 -4.77
N ILE B 420 -17.78 7.65 -3.62
CA ILE B 420 -17.08 8.76 -3.03
C ILE B 420 -15.68 8.23 -2.86
N TYR B 421 -14.71 8.80 -3.57
CA TYR B 421 -13.34 8.32 -3.45
C TYR B 421 -12.45 9.42 -2.97
N GLU B 422 -11.37 9.00 -2.39
CA GLU B 422 -10.41 9.89 -1.83
C GLU B 422 -9.06 9.67 -2.50
N ARG B 423 -8.46 10.80 -2.82
CA ARG B 423 -7.14 10.89 -3.39
C ARG B 423 -6.33 11.39 -2.20
N LYS B 424 -5.21 10.75 -1.95
CA LYS B 424 -4.41 11.13 -0.82
C LYS B 424 -2.97 11.03 -1.21
N PHE B 425 -2.22 12.10 -0.96
CA PHE B 425 -0.78 12.13 -1.21
C PHE B 425 -0.20 12.88 -0.03
N GLY B 426 0.54 12.22 0.86
CA GLY B 426 1.05 12.85 2.09
C GLY B 426 -0.15 13.26 2.90
N ASN B 427 -0.30 14.52 3.28
CA ASN B 427 -1.51 14.92 3.96
C ASN B 427 -2.43 15.77 3.11
N ASN B 428 -2.25 15.72 1.79
CA ASN B 428 -3.11 16.45 0.87
C ASN B 428 -4.19 15.48 0.58
N VAL B 429 -5.43 15.91 0.48
CA VAL B 429 -6.57 15.04 0.34
C VAL B 429 -7.45 15.70 -0.69
N ALA B 430 -8.15 14.92 -1.50
CA ALA B 430 -9.21 15.41 -2.37
C ALA B 430 -10.28 14.36 -2.17
N VAL B 431 -11.56 14.68 -2.07
CA VAL B 431 -12.61 13.70 -1.87
C VAL B 431 -13.60 14.08 -2.95
N VAL B 432 -14.07 13.12 -3.74
CA VAL B 432 -14.94 13.42 -4.85
C VAL B 432 -16.13 12.54 -4.62
N ALA B 433 -17.33 13.11 -4.61
CA ALA B 433 -18.55 12.36 -4.42
C ALA B 433 -19.31 12.49 -5.74
N ILE B 434 -19.75 11.37 -6.34
CA ILE B 434 -20.44 11.39 -7.61
C ILE B 434 -21.69 10.54 -7.45
N ASN B 435 -22.84 11.10 -7.80
CA ASN B 435 -24.09 10.39 -7.76
C ASN B 435 -24.45 10.31 -9.23
N ARG B 436 -24.29 9.19 -9.91
CA ARG B 436 -24.65 9.14 -11.32
C ARG B 436 -26.15 9.02 -11.56
N ASN B 437 -26.93 8.78 -10.52
CA ASN B 437 -28.35 8.67 -10.69
C ASN B 437 -28.88 10.08 -10.75
N MET B 438 -29.46 10.35 -11.91
CA MET B 438 -29.99 11.63 -12.25
C MET B 438 -31.38 11.89 -11.69
N ASN B 439 -32.04 10.94 -11.07
CA ASN B 439 -33.40 11.18 -10.59
C ASN B 439 -33.48 10.97 -9.10
N THR B 440 -32.52 10.31 -8.48
CA THR B 440 -32.64 9.99 -7.08
C THR B 440 -31.48 10.60 -6.35
N PRO B 441 -31.72 11.42 -5.31
CA PRO B 441 -30.69 11.82 -4.38
C PRO B 441 -30.14 10.64 -3.59
N ALA B 442 -29.03 10.79 -2.86
CA ALA B 442 -28.44 9.71 -2.09
C ALA B 442 -28.14 10.22 -0.70
N SER B 443 -28.52 9.55 0.40
CA SER B 443 -28.21 10.00 1.75
C SER B 443 -26.93 9.33 2.18
N ILE B 444 -25.91 10.18 2.34
CA ILE B 444 -24.61 9.68 2.69
C ILE B 444 -24.47 9.84 4.18
N THR B 445 -24.47 8.65 4.76
CA THR B 445 -24.31 8.50 6.19
C THR B 445 -23.12 7.59 6.29
N GLY B 446 -22.22 7.95 7.18
CA GLY B 446 -21.11 7.07 7.46
C GLY B 446 -19.86 7.39 6.67
N LEU B 447 -19.81 8.53 5.96
CA LEU B 447 -18.62 8.84 5.20
C LEU B 447 -17.49 9.20 6.14
N VAL B 448 -16.34 8.53 6.05
CA VAL B 448 -15.14 8.86 6.78
C VAL B 448 -14.14 9.26 5.70
N THR B 449 -13.42 10.33 5.99
CA THR B 449 -12.43 10.89 5.08
C THR B 449 -11.14 11.20 5.83
N SER B 450 -10.06 11.56 5.15
CA SER B 450 -8.86 12.01 5.83
C SER B 450 -8.92 13.53 5.91
N LEU B 451 -10.03 14.20 5.64
CA LEU B 451 -10.03 15.63 5.71
C LEU B 451 -10.03 15.99 7.19
N PRO B 452 -9.33 17.07 7.53
CA PRO B 452 -9.39 17.67 8.86
C PRO B 452 -10.80 18.07 9.22
N ARG B 453 -11.09 18.16 10.52
CA ARG B 453 -12.36 18.66 10.96
C ARG B 453 -12.56 20.06 10.38
N GLY B 454 -13.73 20.41 9.86
CA GLY B 454 -13.94 21.73 9.33
C GLY B 454 -15.01 21.65 8.27
N SER B 455 -15.31 22.75 7.55
CA SER B 455 -16.30 22.71 6.48
C SER B 455 -15.57 22.96 5.19
N TYR B 456 -15.96 22.25 4.13
CA TYR B 456 -15.24 22.27 2.88
C TYR B 456 -16.21 22.71 1.84
N ASN B 457 -15.91 23.78 1.11
CA ASN B 457 -16.80 24.12 0.01
C ASN B 457 -16.54 23.10 -1.10
N ASP B 458 -17.56 22.81 -1.89
CA ASP B 458 -17.37 22.06 -3.10
C ASP B 458 -16.49 22.91 -4.00
N VAL B 459 -15.32 22.50 -4.54
CA VAL B 459 -14.55 23.41 -5.38
C VAL B 459 -15.25 23.63 -6.71
N LEU B 460 -16.23 22.81 -7.07
CA LEU B 460 -17.01 23.08 -8.27
C LEU B 460 -18.05 24.16 -7.99
N GLY B 461 -18.11 24.70 -6.77
CA GLY B 461 -18.99 25.84 -6.45
C GLY B 461 -20.46 25.51 -6.62
N GLY B 462 -20.80 24.23 -6.50
CA GLY B 462 -22.17 23.78 -6.65
C GLY B 462 -22.60 23.67 -8.11
N ILE B 463 -21.78 23.85 -9.17
CA ILE B 463 -22.35 23.83 -10.52
C ILE B 463 -22.80 22.45 -10.93
N LEU B 464 -22.27 21.39 -10.34
CA LEU B 464 -22.79 20.07 -10.65
C LEU B 464 -23.58 19.58 -9.45
N ASN B 465 -24.28 20.50 -8.76
CA ASN B 465 -25.13 20.27 -7.59
C ASN B 465 -24.42 19.76 -6.36
N GLY B 466 -23.15 20.07 -6.23
CA GLY B 466 -22.38 19.66 -5.08
C GLY B 466 -22.71 20.56 -3.90
N ASN B 467 -22.21 20.18 -2.77
CA ASN B 467 -22.61 20.82 -1.53
C ASN B 467 -21.37 20.92 -0.65
N THR B 468 -21.52 21.67 0.44
CA THR B 468 -20.47 21.88 1.43
C THR B 468 -20.37 20.64 2.29
N LEU B 469 -19.17 20.16 2.62
CA LEU B 469 -19.02 19.01 3.50
C LEU B 469 -18.60 19.49 4.90
N THR B 470 -19.22 19.00 5.98
CA THR B 470 -18.78 19.32 7.33
C THR B 470 -18.13 18.08 7.90
N VAL B 471 -16.86 18.15 8.22
CA VAL B 471 -16.13 17.02 8.74
C VAL B 471 -15.94 17.29 10.20
N GLY B 472 -16.25 16.28 11.01
CA GLY B 472 -16.08 16.34 12.44
C GLY B 472 -14.77 15.66 12.83
N ALA B 473 -14.72 15.17 14.07
CA ALA B 473 -13.51 14.53 14.55
C ALA B 473 -13.39 13.16 13.92
N GLY B 474 -12.14 12.78 13.65
CA GLY B 474 -11.76 11.52 13.03
C GLY B 474 -12.10 11.42 11.55
N GLY B 475 -12.25 12.58 10.88
CA GLY B 475 -12.56 12.62 9.47
C GLY B 475 -14.01 12.26 9.15
N ALA B 476 -14.86 12.00 10.13
CA ALA B 476 -16.21 11.57 9.90
C ALA B 476 -17.03 12.72 9.39
N ALA B 477 -17.70 12.60 8.26
CA ALA B 477 -18.51 13.66 7.69
C ALA B 477 -19.95 13.62 8.20
N SER B 478 -20.56 14.80 8.42
CA SER B 478 -21.96 14.91 8.79
C SER B 478 -22.86 14.37 7.67
N ASN B 479 -24.00 13.75 7.99
CA ASN B 479 -24.95 13.22 7.00
C ASN B 479 -25.32 14.29 6.03
N PHE B 480 -25.34 13.97 4.75
CA PHE B 480 -25.73 14.96 3.76
C PHE B 480 -26.41 14.21 2.64
N THR B 481 -27.06 14.98 1.80
CA THR B 481 -27.73 14.40 0.67
C THR B 481 -26.97 14.86 -0.56
N LEU B 482 -26.60 13.87 -1.35
CA LEU B 482 -25.91 14.13 -2.56
C LEU B 482 -27.05 14.20 -3.54
N ALA B 483 -27.20 15.36 -4.17
CA ALA B 483 -28.28 15.59 -5.11
C ALA B 483 -28.30 14.58 -6.27
N PRO B 484 -29.38 14.39 -7.03
CA PRO B 484 -29.40 13.64 -8.25
C PRO B 484 -28.41 14.31 -9.19
N GLY B 485 -27.53 13.50 -9.77
CA GLY B 485 -26.52 14.02 -10.68
C GLY B 485 -25.41 14.72 -9.93
N GLY B 486 -25.46 14.78 -8.60
CA GLY B 486 -24.51 15.54 -7.80
C GLY B 486 -23.07 15.10 -7.92
N THR B 487 -22.16 16.07 -8.14
CA THR B 487 -20.74 15.83 -8.14
C THR B 487 -20.19 16.96 -7.28
N ALA B 488 -19.39 16.61 -6.31
CA ALA B 488 -18.80 17.58 -5.40
C ALA B 488 -17.34 17.18 -5.17
N VAL B 489 -16.42 18.11 -5.03
CA VAL B 489 -15.00 17.82 -4.88
C VAL B 489 -14.66 18.66 -3.66
N TRP B 490 -14.07 18.09 -2.60
CA TRP B 490 -13.69 18.81 -1.37
C TRP B 490 -12.21 18.49 -1.20
N GLN B 491 -11.35 19.41 -0.78
CA GLN B 491 -9.96 19.10 -0.72
C GLN B 491 -9.28 19.75 0.45
N TYR B 492 -8.09 19.27 0.75
CA TYR B 492 -7.30 19.83 1.81
C TYR B 492 -5.86 19.72 1.38
N THR B 493 -5.10 20.79 1.28
CA THR B 493 -3.69 20.65 1.03
C THR B 493 -2.99 21.12 2.29
N THR B 494 -1.79 20.63 2.45
CA THR B 494 -0.91 21.14 3.47
C THR B 494 0.46 20.66 3.00
N ASP B 495 1.49 21.34 3.46
CA ASP B 495 2.85 21.04 3.02
C ASP B 495 3.35 19.75 3.62
N ALA B 496 4.19 19.13 2.80
CA ALA B 496 4.76 17.86 3.13
C ALA B 496 6.05 18.10 3.85
N THR B 497 6.06 17.32 4.92
CA THR B 497 7.13 17.18 5.90
C THR B 497 8.24 16.17 5.48
N THR B 498 7.77 15.02 5.00
CA THR B 498 8.58 13.88 4.64
C THR B 498 8.62 13.81 3.11
N PRO B 499 9.71 13.36 2.46
CA PRO B 499 9.78 13.15 1.02
C PRO B 499 8.80 12.10 0.55
N ILE B 500 8.04 12.36 -0.51
CA ILE B 500 7.11 11.40 -1.08
C ILE B 500 7.25 11.57 -2.58
N ILE B 501 7.61 10.48 -3.26
CA ILE B 501 7.75 10.41 -4.70
C ILE B 501 6.39 10.11 -5.30
N GLY B 502 5.97 11.03 -6.17
CA GLY B 502 4.73 10.87 -6.88
C GLY B 502 4.94 10.36 -8.29
N ASN B 503 6.06 10.64 -8.95
CA ASN B 503 6.21 10.16 -10.31
C ASN B 503 7.65 10.23 -10.68
N VAL B 504 8.11 9.37 -11.59
CA VAL B 504 9.50 9.37 -12.07
C VAL B 504 9.40 9.24 -13.59
N GLY B 505 10.17 10.01 -14.32
CA GLY B 505 10.15 9.98 -15.77
C GLY B 505 11.54 10.35 -16.24
N PRO B 506 12.17 9.67 -17.20
CA PRO B 506 11.70 8.44 -17.80
C PRO B 506 11.85 7.28 -16.83
N MET B 507 11.30 6.11 -17.17
CA MET B 507 11.41 4.93 -16.33
C MET B 507 12.35 3.88 -16.89
N MET B 508 13.08 4.20 -17.95
CA MET B 508 13.98 3.27 -18.63
C MET B 508 15.04 4.10 -19.34
N ALA B 509 16.32 3.97 -19.01
CA ALA B 509 17.39 4.76 -19.59
C ALA B 509 18.72 4.15 -19.19
N LYS B 510 19.80 4.51 -19.88
CA LYS B 510 21.10 3.98 -19.53
C LYS B 510 21.74 4.90 -18.49
N PRO B 511 22.78 4.43 -17.79
CA PRO B 511 23.58 5.24 -16.89
C PRO B 511 23.98 6.60 -17.46
N GLY B 512 23.87 7.68 -16.69
CA GLY B 512 24.26 8.98 -17.17
C GLY B 512 23.08 9.78 -17.63
N VAL B 513 21.93 9.22 -17.96
CA VAL B 513 20.78 10.02 -18.33
C VAL B 513 20.21 10.64 -17.06
N THR B 514 19.72 11.88 -17.13
CA THR B 514 19.08 12.59 -16.05
C THR B 514 17.59 12.24 -15.98
N ILE B 515 17.12 11.70 -14.85
CA ILE B 515 15.72 11.43 -14.70
C ILE B 515 15.14 12.49 -13.75
N THR B 516 13.84 12.70 -13.89
CA THR B 516 13.03 13.61 -13.10
C THR B 516 12.16 12.84 -12.09
N ILE B 517 12.33 13.13 -10.80
CA ILE B 517 11.59 12.53 -9.71
C ILE B 517 10.74 13.69 -9.20
N ASP B 518 9.42 13.53 -9.16
CA ASP B 518 8.52 14.57 -8.73
C ASP B 518 7.76 14.11 -7.53
N GLY B 519 7.36 15.02 -6.68
CA GLY B 519 6.61 14.66 -5.50
C GLY B 519 6.53 15.85 -4.61
N ARG B 520 6.58 15.65 -3.30
CA ARG B 520 6.51 16.72 -2.33
C ARG B 520 7.46 16.37 -1.18
N GLY B 521 7.86 17.38 -0.41
CA GLY B 521 8.66 17.15 0.79
C GLY B 521 10.13 16.82 0.52
N PHE B 522 10.70 17.05 -0.66
CA PHE B 522 12.11 16.74 -0.86
C PHE B 522 12.99 17.71 -0.11
N GLY B 523 12.45 18.88 0.25
CA GLY B 523 13.17 19.95 0.90
C GLY B 523 14.03 20.73 -0.09
N SER B 524 14.55 21.88 0.32
CA SER B 524 15.37 22.70 -0.58
C SER B 524 16.83 22.28 -0.67
N GLY B 525 17.28 21.47 0.28
CA GLY B 525 18.68 21.11 0.30
C GLY B 525 18.85 19.73 -0.29
N LYS B 526 19.86 19.57 -1.17
CA LYS B 526 20.20 18.28 -1.74
C LYS B 526 20.30 17.19 -0.69
N GLY B 527 19.64 16.08 -0.97
CA GLY B 527 19.70 14.92 -0.11
C GLY B 527 20.32 13.81 -0.93
N THR B 528 19.72 12.63 -0.84
CA THR B 528 20.24 11.48 -1.52
C THR B 528 19.16 10.79 -2.33
N VAL B 529 19.48 10.29 -3.51
CA VAL B 529 18.51 9.44 -4.17
C VAL B 529 19.27 8.14 -4.33
N TYR B 530 18.56 7.07 -4.06
CA TYR B 530 19.11 5.73 -4.07
C TYR B 530 18.57 5.03 -5.28
N PHE B 531 19.41 4.36 -6.03
CA PHE B 531 19.00 3.47 -7.10
C PHE B 531 19.38 2.18 -6.42
N GLY B 532 18.40 1.49 -5.86
CA GLY B 532 18.71 0.32 -5.06
C GLY B 532 19.44 0.78 -3.80
N THR B 533 20.62 0.25 -3.50
CA THR B 533 21.39 0.70 -2.34
C THR B 533 22.46 1.69 -2.75
N THR B 534 22.53 2.06 -4.03
CA THR B 534 23.51 3.00 -4.53
C THR B 534 22.99 4.42 -4.31
N ALA B 535 23.69 5.09 -3.42
CA ALA B 535 23.40 6.47 -3.06
C ALA B 535 24.01 7.38 -4.10
N VAL B 536 23.22 8.30 -4.64
CA VAL B 536 23.68 9.23 -5.64
C VAL B 536 23.56 10.54 -4.89
N THR B 537 24.65 11.29 -4.83
CA THR B 537 24.60 12.57 -4.12
C THR B 537 25.42 13.60 -4.88
N GLY B 538 25.48 14.82 -4.33
CA GLY B 538 26.38 15.84 -4.86
C GLY B 538 26.10 16.23 -6.29
N ALA B 539 27.17 16.28 -7.07
CA ALA B 539 27.09 16.77 -8.43
C ALA B 539 26.24 15.97 -9.42
N ASP B 540 25.88 14.75 -9.04
CA ASP B 540 25.04 13.96 -9.91
C ASP B 540 23.57 14.22 -9.70
N ILE B 541 23.21 14.97 -8.67
CA ILE B 541 21.84 15.42 -8.53
C ILE B 541 22.00 16.76 -9.26
N VAL B 542 21.46 16.76 -10.46
CA VAL B 542 21.51 17.89 -11.35
C VAL B 542 20.63 18.99 -10.77
N ALA B 543 19.47 18.73 -10.14
CA ALA B 543 18.62 19.78 -9.56
C ALA B 543 17.85 19.26 -8.37
N TRP B 544 17.61 20.03 -7.32
CA TRP B 544 16.87 19.53 -6.16
C TRP B 544 16.10 20.69 -5.59
N GLU B 545 14.82 20.44 -5.48
CA GLU B 545 13.98 21.35 -4.76
C GLU B 545 12.86 20.52 -4.22
N ASP B 546 11.95 21.15 -3.50
CA ASP B 546 10.94 20.41 -2.80
C ASP B 546 10.02 19.53 -3.62
N THR B 547 9.67 19.89 -4.86
CA THR B 547 8.76 19.06 -5.63
C THR B 547 9.43 18.29 -6.75
N GLN B 548 10.71 18.54 -6.98
CA GLN B 548 11.33 17.92 -8.10
C GLN B 548 12.80 17.77 -7.89
N ILE B 549 13.33 16.62 -8.27
CA ILE B 549 14.75 16.32 -8.22
C ILE B 549 15.09 15.88 -9.63
N GLN B 550 16.21 16.28 -10.20
CA GLN B 550 16.67 15.73 -11.45
C GLN B 550 18.01 15.12 -11.10
N VAL B 551 18.24 13.87 -11.47
CA VAL B 551 19.44 13.19 -11.04
C VAL B 551 19.89 12.29 -12.16
N LYS B 552 21.20 12.10 -12.25
CA LYS B 552 21.79 11.25 -13.25
C LYS B 552 21.79 9.84 -12.76
N ILE B 553 21.42 8.90 -13.63
CA ILE B 553 21.40 7.49 -13.29
C ILE B 553 22.85 7.04 -13.04
N PRO B 554 23.20 6.43 -11.89
CA PRO B 554 24.54 5.98 -11.59
C PRO B 554 24.97 4.86 -12.52
N ALA B 555 26.29 4.64 -12.57
CA ALA B 555 26.84 3.57 -13.38
C ALA B 555 26.66 2.25 -12.65
N VAL B 556 25.43 1.75 -12.68
CA VAL B 556 25.05 0.48 -12.07
C VAL B 556 24.76 -0.51 -13.20
N PRO B 557 24.80 -1.83 -12.96
CA PRO B 557 24.42 -2.87 -13.91
C PRO B 557 23.03 -2.66 -14.43
N GLY B 558 22.78 -3.20 -15.62
CA GLY B 558 21.47 -3.08 -16.21
C GLY B 558 20.53 -3.88 -15.32
N GLY B 559 19.29 -3.48 -15.09
CA GLY B 559 18.38 -4.24 -14.24
C GLY B 559 17.29 -3.33 -13.75
N ILE B 560 16.42 -3.81 -12.88
CA ILE B 560 15.28 -3.07 -12.37
C ILE B 560 15.63 -2.66 -10.94
N TYR B 561 15.48 -1.37 -10.70
CA TYR B 561 15.90 -0.75 -9.47
C TYR B 561 14.75 -0.07 -8.80
N ASP B 562 14.81 -0.06 -7.48
CA ASP B 562 13.88 0.73 -6.71
C ASP B 562 14.49 2.08 -6.52
N ILE B 563 13.68 3.12 -6.67
CA ILE B 563 14.19 4.44 -6.43
C ILE B 563 13.66 4.90 -5.09
N ARG B 564 14.49 5.61 -4.34
CA ARG B 564 14.07 6.14 -3.08
C ARG B 564 14.77 7.47 -2.89
N VAL B 565 14.17 8.44 -2.22
CA VAL B 565 14.75 9.75 -1.98
C VAL B 565 14.91 9.92 -0.46
N ALA B 566 16.01 10.46 0.03
CA ALA B 566 16.17 10.77 1.43
C ALA B 566 16.42 12.28 1.39
N ASN B 567 15.70 13.10 2.14
CA ASN B 567 15.98 14.53 2.11
C ASN B 567 17.27 14.82 2.89
N ALA B 568 17.72 16.07 2.99
CA ALA B 568 18.96 16.41 3.66
C ALA B 568 19.06 16.00 5.14
N ALA B 569 17.89 15.87 5.76
CA ALA B 569 17.78 15.49 7.16
C ALA B 569 17.75 13.96 7.33
N GLY B 570 17.76 13.20 6.23
CA GLY B 570 17.81 11.76 6.28
C GLY B 570 16.45 11.08 6.26
N ALA B 571 15.31 11.79 6.22
CA ALA B 571 14.04 11.08 6.14
C ALA B 571 13.89 10.55 4.72
N ALA B 572 13.62 9.26 4.59
CA ALA B 572 13.54 8.57 3.32
C ALA B 572 12.11 8.52 2.85
N SER B 573 11.93 8.41 1.54
CA SER B 573 10.62 8.44 0.92
C SER B 573 10.06 7.04 0.74
N ASN B 574 8.88 6.98 0.14
CA ASN B 574 8.37 5.72 -0.40
C ASN B 574 9.31 5.26 -1.53
N ILE B 575 9.27 3.97 -1.82
CA ILE B 575 10.03 3.37 -2.90
C ILE B 575 9.24 3.59 -4.17
N TYR B 576 9.83 3.98 -5.26
CA TYR B 576 9.15 4.04 -6.53
C TYR B 576 9.89 2.96 -7.31
N ASP B 577 9.27 1.81 -7.48
CA ASP B 577 9.96 0.69 -8.08
C ASP B 577 9.88 0.60 -9.60
N ASN B 578 10.43 -0.47 -10.17
CA ASN B 578 10.37 -0.80 -11.60
C ASN B 578 11.13 0.15 -12.50
N PHE B 579 12.20 0.74 -12.00
CA PHE B 579 12.99 1.63 -12.81
C PHE B 579 13.97 0.75 -13.58
N GLU B 580 14.05 0.89 -14.90
CA GLU B 580 14.97 0.04 -15.60
C GLU B 580 16.23 0.76 -16.03
N VAL B 581 17.38 0.32 -15.52
CA VAL B 581 18.66 0.81 -15.98
C VAL B 581 19.00 -0.07 -17.18
N LEU B 582 19.20 0.50 -18.37
CA LEU B 582 19.58 -0.28 -19.54
C LEU B 582 21.07 -0.56 -19.48
N THR B 583 21.56 -1.64 -20.07
CA THR B 583 22.99 -1.86 -20.14
C THR B 583 23.68 -0.80 -21.00
N GLY B 584 22.97 -0.13 -21.90
CA GLY B 584 23.60 0.88 -22.73
C GLY B 584 22.60 1.22 -23.80
N ASP B 585 23.04 1.85 -24.89
CA ASP B 585 22.14 2.13 -26.00
C ASP B 585 21.66 0.83 -26.59
N GLN B 586 20.52 0.89 -27.23
CA GLN B 586 19.82 -0.28 -27.66
C GLN B 586 19.83 -0.35 -29.16
N VAL B 587 19.84 -1.56 -29.69
CA VAL B 587 19.61 -1.82 -31.11
C VAL B 587 18.63 -2.99 -31.13
N THR B 588 17.80 -3.13 -32.15
CA THR B 588 16.94 -4.29 -32.24
C THR B 588 17.61 -5.32 -33.12
N VAL B 589 17.84 -6.49 -32.54
CA VAL B 589 18.38 -7.62 -33.26
C VAL B 589 17.23 -8.64 -33.44
N ARG B 590 17.08 -9.24 -34.62
CA ARG B 590 16.11 -10.29 -34.84
C ARG B 590 16.85 -11.59 -34.57
N PHE B 591 16.40 -12.43 -33.64
CA PHE B 591 17.01 -13.73 -33.32
C PHE B 591 16.13 -14.75 -34.02
N VAL B 592 16.74 -15.66 -34.76
CA VAL B 592 16.00 -16.64 -35.52
C VAL B 592 16.58 -17.98 -35.12
N ILE B 593 15.76 -18.93 -34.68
CA ILE B 593 16.23 -20.25 -34.29
C ILE B 593 15.47 -21.27 -35.12
N ASN B 594 16.20 -22.05 -35.87
CA ASN B 594 15.63 -23.08 -36.71
C ASN B 594 15.67 -24.38 -35.96
N ASN B 595 14.79 -25.22 -36.46
CA ASN B 595 14.60 -26.58 -35.99
C ASN B 595 14.36 -26.67 -34.48
N ALA B 596 13.59 -25.72 -33.98
CA ALA B 596 13.18 -25.72 -32.59
C ALA B 596 11.78 -26.31 -32.60
N THR B 597 11.76 -27.63 -32.57
CA THR B 597 10.55 -28.43 -32.53
C THR B 597 10.02 -28.37 -31.10
N THR B 598 8.74 -28.08 -30.85
CA THR B 598 8.26 -28.08 -29.50
C THR B 598 7.08 -29.02 -29.37
N ALA B 599 6.74 -29.25 -28.11
CA ALA B 599 5.64 -30.08 -27.73
C ALA B 599 4.36 -29.25 -27.70
N LEU B 600 3.31 -29.92 -27.21
CA LEU B 600 1.98 -29.39 -26.96
C LEU B 600 2.13 -28.14 -26.09
N GLY B 601 2.20 -26.95 -26.67
CA GLY B 601 2.30 -25.75 -25.84
C GLY B 601 3.64 -25.58 -25.10
N GLN B 602 4.71 -26.04 -25.75
CA GLN B 602 6.04 -25.78 -25.29
C GLN B 602 6.45 -24.68 -26.26
N ASN B 603 7.09 -23.62 -25.79
CA ASN B 603 7.46 -22.53 -26.67
C ASN B 603 8.93 -22.23 -26.59
N VAL B 604 9.52 -21.58 -27.60
CA VAL B 604 10.92 -21.20 -27.56
C VAL B 604 11.03 -19.76 -27.01
N PHE B 605 12.09 -19.56 -26.24
CA PHE B 605 12.41 -18.34 -25.55
C PHE B 605 13.89 -18.17 -25.78
N LEU B 606 14.34 -16.95 -25.50
CA LEU B 606 15.71 -16.54 -25.64
C LEU B 606 16.16 -16.01 -24.28
N THR B 607 17.35 -16.29 -23.81
CA THR B 607 17.89 -15.57 -22.67
C THR B 607 19.39 -15.41 -22.89
N GLY B 608 20.02 -14.62 -22.06
CA GLY B 608 21.42 -14.32 -22.24
C GLY B 608 21.92 -13.48 -21.08
N ASN B 609 23.15 -13.06 -21.22
CA ASN B 609 23.88 -12.44 -20.12
C ASN B 609 23.80 -10.95 -19.86
N VAL B 610 22.85 -10.23 -20.47
CA VAL B 610 22.63 -8.82 -20.17
C VAL B 610 21.20 -8.74 -19.61
N SER B 611 20.86 -7.70 -18.84
CA SER B 611 19.54 -7.63 -18.25
C SER B 611 18.44 -7.56 -19.29
N GLU B 612 18.77 -7.02 -20.46
CA GLU B 612 17.86 -6.95 -21.59
C GLU B 612 17.45 -8.32 -22.07
N LEU B 613 18.25 -9.35 -21.81
CA LEU B 613 17.89 -10.73 -22.12
C LEU B 613 17.49 -11.58 -20.92
N GLY B 614 17.29 -10.98 -19.74
CA GLY B 614 16.86 -11.73 -18.55
C GLY B 614 17.98 -12.20 -17.69
N ASN B 615 19.25 -11.95 -17.99
CA ASN B 615 20.40 -12.40 -17.21
C ASN B 615 20.34 -13.86 -16.82
N TRP B 616 20.03 -14.63 -17.86
CA TRP B 616 19.97 -16.08 -17.86
C TRP B 616 18.87 -16.70 -17.06
N ASP B 617 18.08 -15.90 -16.38
CA ASP B 617 17.01 -16.43 -15.62
C ASP B 617 15.96 -16.84 -16.63
N PRO B 618 15.57 -18.12 -16.69
CA PRO B 618 14.52 -18.63 -17.55
C PRO B 618 13.18 -17.97 -17.32
N ASN B 619 12.93 -17.52 -16.10
CA ASN B 619 11.71 -16.81 -15.80
C ASN B 619 11.60 -15.46 -16.44
N ASN B 620 12.77 -14.94 -16.85
CA ASN B 620 12.89 -13.64 -17.48
C ASN B 620 13.35 -13.68 -18.93
N ALA B 621 13.21 -14.86 -19.53
CA ALA B 621 13.60 -15.03 -20.91
C ALA B 621 12.63 -14.28 -21.79
N ILE B 622 13.17 -13.93 -22.95
CA ILE B 622 12.48 -13.21 -24.00
C ILE B 622 11.66 -14.21 -24.78
N GLY B 623 10.39 -13.97 -24.93
CA GLY B 623 9.55 -14.88 -25.68
C GLY B 623 8.13 -14.84 -25.14
N PRO B 624 7.24 -15.78 -25.52
CA PRO B 624 7.46 -16.81 -26.53
C PRO B 624 7.72 -16.18 -27.88
N MET B 625 8.75 -16.70 -28.55
CA MET B 625 9.09 -16.19 -29.86
C MET B 625 7.97 -16.50 -30.85
N TYR B 626 8.04 -15.88 -32.01
CA TYR B 626 7.00 -15.99 -33.01
C TYR B 626 7.37 -17.12 -33.97
N ASN B 627 6.43 -17.69 -34.70
CA ASN B 627 6.76 -18.76 -35.63
C ASN B 627 5.71 -18.93 -36.71
N GLN B 628 5.06 -17.84 -37.09
CA GLN B 628 4.02 -17.92 -38.10
C GLN B 628 4.33 -17.08 -39.36
N VAL B 629 4.47 -15.75 -39.21
CA VAL B 629 4.59 -14.85 -40.36
C VAL B 629 5.95 -14.73 -41.02
N VAL B 630 6.98 -14.15 -40.38
CA VAL B 630 8.25 -13.94 -41.06
C VAL B 630 8.95 -15.26 -41.33
N TYR B 631 8.91 -16.16 -40.35
CA TYR B 631 9.53 -17.48 -40.39
C TYR B 631 8.43 -18.37 -39.88
N GLN B 632 8.41 -19.64 -40.30
CA GLN B 632 7.39 -20.56 -39.85
C GLN B 632 7.99 -21.66 -39.00
N TYR B 633 7.21 -22.15 -38.04
CA TYR B 633 7.62 -23.24 -37.16
C TYR B 633 8.15 -24.44 -37.98
N PRO B 634 9.24 -25.13 -37.63
CA PRO B 634 9.99 -24.98 -36.39
C PRO B 634 11.08 -23.91 -36.35
N THR B 635 10.99 -22.92 -37.22
CA THR B 635 11.85 -21.76 -37.11
C THR B 635 11.05 -20.78 -36.27
N TRP B 636 11.64 -20.22 -35.24
CA TRP B 636 11.01 -19.22 -34.40
C TRP B 636 11.85 -17.95 -34.56
N TYR B 637 11.28 -16.75 -34.40
CA TYR B 637 12.01 -15.48 -34.54
C TYR B 637 11.47 -14.47 -33.55
N TYR B 638 12.22 -13.43 -33.20
CA TYR B 638 11.72 -12.41 -32.29
C TYR B 638 12.61 -11.19 -32.45
N ASP B 639 12.11 -9.97 -32.40
CA ASP B 639 12.95 -8.75 -32.46
C ASP B 639 13.13 -8.26 -31.05
N VAL B 640 14.37 -8.24 -30.59
CA VAL B 640 14.69 -8.00 -29.19
C VAL B 640 15.61 -6.80 -29.12
N SER B 641 15.30 -5.91 -28.20
CA SER B 641 16.15 -4.77 -27.93
C SER B 641 17.31 -5.29 -27.08
N VAL B 642 18.54 -5.07 -27.51
CA VAL B 642 19.74 -5.49 -26.79
C VAL B 642 20.77 -4.36 -26.74
N PRO B 643 21.72 -4.31 -25.79
CA PRO B 643 22.71 -3.26 -25.73
C PRO B 643 23.55 -3.30 -27.00
N ALA B 644 23.79 -2.12 -27.54
CA ALA B 644 24.45 -1.96 -28.78
C ALA B 644 25.94 -1.98 -28.55
N GLY B 645 26.62 -2.56 -29.52
CA GLY B 645 28.06 -2.50 -29.55
C GLY B 645 28.78 -3.47 -28.65
N GLN B 646 28.14 -4.55 -28.20
CA GLN B 646 28.84 -5.51 -27.38
C GLN B 646 28.51 -6.95 -27.67
N THR B 647 29.36 -7.83 -27.14
CA THR B 647 29.25 -9.24 -27.34
C THR B 647 28.25 -9.73 -26.29
N ILE B 648 27.11 -10.25 -26.72
CA ILE B 648 26.15 -10.84 -25.82
C ILE B 648 26.31 -12.36 -25.92
N GLU B 649 26.21 -13.05 -24.81
CA GLU B 649 26.17 -14.49 -24.81
C GLU B 649 24.72 -14.79 -24.62
N PHE B 650 24.25 -15.80 -25.32
CA PHE B 650 22.86 -16.13 -25.26
C PHE B 650 22.68 -17.61 -25.51
N LYS B 651 21.50 -18.08 -25.19
CA LYS B 651 21.12 -19.46 -25.43
C LYS B 651 19.60 -19.40 -25.63
N PHE B 652 19.04 -20.37 -26.35
CA PHE B 652 17.61 -20.49 -26.50
C PHE B 652 17.19 -21.61 -25.56
N LEU B 653 15.94 -21.59 -25.16
CA LEU B 653 15.38 -22.56 -24.23
C LEU B 653 13.94 -22.76 -24.64
N LYS B 654 13.36 -23.91 -24.39
CA LYS B 654 11.96 -24.12 -24.66
C LYS B 654 11.36 -24.15 -23.26
N LYS B 655 10.20 -23.58 -23.00
CA LYS B 655 9.60 -23.73 -21.69
C LYS B 655 8.20 -24.25 -21.86
N GLN B 656 7.87 -25.20 -20.99
CA GLN B 656 6.56 -25.82 -20.93
C GLN B 656 6.28 -26.00 -19.44
N GLY B 657 5.42 -25.13 -18.90
CA GLY B 657 5.13 -25.14 -17.48
C GLY B 657 6.41 -24.61 -16.86
N SER B 658 7.05 -25.39 -15.98
CA SER B 658 8.32 -24.97 -15.43
C SER B 658 9.47 -25.81 -15.96
N THR B 659 9.18 -26.62 -16.97
CA THR B 659 10.21 -27.40 -17.60
C THR B 659 10.82 -26.40 -18.57
N VAL B 660 12.05 -26.09 -18.25
CA VAL B 660 12.88 -25.26 -19.07
C VAL B 660 13.79 -26.29 -19.72
N THR B 661 13.91 -26.28 -21.06
CA THR B 661 14.77 -27.18 -21.80
C THR B 661 15.73 -26.24 -22.53
N TRP B 662 16.97 -26.23 -22.10
CA TRP B 662 17.99 -25.38 -22.68
C TRP B 662 18.60 -26.05 -23.88
N GLU B 663 19.16 -25.22 -24.75
CA GLU B 663 19.98 -25.71 -25.83
C GLU B 663 21.18 -26.33 -25.16
N GLY B 664 21.73 -27.36 -25.76
CA GLY B 664 22.97 -27.88 -25.26
C GLY B 664 24.06 -27.09 -25.93
N GLY B 665 25.28 -27.48 -25.65
CA GLY B 665 26.41 -26.80 -26.24
C GLY B 665 26.76 -25.56 -25.42
N ALA B 666 27.76 -24.86 -25.94
CA ALA B 666 28.26 -23.65 -25.31
C ALA B 666 27.34 -22.49 -25.67
N ASN B 667 27.45 -21.42 -24.90
CA ASN B 667 26.64 -20.23 -25.12
C ASN B 667 27.04 -19.60 -26.43
N ARG B 668 26.02 -19.16 -27.14
CA ARG B 668 26.22 -18.49 -28.41
C ARG B 668 26.66 -17.06 -28.06
N THR B 669 27.52 -16.49 -28.89
CA THR B 669 27.97 -15.14 -28.65
C THR B 669 27.61 -14.40 -29.93
N PHE B 670 27.45 -13.09 -29.81
CA PHE B 670 27.13 -12.26 -30.94
C PHE B 670 27.59 -10.88 -30.59
N THR B 671 28.28 -10.13 -31.44
CA THR B 671 28.58 -8.75 -31.17
C THR B 671 27.52 -7.91 -31.89
N THR B 672 26.65 -7.28 -31.10
CA THR B 672 25.56 -6.46 -31.60
C THR B 672 26.09 -5.25 -32.36
N PRO B 673 25.42 -4.77 -33.41
CA PRO B 673 25.79 -3.54 -34.10
C PRO B 673 25.72 -2.33 -33.18
N THR B 674 26.40 -1.24 -33.55
CA THR B 674 26.38 -0.02 -32.76
C THR B 674 25.13 0.77 -33.09
N SER B 675 24.51 0.54 -34.24
CA SER B 675 23.26 1.18 -34.62
C SER B 675 22.65 0.28 -35.67
N GLY B 676 21.38 0.51 -35.98
CA GLY B 676 20.71 -0.27 -36.98
C GLY B 676 20.35 -1.61 -36.37
N THR B 677 19.95 -2.54 -37.20
CA THR B 677 19.52 -3.84 -36.77
C THR B 677 20.52 -4.88 -37.21
N ALA B 678 20.30 -6.13 -36.80
CA ALA B 678 21.11 -7.28 -37.17
C ALA B 678 20.15 -8.46 -37.05
N THR B 679 20.42 -9.58 -37.71
CA THR B 679 19.60 -10.76 -37.59
C THR B 679 20.55 -11.88 -37.18
N VAL B 680 20.27 -12.70 -36.19
CA VAL B 680 21.15 -13.79 -35.82
C VAL B 680 20.31 -14.98 -36.20
N ASN B 681 20.75 -15.77 -37.17
CA ASN B 681 19.96 -16.89 -37.64
C ASN B 681 20.76 -18.14 -37.23
N VAL B 682 20.24 -19.01 -36.38
CA VAL B 682 20.96 -20.18 -35.87
C VAL B 682 20.11 -21.46 -35.86
N ASN B 683 20.67 -22.64 -35.55
CA ASN B 683 19.97 -23.91 -35.44
C ASN B 683 19.95 -24.37 -34.00
N TRP B 684 18.90 -25.05 -33.56
CA TRP B 684 18.86 -25.58 -32.21
C TRP B 684 20.01 -26.57 -32.01
N GLN B 685 20.78 -26.35 -30.93
CA GLN B 685 21.89 -27.20 -30.49
C GLN B 685 21.18 -28.07 -29.45
N PRO B 686 21.08 -29.40 -29.60
CA PRO B 686 20.56 -30.32 -28.57
C PRO B 686 21.38 -30.41 -27.28
C1 GAL C . -12.76 0.37 32.44
C2 GAL C . -12.00 1.64 32.93
C3 GAL C . -10.51 1.49 32.60
C4 GAL C . -10.00 0.20 33.28
C5 GAL C . -10.90 -1.08 33.12
C6 GAL C . -10.66 -2.14 34.21
O1 GAL C . -14.16 0.54 32.58
O2 GAL C . -12.45 2.88 32.38
O3 GAL C . -9.82 2.67 33.02
O4 GAL C . -8.76 -0.17 32.70
O5 GAL C . -12.31 -0.77 33.20
O6 GAL C . -10.87 -1.66 35.53
C1 GLD C . -7.60 0.60 33.01
C2 GLD C . -6.39 -0.06 32.33
C3 GLD C . -6.47 -1.56 32.66
C4 GLD C . -6.59 -1.74 34.21
C5 GLD C . -7.40 -0.70 35.05
C6 GLD C . -6.87 -0.57 36.46
O2 GLD C . -6.31 0.17 30.93
O3 GLD C . -5.37 -2.31 32.19
O5 GLD C . -7.34 0.59 34.44
C1 GAL D . -8.97 -5.27 -33.05
C2 GAL D . -7.43 -5.02 -32.93
C3 GAL D . -7.16 -3.52 -32.65
C4 GAL D . -7.79 -2.73 -33.86
C5 GAL D . -9.33 -2.98 -33.82
C6 GAL D . -10.17 -2.16 -34.83
O1 GAL D . -9.22 -6.65 -33.35
O2 GAL D . -6.81 -5.79 -31.94
O3 GAL D . -5.75 -3.35 -32.50
O4 GAL D . -7.45 -1.36 -33.81
O5 GAL D . -9.55 -4.40 -34.05
O6 GAL D . -10.16 -0.79 -34.48
C1 GLD D . -6.84 -0.76 -34.96
C2 GLD D . -5.47 -0.22 -34.49
C3 GLD D . -5.64 1.08 -33.72
C4 GLD D . -6.37 2.05 -34.65
C5 GLD D . -7.81 1.50 -34.85
C6 GLD D . -8.71 2.42 -35.71
O2 GLD D . -4.89 -1.20 -33.65
O3 GLD D . -4.44 1.62 -33.21
O5 GLD D . -7.72 0.23 -35.52
C1 GLC E . 19.89 -19.22 -13.70
C2 GLC E . 21.28 -18.60 -13.27
C3 GLC E . 22.34 -18.74 -14.41
C4 GLC E . 22.28 -20.23 -15.00
C5 GLC E . 20.84 -20.47 -15.65
C6 GLC E . 20.33 -21.92 -15.44
O1 GLC E . 18.85 -18.30 -13.43
O2 GLC E . 21.15 -17.21 -12.95
O3 GLC E . 23.63 -18.45 -13.88
O4 GLC E . 23.31 -20.54 -15.98
O5 GLC E . 19.84 -19.56 -15.08
O6 GLC E . 20.31 -22.35 -14.09
C1 GLC E . 23.32 -19.84 -17.24
C2 GLC E . 22.91 -20.73 -18.45
C3 GLC E . 24.09 -21.50 -19.00
C4 GLC E . 25.21 -20.52 -19.35
C5 GLC E . 25.66 -19.82 -18.03
C6 GLC E . 26.79 -18.79 -18.28
O2 GLC E . 21.92 -21.69 -18.17
O3 GLC E . 23.71 -22.27 -20.14
O4 GLC E . 26.24 -21.26 -19.95
O5 GLC E . 24.55 -19.13 -17.46
O6 GLC E . 27.91 -19.37 -18.93
C1 GLC F . -8.63 -6.21 39.28
C2 GLC F . -9.79 -7.23 39.23
C3 GLC F . -10.93 -6.94 40.21
C4 GLC F . -10.39 -6.44 41.55
C5 GLC F . -9.60 -5.12 41.24
C6 GLC F . -9.15 -4.28 42.43
O2 GLC F . -10.39 -7.28 37.96
O3 GLC F . -11.70 -8.10 40.43
O4 GLC F . -11.49 -6.29 42.44
O5 GLC F . -8.42 -5.53 40.52
O6 GLC F . -7.76 -4.45 42.66
C1 ACI G . -6.51 -4.19 34.79
C2 ACI G . -7.43 -5.41 34.74
C3 ACI G . -8.52 -5.28 35.79
C4 ACI G . -7.83 -5.50 37.12
C5 ACI G . -6.57 -4.57 37.31
C6 ACI G . -5.99 -4.28 38.69
C7 ACI G . -5.92 -4.02 36.20
N1 ACI G . -7.26 -3.02 34.45
O2 ACI G . -8.02 -5.59 33.50
O3 ACI G . -9.56 -6.19 35.54
O4 ACI G . -8.74 -5.27 38.20
O6 ACI G . -6.90 -3.47 39.41
C1 GLC H . -17.99 -4.45 45.53
C2 GLC H . -18.02 -3.16 46.39
C3 GLC H . -18.82 -3.42 47.67
C4 GLC H . -20.27 -3.73 47.29
C5 GLC H . -20.28 -5.10 46.55
C6 GLC H . -21.67 -5.36 45.92
O1 GLC H . -16.89 -5.25 45.94
O2 GLC H . -16.72 -2.75 46.76
O3 GLC H . -18.79 -2.34 48.56
O4 GLC H . -21.04 -3.72 48.48
O5 GLC H . -19.31 -5.14 45.46
O6 GLC H . -22.70 -5.29 46.89
C1 GLC I . 23.56 20.87 21.19
C2 GLC I . 22.21 21.59 20.94
C3 GLC I . 22.41 23.05 20.61
C4 GLC I . 23.15 23.73 21.76
C5 GLC I . 24.60 23.12 21.80
C6 GLC I . 25.52 23.66 22.93
O1 GLC I . 24.06 20.41 19.95
O2 GLC I . 21.54 21.02 19.84
O3 GLC I . 21.17 23.69 20.36
O4 GLC I . 23.10 25.11 21.45
O5 GLC I . 24.51 21.66 21.95
O6 GLC I . 26.86 23.16 22.82
C1 GAL J . 2.78 26.52 32.71
C2 GAL J . 1.94 25.80 33.78
C3 GAL J . 2.31 24.33 33.80
C4 GAL J . 1.97 23.69 32.42
C5 GAL J . 2.66 24.50 31.24
C6 GAL J . 2.01 24.18 29.87
O1 GAL J . 2.42 27.89 32.75
O2 GAL J . 2.16 26.37 35.05
O3 GAL J . 1.61 23.69 34.85
O4 GAL J . 2.39 22.32 32.42
O5 GAL J . 2.51 25.95 31.41
O6 GAL J . 0.73 24.81 29.77
CA CA K . -7.91 -26.40 42.29
CA CA L . 2.01 3.01 38.59
C1 GLC M . -6.00 5.88 -39.58
C2 GLC M . -7.07 7.00 -39.84
C3 GLC M . -8.33 6.46 -40.52
C4 GLC M . -7.96 5.66 -41.78
C5 GLC M . -7.05 4.45 -41.29
C6 GLC M . -6.64 3.50 -42.42
O2 GLC M . -7.45 7.58 -38.60
O3 GLC M . -9.25 7.48 -40.92
O4 GLC M . -9.16 5.26 -42.42
O5 GLC M . -5.83 4.98 -40.70
O6 GLC M . -5.61 4.13 -43.17
C1 ACI N . -5.00 4.14 -34.54
C2 ACI N . -5.48 5.57 -34.76
C3 ACI N . -6.39 5.56 -36.00
C4 ACI N . -5.48 5.36 -37.23
C5 ACI N . -4.51 4.17 -37.06
C6 ACI N . -3.74 3.56 -38.22
C7 ACI N . -4.27 3.61 -35.79
N1 ACI N . -6.19 3.38 -34.10
O2 ACI N . -6.15 5.92 -33.60
O3 ACI N . -7.15 6.74 -36.05
O4 ACI N . -6.31 5.16 -38.39
O6 ACI N . -3.28 4.56 -39.11
C1 GAL O . -13.81 3.07 -46.47
C2 GAL O . -13.72 4.60 -46.43
C3 GAL O . -15.11 5.21 -46.47
C4 GAL O . -15.95 4.72 -47.63
C5 GAL O . -15.98 3.15 -47.64
C6 GAL O . -16.65 2.55 -48.90
O1 GAL O . -12.47 2.59 -46.54
O2 GAL O . -13.05 5.02 -45.28
O3 GAL O . -14.95 6.61 -46.61
O4 GAL O . -17.23 5.31 -47.41
O5 GAL O . -14.62 2.64 -47.58
O6 GAL O . -18.03 2.82 -48.98
C1 GAL P . 3.70 -26.61 -31.69
C2 GAL P . 4.11 -25.30 -30.95
C3 GAL P . 3.30 -24.11 -31.47
C4 GAL P . 3.39 -24.07 -33.02
C5 GAL P . 2.81 -25.37 -33.61
C6 GAL P . 2.80 -25.41 -35.17
O1 GAL P . 4.63 -27.65 -31.38
O2 GAL P . 3.90 -25.43 -29.54
O3 GAL P . 3.80 -22.89 -30.93
O4 GAL P . 2.66 -22.96 -33.47
O5 GAL P . 3.64 -26.44 -33.12
O6 GAL P . 1.87 -24.48 -35.73
CA CA Q . -5.54 26.25 -43.02
CA CA R . 3.61 -3.32 -38.24
#